data_2EL8
#
_entry.id   2EL8
#
_entity_poly.entity_id   1
_entity_poly.type   'polypeptide(L)'
_entity_poly.pdbx_seq_one_letter_code
;GSSGSSGEVLAKEEARRALETPSCFLKVSRLEAQLLLERYPECGNLLLRPSGDGADGVSVTTRQMHNGTHVVRHYKVKRE
GPKYVIDVEQPFSCTSLDAVVNYFVSHTKKALVPFLLD
;
_entity_poly.pdbx_strand_id   A
#
# COMPACT_ATOMS: atom_id res chain seq x y z
N GLY A 1 -2.61 36.35 -36.98
CA GLY A 1 -2.30 35.12 -36.29
C GLY A 1 -3.50 34.19 -36.18
N SER A 2 -3.25 32.90 -36.31
CA SER A 2 -4.32 31.90 -36.22
C SER A 2 -3.74 30.51 -36.00
N SER A 3 -4.19 29.85 -34.94
CA SER A 3 -3.73 28.52 -34.60
C SER A 3 -4.55 27.91 -33.49
N GLY A 4 -4.33 26.62 -33.21
CA GLY A 4 -5.07 25.95 -32.17
C GLY A 4 -5.22 24.46 -32.43
N SER A 5 -4.31 23.66 -31.89
CA SER A 5 -4.35 22.22 -32.08
C SER A 5 -3.91 21.49 -30.81
N SER A 6 -4.84 20.73 -30.23
CA SER A 6 -4.56 19.99 -29.00
C SER A 6 -5.29 18.65 -29.01
N GLY A 7 -4.72 17.68 -28.30
CA GLY A 7 -5.34 16.36 -28.23
C GLY A 7 -6.82 16.43 -27.96
N GLU A 8 -7.56 15.45 -28.49
CA GLU A 8 -9.00 15.41 -28.30
C GLU A 8 -9.37 15.47 -26.83
N VAL A 9 -10.66 15.55 -26.53
CA VAL A 9 -11.14 15.61 -25.16
C VAL A 9 -10.30 14.73 -24.25
N LEU A 10 -9.76 13.65 -24.81
CA LEU A 10 -8.93 12.72 -24.04
C LEU A 10 -9.40 12.64 -22.59
N ALA A 11 -10.72 12.50 -22.42
CA ALA A 11 -11.29 12.40 -21.08
C ALA A 11 -11.73 10.97 -20.78
N LYS A 12 -11.47 10.06 -21.72
CA LYS A 12 -11.82 8.66 -21.55
C LYS A 12 -10.57 7.80 -21.34
N GLU A 13 -9.57 8.38 -20.70
CA GLU A 13 -8.32 7.66 -20.44
C GLU A 13 -8.29 7.15 -18.99
N GLU A 14 -7.88 5.90 -18.83
CA GLU A 14 -7.81 5.29 -17.51
C GLU A 14 -6.50 4.51 -17.34
N ALA A 15 -6.03 4.42 -16.10
CA ALA A 15 -4.79 3.71 -15.81
C ALA A 15 -4.76 3.23 -14.36
N ARG A 16 -4.24 2.02 -14.15
CA ARG A 16 -4.17 1.45 -12.81
C ARG A 16 -2.71 1.27 -12.38
N ARG A 17 -1.80 1.36 -13.34
CA ARG A 17 -0.38 1.22 -13.07
C ARG A 17 -0.15 0.20 -11.95
N ALA A 18 -0.83 -0.94 -12.04
CA ALA A 18 -0.69 -1.99 -11.04
C ALA A 18 -0.20 -3.28 -11.68
N LEU A 19 1.01 -3.25 -12.22
CA LEU A 19 1.60 -4.42 -12.85
C LEU A 19 1.79 -5.55 -11.85
N GLU A 20 2.70 -5.36 -10.91
CA GLU A 20 2.97 -6.37 -9.88
C GLU A 20 2.42 -5.94 -8.53
N THR A 21 2.46 -4.63 -8.27
CA THR A 21 1.97 -4.08 -7.01
C THR A 21 0.58 -3.48 -7.18
N PRO A 22 -0.20 -3.47 -6.10
CA PRO A 22 -1.56 -2.92 -6.11
C PRO A 22 -1.58 -1.40 -6.25
N SER A 23 -2.50 -0.89 -7.05
CA SER A 23 -2.61 0.54 -7.27
C SER A 23 -2.42 1.31 -5.97
N CYS A 24 -3.12 0.88 -4.93
CA CYS A 24 -3.04 1.52 -3.62
C CYS A 24 -1.60 1.88 -3.30
N PHE A 25 -0.67 0.98 -3.61
CA PHE A 25 0.74 1.20 -3.34
C PHE A 25 1.22 2.50 -3.98
N LEU A 26 2.28 3.07 -3.43
CA LEU A 26 2.84 4.32 -3.95
C LEU A 26 4.32 4.42 -3.65
N LYS A 27 5.06 5.13 -4.50
CA LYS A 27 6.49 5.30 -4.33
C LYS A 27 6.79 6.55 -3.51
N VAL A 28 7.16 6.36 -2.25
CA VAL A 28 7.48 7.47 -1.37
C VAL A 28 8.47 7.06 -0.29
N SER A 29 9.01 8.04 0.42
CA SER A 29 9.98 7.78 1.48
C SER A 29 9.29 7.69 2.84
N ARG A 30 9.87 6.91 3.74
CA ARG A 30 9.32 6.73 5.08
C ARG A 30 8.80 8.07 5.62
N LEU A 31 9.71 9.02 5.80
CA LEU A 31 9.35 10.34 6.32
C LEU A 31 7.99 10.78 5.77
N GLU A 32 7.73 10.44 4.51
CA GLU A 32 6.47 10.80 3.87
C GLU A 32 5.37 9.79 4.22
N ALA A 33 5.63 8.52 3.90
CA ALA A 33 4.67 7.46 4.18
C ALA A 33 3.99 7.67 5.52
N GLN A 34 4.67 8.35 6.44
CA GLN A 34 4.12 8.62 7.76
C GLN A 34 3.15 9.80 7.72
N LEU A 35 3.68 10.99 7.43
CA LEU A 35 2.87 12.19 7.36
C LEU A 35 1.68 11.99 6.43
N LEU A 36 1.94 11.42 5.26
CA LEU A 36 0.89 11.17 4.28
C LEU A 36 -0.38 10.67 4.95
N LEU A 37 -0.22 10.03 6.11
CA LEU A 37 -1.35 9.51 6.86
C LEU A 37 -2.14 10.64 7.51
N GLU A 38 -1.47 11.42 8.35
CA GLU A 38 -2.11 12.53 9.04
C GLU A 38 -2.60 13.58 8.04
N ARG A 39 -1.91 13.68 6.91
CA ARG A 39 -2.28 14.64 5.87
C ARG A 39 -3.61 14.24 5.22
N TYR A 40 -3.68 13.00 4.76
CA TYR A 40 -4.88 12.50 4.11
C TYR A 40 -5.44 11.30 4.84
N PRO A 41 -6.14 11.55 5.96
CA PRO A 41 -6.74 10.50 6.79
C PRO A 41 -7.92 9.83 6.09
N GLU A 42 -8.77 10.63 5.49
CA GLU A 42 -9.95 10.10 4.78
C GLU A 42 -9.56 9.01 3.81
N CYS A 43 -8.35 9.10 3.28
CA CYS A 43 -7.85 8.11 2.33
C CYS A 43 -7.20 6.94 3.07
N GLY A 44 -7.79 6.55 4.18
CA GLY A 44 -7.26 5.44 4.97
C GLY A 44 -5.86 5.72 5.48
N ASN A 45 -5.33 4.78 6.25
CA ASN A 45 -3.98 4.94 6.81
C ASN A 45 -3.08 3.78 6.39
N LEU A 46 -3.69 2.72 5.87
CA LEU A 46 -2.95 1.55 5.43
C LEU A 46 -2.32 1.78 4.06
N LEU A 47 -1.01 2.02 4.06
CA LEU A 47 -0.29 2.26 2.81
C LEU A 47 0.97 1.40 2.74
N LEU A 48 1.48 1.20 1.53
CA LEU A 48 2.68 0.40 1.33
C LEU A 48 3.79 1.24 0.71
N ARG A 49 4.99 1.15 1.28
CA ARG A 49 6.13 1.89 0.80
C ARG A 49 7.34 0.97 0.60
N PRO A 50 8.13 1.25 -0.46
CA PRO A 50 9.32 0.46 -0.79
C PRO A 50 10.44 0.66 0.24
N SER A 51 10.90 -0.44 0.82
CA SER A 51 11.96 -0.39 1.82
C SER A 51 13.27 0.11 1.20
N GLY A 52 14.31 0.19 2.02
CA GLY A 52 15.60 0.66 1.52
C GLY A 52 16.62 -0.45 1.45
N ASP A 53 16.79 -1.18 2.55
CA ASP A 53 17.75 -2.27 2.61
C ASP A 53 17.41 -3.24 3.74
N GLY A 54 18.18 -4.31 3.85
CA GLY A 54 17.94 -5.29 4.89
C GLY A 54 17.44 -6.61 4.34
N ALA A 55 16.18 -6.63 3.94
CA ALA A 55 15.58 -7.85 3.39
C ALA A 55 14.87 -7.56 2.06
N ASP A 56 14.32 -8.60 1.45
CA ASP A 56 13.61 -8.46 0.19
C ASP A 56 12.11 -8.44 0.41
N GLY A 57 11.45 -7.36 -0.03
CA GLY A 57 10.02 -7.24 0.13
C GLY A 57 9.59 -5.83 0.42
N VAL A 58 8.28 -5.63 0.60
CA VAL A 58 7.74 -4.30 0.90
C VAL A 58 7.17 -4.24 2.31
N SER A 59 7.10 -3.03 2.85
CA SER A 59 6.58 -2.84 4.20
C SER A 59 5.17 -2.24 4.17
N VAL A 60 4.46 -2.38 5.27
CA VAL A 60 3.10 -1.85 5.37
C VAL A 60 2.97 -0.85 6.50
N THR A 61 2.83 0.42 6.15
CA THR A 61 2.69 1.49 7.14
C THR A 61 1.24 1.63 7.61
N THR A 62 1.01 1.43 8.90
CA THR A 62 -0.32 1.55 9.45
C THR A 62 -0.31 2.34 10.76
N ARG A 63 -1.10 3.41 10.81
CA ARG A 63 -1.17 4.25 11.99
C ARG A 63 -2.51 4.07 12.71
N GLN A 64 -2.53 3.15 13.68
CA GLN A 64 -3.75 2.89 14.44
C GLN A 64 -3.67 3.51 15.83
N MET A 65 -4.83 3.76 16.42
CA MET A 65 -4.91 4.35 17.76
C MET A 65 -4.36 3.40 18.81
N HIS A 66 -3.41 3.88 19.61
CA HIS A 66 -2.81 3.07 20.66
C HIS A 66 -2.67 3.87 21.95
N ASN A 67 -3.24 3.35 23.03
CA ASN A 67 -3.18 4.01 24.33
C ASN A 67 -3.42 5.51 24.18
N GLY A 68 -4.16 5.89 23.14
CA GLY A 68 -4.46 7.29 22.90
C GLY A 68 -3.22 8.09 22.52
N THR A 69 -2.39 7.51 21.66
CA THR A 69 -1.17 8.17 21.21
C THR A 69 -1.00 8.06 19.70
N HIS A 70 -0.18 8.93 19.13
CA HIS A 70 0.08 8.93 17.69
C HIS A 70 1.35 8.15 17.37
N VAL A 71 1.17 6.93 16.86
CA VAL A 71 2.30 6.08 16.50
C VAL A 71 1.98 5.24 15.26
N VAL A 72 2.99 5.04 14.42
CA VAL A 72 2.82 4.26 13.21
C VAL A 72 3.67 3.00 13.25
N ARG A 73 3.16 1.94 12.63
CA ARG A 73 3.87 0.66 12.60
C ARG A 73 4.22 0.25 11.17
N HIS A 74 5.38 -0.35 11.00
CA HIS A 74 5.83 -0.79 9.68
C HIS A 74 6.07 -2.29 9.65
N TYR A 75 5.15 -3.01 9.02
CA TYR A 75 5.26 -4.47 8.92
C TYR A 75 6.22 -4.87 7.81
N LYS A 76 6.71 -6.10 7.88
CA LYS A 76 7.64 -6.62 6.87
C LYS A 76 7.03 -7.79 6.12
N VAL A 77 7.42 -7.94 4.86
CA VAL A 77 6.92 -9.03 4.03
C VAL A 77 8.06 -9.85 3.44
N LYS A 78 8.10 -11.13 3.78
CA LYS A 78 9.15 -12.02 3.28
C LYS A 78 8.87 -12.44 1.85
N ARG A 79 9.91 -12.90 1.15
CA ARG A 79 9.77 -13.32 -0.23
C ARG A 79 10.22 -14.78 -0.40
N GLU A 80 9.27 -15.70 -0.29
CA GLU A 80 9.56 -17.12 -0.42
C GLU A 80 8.92 -17.70 -1.67
N GLY A 81 9.63 -17.62 -2.79
CA GLY A 81 9.11 -18.13 -4.04
C GLY A 81 8.11 -17.20 -4.69
N PRO A 82 7.20 -17.76 -5.50
CA PRO A 82 6.17 -16.98 -6.19
C PRO A 82 5.12 -16.44 -5.24
N LYS A 83 5.32 -16.67 -3.94
CA LYS A 83 4.39 -16.20 -2.92
C LYS A 83 5.08 -15.23 -1.95
N TYR A 84 4.29 -14.52 -1.17
CA TYR A 84 4.82 -13.56 -0.21
C TYR A 84 4.29 -13.84 1.20
N VAL A 85 5.14 -14.45 2.03
CA VAL A 85 4.75 -14.78 3.40
C VAL A 85 4.68 -13.52 4.25
N ILE A 86 3.68 -13.48 5.14
CA ILE A 86 3.50 -12.33 6.02
C ILE A 86 4.20 -12.54 7.36
N ASP A 87 4.94 -11.53 7.80
CA ASP A 87 5.65 -11.61 9.07
C ASP A 87 4.70 -11.51 10.24
N VAL A 88 4.01 -12.62 10.54
CA VAL A 88 3.07 -12.66 11.65
C VAL A 88 3.10 -14.02 12.34
N GLU A 89 2.21 -14.19 13.32
CA GLU A 89 2.14 -15.44 14.07
C GLU A 89 2.40 -16.64 13.15
N GLN A 90 1.50 -16.84 12.19
CA GLN A 90 1.64 -17.94 11.24
C GLN A 90 2.03 -17.44 9.86
N PRO A 91 2.86 -18.22 9.16
CA PRO A 91 3.34 -17.87 7.82
C PRO A 91 2.22 -17.95 6.77
N PHE A 92 1.42 -16.90 6.69
CA PHE A 92 0.32 -16.85 5.73
C PHE A 92 0.84 -16.69 4.30
N SER A 93 0.69 -17.74 3.50
CA SER A 93 1.15 -17.73 2.12
C SER A 93 0.09 -17.13 1.20
N CYS A 94 0.52 -16.25 0.32
CA CYS A 94 -0.39 -15.60 -0.62
C CYS A 94 0.04 -15.85 -2.07
N THR A 95 -0.68 -15.23 -3.00
CA THR A 95 -0.37 -15.39 -4.42
C THR A 95 0.11 -14.09 -5.02
N SER A 96 -0.18 -12.98 -4.34
CA SER A 96 0.22 -11.66 -4.82
C SER A 96 0.20 -10.64 -3.68
N LEU A 97 0.70 -9.45 -3.96
CA LEU A 97 0.74 -8.39 -2.96
C LEU A 97 -0.67 -8.01 -2.51
N ASP A 98 -1.61 -7.99 -3.46
CA ASP A 98 -2.99 -7.65 -3.17
C ASP A 98 -3.50 -8.43 -1.95
N ALA A 99 -3.36 -9.75 -2.01
CA ALA A 99 -3.80 -10.60 -0.92
C ALA A 99 -3.41 -10.02 0.43
N VAL A 100 -2.11 -9.77 0.62
CA VAL A 100 -1.61 -9.22 1.86
C VAL A 100 -2.51 -8.10 2.37
N VAL A 101 -2.71 -7.08 1.54
CA VAL A 101 -3.55 -5.95 1.91
C VAL A 101 -4.87 -6.42 2.51
N ASN A 102 -5.44 -7.47 1.92
CA ASN A 102 -6.70 -8.02 2.39
C ASN A 102 -6.52 -8.75 3.72
N TYR A 103 -5.65 -9.75 3.72
CA TYR A 103 -5.38 -10.52 4.93
C TYR A 103 -5.28 -9.61 6.15
N PHE A 104 -4.61 -8.48 5.99
CA PHE A 104 -4.44 -7.52 7.07
C PHE A 104 -5.79 -6.96 7.51
N VAL A 105 -6.64 -6.66 6.54
CA VAL A 105 -7.97 -6.11 6.83
C VAL A 105 -8.76 -7.05 7.74
N SER A 106 -8.87 -8.31 7.32
CA SER A 106 -9.61 -9.30 8.10
C SER A 106 -8.88 -9.64 9.40
N HIS A 107 -7.55 -9.61 9.33
CA HIS A 107 -6.73 -9.92 10.50
C HIS A 107 -7.09 -9.00 11.66
N THR A 108 -6.91 -7.69 11.46
CA THR A 108 -7.21 -6.71 12.50
C THR A 108 -8.64 -6.86 13.00
N LYS A 109 -8.88 -6.43 14.23
CA LYS A 109 -10.21 -6.50 14.83
C LYS A 109 -11.10 -5.37 14.32
N LYS A 110 -10.52 -4.50 13.50
CA LYS A 110 -11.27 -3.37 12.96
C LYS A 110 -11.07 -3.27 11.44
N ALA A 111 -12.14 -2.91 10.73
CA ALA A 111 -12.08 -2.78 9.29
C ALA A 111 -11.23 -1.58 8.88
N LEU A 112 -9.96 -1.83 8.56
CA LEU A 112 -9.05 -0.77 8.16
C LEU A 112 -9.31 -0.35 6.72
N VAL A 113 -8.66 0.73 6.30
CA VAL A 113 -8.82 1.24 4.94
C VAL A 113 -7.47 1.48 4.28
N PRO A 114 -7.36 1.07 3.01
CA PRO A 114 -6.12 1.23 2.23
C PRO A 114 -5.83 2.69 1.89
N PHE A 115 -4.58 2.97 1.53
CA PHE A 115 -4.18 4.32 1.18
C PHE A 115 -3.90 4.44 -0.32
N LEU A 116 -4.29 5.56 -0.91
CA LEU A 116 -4.07 5.79 -2.34
C LEU A 116 -3.90 7.28 -2.63
N LEU A 117 -3.22 7.60 -3.72
CA LEU A 117 -2.99 8.98 -4.11
C LEU A 117 -2.88 9.10 -5.62
N ASP A 118 -3.87 9.75 -6.23
CA ASP A 118 -3.88 9.94 -7.68
C ASP A 118 -3.05 11.16 -8.08
N GLY A 1 -31.69 3.04 -40.42
CA GLY A 1 -30.57 3.60 -39.69
C GLY A 1 -30.40 2.98 -38.32
N SER A 2 -29.16 2.99 -37.81
CA SER A 2 -28.86 2.40 -36.52
C SER A 2 -27.75 3.19 -35.81
N SER A 3 -27.49 2.83 -34.56
CA SER A 3 -26.46 3.51 -33.78
C SER A 3 -25.41 2.51 -33.29
N GLY A 4 -24.14 2.84 -33.52
CA GLY A 4 -23.06 1.96 -33.11
C GLY A 4 -22.07 2.66 -32.19
N SER A 5 -21.79 2.05 -31.06
CA SER A 5 -20.85 2.63 -30.09
C SER A 5 -19.53 1.85 -30.09
N SER A 6 -18.44 2.56 -29.79
CA SER A 6 -17.12 1.94 -29.76
C SER A 6 -16.27 2.53 -28.63
N GLY A 7 -15.07 2.00 -28.47
CA GLY A 7 -14.18 2.48 -27.43
C GLY A 7 -13.04 3.33 -27.99
N GLU A 8 -13.38 4.22 -28.93
CA GLU A 8 -12.37 5.08 -29.53
C GLU A 8 -11.87 6.12 -28.53
N VAL A 9 -12.46 6.13 -27.35
CA VAL A 9 -12.07 7.08 -26.30
C VAL A 9 -11.16 6.42 -25.28
N LEU A 10 -11.28 5.10 -25.16
CA LEU A 10 -10.46 4.34 -24.21
C LEU A 10 -9.00 4.32 -24.64
N ALA A 11 -8.22 5.26 -24.11
CA ALA A 11 -6.81 5.35 -24.45
C ALA A 11 -5.96 5.59 -23.20
N LYS A 12 -4.65 5.55 -23.36
CA LYS A 12 -3.73 5.77 -22.25
C LYS A 12 -4.31 5.21 -20.95
N GLU A 13 -5.05 4.12 -21.06
CA GLU A 13 -5.66 3.48 -19.90
C GLU A 13 -4.78 2.36 -19.37
N GLU A 14 -3.84 1.90 -20.19
CA GLU A 14 -2.93 0.84 -19.81
C GLU A 14 -1.56 1.39 -19.43
N ALA A 15 -1.52 2.68 -19.13
CA ALA A 15 -0.28 3.35 -18.75
C ALA A 15 -0.09 3.34 -17.24
N ARG A 16 1.16 3.19 -16.80
CA ARG A 16 1.47 3.16 -15.37
C ARG A 16 0.75 2.00 -14.68
N ARG A 17 0.44 0.97 -15.45
CA ARG A 17 -0.25 -0.20 -14.93
C ARG A 17 0.43 -0.69 -13.64
N ALA A 18 -0.34 -0.72 -12.56
CA ALA A 18 0.18 -1.17 -11.27
C ALA A 18 -0.65 -2.33 -10.72
N LEU A 19 -0.74 -3.40 -11.48
CA LEU A 19 -1.51 -4.57 -11.07
C LEU A 19 -0.76 -5.35 -9.98
N GLU A 20 0.55 -5.50 -10.16
CA GLU A 20 1.37 -6.22 -9.20
C GLU A 20 1.11 -5.72 -7.78
N THR A 21 0.93 -4.41 -7.64
CA THR A 21 0.67 -3.81 -6.34
C THR A 21 -0.74 -3.25 -6.25
N PRO A 22 -1.29 -3.20 -5.04
CA PRO A 22 -2.64 -2.70 -4.79
C PRO A 22 -2.74 -1.19 -5.00
N SER A 23 -3.97 -0.68 -5.07
CA SER A 23 -4.19 0.75 -5.26
C SER A 23 -3.74 1.54 -4.05
N CYS A 24 -4.11 1.07 -2.87
CA CYS A 24 -3.73 1.74 -1.63
C CYS A 24 -2.23 2.02 -1.59
N PHE A 25 -1.46 1.16 -2.23
CA PHE A 25 -0.01 1.31 -2.27
C PHE A 25 0.38 2.66 -2.87
N LEU A 26 1.54 3.17 -2.47
CA LEU A 26 2.02 4.45 -2.97
C LEU A 26 3.55 4.51 -2.92
N LYS A 27 4.13 5.29 -3.81
CA LYS A 27 5.57 5.44 -3.88
C LYS A 27 6.03 6.70 -3.15
N VAL A 28 6.59 6.52 -1.96
CA VAL A 28 7.07 7.64 -1.15
C VAL A 28 8.24 7.22 -0.27
N SER A 29 8.82 8.20 0.43
CA SER A 29 9.95 7.94 1.30
C SER A 29 9.48 7.38 2.66
N ARG A 30 10.39 6.73 3.37
CA ARG A 30 10.07 6.15 4.66
C ARG A 30 9.35 7.16 5.55
N LEU A 31 9.88 8.36 5.62
CA LEU A 31 9.30 9.42 6.44
C LEU A 31 7.98 9.91 5.83
N GLU A 32 8.02 10.23 4.54
CA GLU A 32 6.84 10.70 3.83
C GLU A 32 5.62 9.83 4.15
N ALA A 33 5.70 8.56 3.78
CA ALA A 33 4.62 7.62 4.03
C ALA A 33 3.96 7.89 5.38
N GLN A 34 4.77 8.24 6.37
CA GLN A 34 4.28 8.52 7.72
C GLN A 34 3.52 9.84 7.74
N LEU A 35 4.22 10.93 7.49
CA LEU A 35 3.61 12.26 7.48
C LEU A 35 2.36 12.28 6.62
N LEU A 36 2.32 11.41 5.62
CA LEU A 36 1.18 11.32 4.72
C LEU A 36 -0.10 11.02 5.49
N LEU A 37 -0.01 10.11 6.46
CA LEU A 37 -1.15 9.73 7.27
C LEU A 37 -1.74 10.94 7.98
N GLU A 38 -0.94 11.55 8.86
CA GLU A 38 -1.38 12.73 9.61
C GLU A 38 -2.01 13.76 8.67
N ARG A 39 -1.38 13.97 7.51
CA ARG A 39 -1.88 14.93 6.54
C ARG A 39 -3.30 14.59 6.11
N TYR A 40 -3.51 13.34 5.71
CA TYR A 40 -4.82 12.88 5.27
C TYR A 40 -5.36 11.77 6.18
N PRO A 41 -5.88 12.16 7.34
CA PRO A 41 -6.43 11.22 8.32
C PRO A 41 -7.72 10.57 7.84
N GLU A 42 -8.32 11.15 6.81
CA GLU A 42 -9.57 10.63 6.25
C GLU A 42 -9.28 9.59 5.16
N CYS A 43 -8.11 9.71 4.53
CA CYS A 43 -7.71 8.79 3.48
C CYS A 43 -7.63 7.36 4.00
N GLY A 44 -6.89 7.18 5.08
CA GLY A 44 -6.74 5.85 5.67
C GLY A 44 -5.55 5.76 6.59
N ASN A 45 -5.32 4.56 7.13
CA ASN A 45 -4.19 4.34 8.04
C ASN A 45 -3.24 3.28 7.48
N LEU A 46 -3.81 2.22 6.94
CA LEU A 46 -3.02 1.14 6.36
C LEU A 46 -2.48 1.53 4.99
N LEU A 47 -1.19 1.88 4.94
CA LEU A 47 -0.56 2.27 3.69
C LEU A 47 0.71 1.46 3.45
N LEU A 48 0.85 0.92 2.24
CA LEU A 48 2.02 0.12 1.88
C LEU A 48 3.03 0.96 1.10
N ARG A 49 4.23 1.09 1.66
CA ARG A 49 5.29 1.87 1.01
C ARG A 49 6.43 0.96 0.55
N PRO A 50 7.09 1.36 -0.54
CA PRO A 50 8.21 0.59 -1.12
C PRO A 50 9.44 0.62 -0.23
N SER A 51 10.19 -0.47 -0.22
CA SER A 51 11.40 -0.58 0.60
C SER A 51 12.61 -0.09 -0.19
N GLY A 52 13.68 0.27 0.54
CA GLY A 52 14.88 0.75 -0.09
C GLY A 52 15.39 -0.20 -1.17
N ASP A 53 16.35 0.27 -1.95
CA ASP A 53 16.91 -0.55 -3.02
C ASP A 53 17.17 -1.98 -2.56
N GLY A 54 17.96 -2.11 -1.50
CA GLY A 54 18.26 -3.43 -0.96
C GLY A 54 17.08 -4.06 -0.26
N ALA A 55 16.17 -4.63 -1.05
CA ALA A 55 14.98 -5.27 -0.50
C ALA A 55 14.17 -5.95 -1.60
N ASP A 56 13.34 -6.91 -1.21
CA ASP A 56 12.51 -7.64 -2.16
C ASP A 56 11.03 -7.28 -1.98
N GLY A 57 10.59 -7.22 -0.73
CA GLY A 57 9.21 -6.89 -0.45
C GLY A 57 9.01 -5.41 -0.14
N VAL A 58 7.81 -5.06 0.32
CA VAL A 58 7.51 -3.67 0.65
C VAL A 58 7.12 -3.52 2.11
N SER A 59 7.30 -2.32 2.64
CA SER A 59 6.98 -2.05 4.04
C SER A 59 5.54 -1.56 4.17
N VAL A 60 4.90 -1.93 5.29
CA VAL A 60 3.52 -1.53 5.54
C VAL A 60 3.42 -0.66 6.78
N THR A 61 3.07 0.61 6.58
CA THR A 61 2.93 1.54 7.69
C THR A 61 1.48 1.67 8.13
N THR A 62 1.17 1.13 9.30
CA THR A 62 -0.18 1.18 9.85
C THR A 62 -0.20 1.80 11.24
N ARG A 63 -1.11 2.74 11.46
CA ARG A 63 -1.23 3.40 12.75
C ARG A 63 -2.69 3.56 13.15
N GLN A 64 -2.94 3.60 14.46
CA GLN A 64 -4.30 3.76 14.96
C GLN A 64 -4.31 4.61 16.22
N MET A 65 -5.50 5.08 16.61
CA MET A 65 -5.65 5.90 17.79
C MET A 65 -5.92 5.05 19.03
N HIS A 66 -5.09 5.20 20.05
CA HIS A 66 -5.24 4.44 21.28
C HIS A 66 -4.75 5.25 22.48
N ASN A 67 -5.47 5.15 23.59
CA ASN A 67 -5.10 5.87 24.81
C ASN A 67 -4.67 7.29 24.48
N GLY A 68 -5.22 7.85 23.41
CA GLY A 68 -4.88 9.21 23.01
C GLY A 68 -3.38 9.38 22.81
N THR A 69 -2.75 8.39 22.19
CA THR A 69 -1.31 8.44 21.94
C THR A 69 -1.00 8.23 20.47
N HIS A 70 0.21 8.59 20.06
CA HIS A 70 0.63 8.44 18.67
C HIS A 70 1.52 7.22 18.50
N VAL A 71 0.98 6.16 17.89
CA VAL A 71 1.73 4.94 17.67
C VAL A 71 1.74 4.56 16.19
N VAL A 72 2.93 4.22 15.68
CA VAL A 72 3.08 3.84 14.28
C VAL A 72 3.83 2.52 14.15
N ARG A 73 3.12 1.48 13.71
CA ARG A 73 3.73 0.17 13.54
C ARG A 73 4.10 -0.07 12.08
N HIS A 74 5.12 -0.91 11.87
CA HIS A 74 5.57 -1.22 10.52
C HIS A 74 5.76 -2.72 10.35
N TYR A 75 4.99 -3.32 9.45
CA TYR A 75 5.06 -4.75 9.19
C TYR A 75 6.00 -5.04 8.03
N LYS A 76 6.45 -6.29 7.94
CA LYS A 76 7.35 -6.70 6.87
C LYS A 76 6.86 -7.98 6.21
N VAL A 77 7.04 -8.08 4.89
CA VAL A 77 6.61 -9.25 4.13
C VAL A 77 7.75 -9.77 3.26
N LYS A 78 8.10 -11.04 3.48
CA LYS A 78 9.17 -11.67 2.71
C LYS A 78 8.71 -11.97 1.28
N ARG A 79 9.66 -12.31 0.42
CA ARG A 79 9.36 -12.62 -0.97
C ARG A 79 9.81 -14.03 -1.33
N GLU A 80 8.86 -14.97 -1.34
CA GLU A 80 9.17 -16.36 -1.66
C GLU A 80 8.45 -16.80 -2.93
N GLY A 81 9.09 -16.56 -4.08
CA GLY A 81 8.48 -16.94 -5.34
C GLY A 81 7.33 -16.02 -5.74
N PRO A 82 6.40 -16.55 -6.53
CA PRO A 82 5.23 -15.79 -6.99
C PRO A 82 4.25 -15.48 -5.87
N LYS A 83 4.55 -15.98 -4.68
CA LYS A 83 3.70 -15.76 -3.51
C LYS A 83 4.37 -14.81 -2.52
N TYR A 84 3.58 -14.29 -1.59
CA TYR A 84 4.10 -13.37 -0.58
C TYR A 84 3.88 -13.91 0.82
N VAL A 85 4.97 -14.16 1.54
CA VAL A 85 4.90 -14.68 2.89
C VAL A 85 5.11 -13.58 3.92
N ILE A 86 4.08 -13.28 4.68
CA ILE A 86 4.16 -12.25 5.70
C ILE A 86 5.17 -12.61 6.78
N ASP A 87 5.71 -11.60 7.44
CA ASP A 87 6.69 -11.81 8.50
C ASP A 87 6.01 -11.96 9.85
N VAL A 88 4.90 -12.68 9.88
CA VAL A 88 4.15 -12.90 11.11
C VAL A 88 4.31 -14.34 11.60
N GLU A 89 3.59 -14.67 12.68
CA GLU A 89 3.66 -16.00 13.25
C GLU A 89 3.78 -17.06 12.15
N GLN A 90 2.75 -17.17 11.32
CA GLN A 90 2.74 -18.15 10.23
C GLN A 90 2.97 -17.46 8.89
N PRO A 91 3.71 -18.12 8.00
CA PRO A 91 4.03 -17.59 6.67
C PRO A 91 2.80 -17.56 5.77
N PHE A 92 2.03 -16.49 5.87
CA PHE A 92 0.83 -16.33 5.06
C PHE A 92 1.17 -16.32 3.57
N SER A 93 1.00 -17.47 2.93
CA SER A 93 1.30 -17.60 1.50
C SER A 93 0.07 -17.25 0.66
N CYS A 94 0.17 -16.14 -0.07
CA CYS A 94 -0.93 -15.69 -0.92
C CYS A 94 -0.50 -15.62 -2.38
N THR A 95 -1.41 -15.19 -3.24
CA THR A 95 -1.13 -15.07 -4.67
C THR A 95 -0.35 -13.79 -4.97
N SER A 96 -0.93 -12.65 -4.59
CA SER A 96 -0.28 -11.36 -4.82
C SER A 96 -0.47 -10.44 -3.61
N LEU A 97 0.11 -9.25 -3.69
CA LEU A 97 0.01 -8.28 -2.62
C LEU A 97 -1.45 -8.06 -2.21
N ASP A 98 -2.30 -7.85 -3.21
CA ASP A 98 -3.72 -7.63 -2.96
C ASP A 98 -4.21 -8.48 -1.79
N ALA A 99 -3.88 -9.77 -1.82
CA ALA A 99 -4.29 -10.68 -0.76
C ALA A 99 -3.78 -10.20 0.59
N VAL A 100 -2.47 -9.96 0.68
CA VAL A 100 -1.87 -9.49 1.92
C VAL A 100 -2.68 -8.37 2.55
N VAL A 101 -3.02 -7.38 1.74
CA VAL A 101 -3.81 -6.23 2.22
C VAL A 101 -5.09 -6.70 2.90
N ASN A 102 -5.78 -7.65 2.28
CA ASN A 102 -7.02 -8.17 2.82
C ASN A 102 -6.76 -8.98 4.09
N TYR A 103 -5.72 -9.83 4.04
CA TYR A 103 -5.37 -10.67 5.17
C TYR A 103 -5.28 -9.84 6.45
N PHE A 104 -4.62 -8.69 6.36
CA PHE A 104 -4.48 -7.82 7.53
C PHE A 104 -5.84 -7.32 8.02
N VAL A 105 -6.55 -6.63 7.13
CA VAL A 105 -7.88 -6.10 7.47
C VAL A 105 -8.64 -7.06 8.37
N SER A 106 -8.67 -8.33 7.98
CA SER A 106 -9.37 -9.35 8.75
C SER A 106 -8.58 -9.73 10.00
N HIS A 107 -7.30 -10.02 9.81
CA HIS A 107 -6.43 -10.39 10.93
C HIS A 107 -6.68 -9.49 12.13
N THR A 108 -6.44 -8.20 11.96
CA THR A 108 -6.65 -7.23 13.04
C THR A 108 -8.02 -7.38 13.66
N LYS A 109 -8.12 -7.13 14.96
CA LYS A 109 -9.38 -7.24 15.68
C LYS A 109 -10.29 -6.07 15.35
N LYS A 110 -9.73 -5.04 14.71
CA LYS A 110 -10.49 -3.86 14.33
C LYS A 110 -10.36 -3.58 12.84
N ALA A 111 -11.50 -3.48 12.16
CA ALA A 111 -11.50 -3.22 10.73
C ALA A 111 -10.65 -2.00 10.39
N LEU A 112 -9.45 -2.26 9.90
CA LEU A 112 -8.52 -1.19 9.54
C LEU A 112 -8.87 -0.62 8.16
N VAL A 113 -8.80 0.70 8.04
CA VAL A 113 -9.10 1.38 6.78
C VAL A 113 -7.82 1.62 5.97
N PRO A 114 -7.83 1.15 4.71
CA PRO A 114 -6.69 1.32 3.82
C PRO A 114 -6.48 2.76 3.38
N PHE A 115 -5.23 3.13 3.12
CA PHE A 115 -4.91 4.48 2.70
C PHE A 115 -4.78 4.58 1.19
N LEU A 116 -5.52 5.51 0.60
CA LEU A 116 -5.50 5.69 -0.85
C LEU A 116 -5.41 7.17 -1.21
N LEU A 117 -4.47 7.51 -2.10
CA LEU A 117 -4.28 8.89 -2.53
C LEU A 117 -4.27 8.99 -4.04
N ASP A 118 -5.29 9.66 -4.59
CA ASP A 118 -5.39 9.84 -6.03
C ASP A 118 -4.40 10.89 -6.53
N GLY A 1 -5.28 35.45 -15.49
CA GLY A 1 -6.03 34.35 -14.92
C GLY A 1 -5.28 33.04 -15.00
N SER A 2 -6.02 31.94 -15.12
CA SER A 2 -5.40 30.62 -15.20
C SER A 2 -6.04 29.79 -16.31
N SER A 3 -5.30 28.79 -16.79
CA SER A 3 -5.78 27.93 -17.86
C SER A 3 -4.83 26.76 -18.08
N GLY A 4 -5.26 25.80 -18.90
CA GLY A 4 -4.44 24.63 -19.19
C GLY A 4 -5.22 23.53 -19.86
N SER A 5 -5.05 23.39 -21.17
CA SER A 5 -5.74 22.37 -21.93
C SER A 5 -4.79 21.24 -22.30
N SER A 6 -4.88 20.13 -21.56
CA SER A 6 -4.03 18.98 -21.81
C SER A 6 -4.85 17.70 -21.84
N GLY A 7 -4.20 16.59 -22.19
CA GLY A 7 -4.88 15.31 -22.25
C GLY A 7 -3.96 14.17 -22.65
N GLU A 8 -2.93 14.50 -23.42
CA GLU A 8 -1.97 13.50 -23.87
C GLU A 8 -1.04 13.08 -22.73
N VAL A 9 -1.21 13.72 -21.58
CA VAL A 9 -0.39 13.41 -20.41
C VAL A 9 -1.19 12.63 -19.36
N LEU A 10 -2.51 12.70 -19.47
CA LEU A 10 -3.40 12.01 -18.53
C LEU A 10 -3.83 10.67 -19.10
N ALA A 11 -2.86 9.79 -19.37
CA ALA A 11 -3.16 8.47 -19.91
C ALA A 11 -2.93 7.38 -18.85
N LYS A 12 -2.50 7.80 -17.67
CA LYS A 12 -2.25 6.87 -16.58
C LYS A 12 -3.50 6.71 -15.70
N GLU A 13 -4.59 7.33 -16.12
CA GLU A 13 -5.85 7.26 -15.38
C GLU A 13 -6.61 5.99 -15.71
N GLU A 14 -6.25 5.36 -16.84
CA GLU A 14 -6.91 4.14 -17.28
C GLU A 14 -5.92 2.98 -17.29
N ALA A 15 -4.74 3.20 -16.73
CA ALA A 15 -3.71 2.17 -16.67
C ALA A 15 -4.22 0.92 -15.96
N ARG A 16 -4.08 -0.23 -16.63
CA ARG A 16 -4.53 -1.50 -16.07
C ARG A 16 -3.34 -2.43 -15.84
N ARG A 17 -2.15 -1.87 -15.77
CA ARG A 17 -0.94 -2.66 -15.55
C ARG A 17 -0.46 -2.54 -14.11
N ALA A 18 -1.38 -2.75 -13.17
CA ALA A 18 -1.06 -2.67 -11.75
C ALA A 18 -1.15 -4.04 -11.09
N LEU A 19 -0.52 -5.04 -11.71
CA LEU A 19 -0.54 -6.40 -11.18
C LEU A 19 0.40 -6.53 -9.98
N GLU A 20 1.70 -6.38 -10.24
CA GLU A 20 2.69 -6.47 -9.19
C GLU A 20 2.19 -5.82 -7.90
N THR A 21 1.92 -4.53 -7.96
CA THR A 21 1.43 -3.78 -6.80
C THR A 21 0.12 -3.09 -7.11
N PRO A 22 -0.74 -2.94 -6.09
CA PRO A 22 -2.04 -2.28 -6.22
C PRO A 22 -1.91 -0.78 -6.46
N SER A 23 -3.05 -0.11 -6.62
CA SER A 23 -3.07 1.32 -6.86
C SER A 23 -2.82 2.09 -5.56
N CYS A 24 -3.30 1.55 -4.45
CA CYS A 24 -3.13 2.19 -3.14
C CYS A 24 -1.65 2.35 -2.81
N PHE A 25 -0.85 1.37 -3.20
CA PHE A 25 0.59 1.40 -2.94
C PHE A 25 1.20 2.68 -3.50
N LEU A 26 2.33 3.08 -2.92
CA LEU A 26 3.03 4.29 -3.36
C LEU A 26 4.52 4.19 -3.07
N LYS A 27 5.32 4.88 -3.87
CA LYS A 27 6.77 4.89 -3.69
C LYS A 27 7.23 6.10 -2.90
N VAL A 28 7.57 5.89 -1.64
CA VAL A 28 8.03 6.97 -0.78
C VAL A 28 8.98 6.46 0.30
N SER A 29 9.54 7.38 1.07
CA SER A 29 10.47 7.02 2.14
C SER A 29 9.72 6.81 3.46
N ARG A 30 10.40 6.19 4.41
CA ARG A 30 9.81 5.92 5.72
C ARG A 30 9.14 7.18 6.28
N LEU A 31 9.92 8.25 6.39
CA LEU A 31 9.40 9.51 6.92
C LEU A 31 8.17 9.95 6.16
N GLU A 32 8.24 9.90 4.83
CA GLU A 32 7.13 10.29 3.98
C GLU A 32 5.89 9.45 4.29
N ALA A 33 6.02 8.14 4.14
CA ALA A 33 4.91 7.23 4.41
C ALA A 33 4.18 7.61 5.69
N GLN A 34 4.94 8.03 6.69
CA GLN A 34 4.36 8.42 7.97
C GLN A 34 3.70 9.79 7.87
N LEU A 35 4.47 10.79 7.47
CA LEU A 35 3.97 12.15 7.33
C LEU A 35 2.74 12.18 6.43
N LEU A 36 2.64 11.20 5.53
CA LEU A 36 1.51 11.12 4.61
C LEU A 36 0.22 10.78 5.36
N LEU A 37 0.38 10.07 6.48
CA LEU A 37 -0.78 9.68 7.29
C LEU A 37 -1.40 10.88 7.98
N GLU A 38 -0.55 11.82 8.41
CA GLU A 38 -1.01 13.02 9.09
C GLU A 38 -1.54 14.04 8.08
N ARG A 39 -1.00 14.00 6.87
CA ARG A 39 -1.41 14.92 5.82
C ARG A 39 -2.78 14.54 5.26
N TYR A 40 -2.99 13.24 5.09
CA TYR A 40 -4.25 12.74 4.56
C TYR A 40 -4.80 11.62 5.42
N PRO A 41 -5.33 11.98 6.60
CA PRO A 41 -5.90 11.01 7.54
C PRO A 41 -7.20 10.39 7.03
N GLU A 42 -8.00 11.20 6.34
CA GLU A 42 -9.27 10.73 5.80
C GLU A 42 -9.04 9.68 4.70
N CYS A 43 -8.11 9.98 3.80
CA CYS A 43 -7.80 9.07 2.71
C CYS A 43 -7.66 7.64 3.21
N GLY A 44 -6.90 7.47 4.29
CA GLY A 44 -6.70 6.14 4.86
C GLY A 44 -5.52 6.10 5.81
N ASN A 45 -5.29 4.92 6.40
CA ASN A 45 -4.19 4.75 7.34
C ASN A 45 -3.28 3.61 6.91
N LEU A 46 -3.85 2.64 6.19
CA LEU A 46 -3.09 1.49 5.72
C LEU A 46 -2.45 1.78 4.38
N LEU A 47 -1.16 2.12 4.39
CA LEU A 47 -0.43 2.42 3.17
C LEU A 47 0.79 1.51 3.03
N LEU A 48 1.02 1.02 1.81
CA LEU A 48 2.15 0.14 1.54
C LEU A 48 3.31 0.92 0.93
N ARG A 49 4.45 0.91 1.62
CA ARG A 49 5.63 1.61 1.16
C ARG A 49 6.75 0.63 0.84
N PRO A 50 7.58 0.97 -0.17
CA PRO A 50 8.70 0.14 -0.60
C PRO A 50 9.82 0.10 0.44
N SER A 51 10.40 -1.08 0.64
CA SER A 51 11.48 -1.24 1.61
C SER A 51 12.65 -2.01 0.99
N GLY A 52 13.57 -1.28 0.37
CA GLY A 52 14.72 -1.91 -0.26
C GLY A 52 14.83 -1.58 -1.72
N ASP A 53 14.11 -2.32 -2.55
CA ASP A 53 14.13 -2.11 -3.99
C ASP A 53 12.89 -1.35 -4.46
N GLY A 54 11.73 -1.99 -4.31
CA GLY A 54 10.49 -1.38 -4.71
C GLY A 54 9.31 -2.33 -4.60
N ALA A 55 9.38 -3.45 -5.29
CA ALA A 55 8.31 -4.44 -5.27
C ALA A 55 8.68 -5.62 -4.38
N ASP A 56 9.89 -6.14 -4.56
CA ASP A 56 10.36 -7.27 -3.77
C ASP A 56 10.24 -6.97 -2.27
N GLY A 57 9.12 -7.41 -1.69
CA GLY A 57 8.90 -7.18 -0.27
C GLY A 57 8.71 -5.71 0.06
N VAL A 58 7.56 -5.38 0.64
CA VAL A 58 7.26 -4.00 1.00
C VAL A 58 6.87 -3.90 2.47
N SER A 59 6.94 -2.68 3.01
CA SER A 59 6.59 -2.46 4.41
C SER A 59 5.21 -1.81 4.53
N VAL A 60 4.34 -2.44 5.31
CA VAL A 60 2.99 -1.94 5.51
C VAL A 60 2.92 -1.00 6.71
N THR A 61 2.73 0.29 6.44
CA THR A 61 2.66 1.29 7.49
C THR A 61 1.21 1.65 7.80
N THR A 62 0.75 1.28 8.98
CA THR A 62 -0.62 1.56 9.40
C THR A 62 -0.64 2.53 10.57
N ARG A 63 -1.71 3.31 10.67
CA ARG A 63 -1.86 4.29 11.74
C ARG A 63 -3.09 3.97 12.59
N GLN A 64 -2.91 3.09 13.57
CA GLN A 64 -4.01 2.70 14.45
C GLN A 64 -3.95 3.48 15.76
N MET A 65 -5.07 3.48 16.49
CA MET A 65 -5.14 4.19 17.77
C MET A 65 -5.15 3.20 18.93
N HIS A 66 -4.25 3.40 19.89
CA HIS A 66 -4.17 2.53 21.05
C HIS A 66 -3.65 3.30 22.27
N ASN A 67 -4.02 2.83 23.46
CA ASN A 67 -3.60 3.48 24.69
C ASN A 67 -3.87 4.98 24.65
N GLY A 68 -4.87 5.37 23.85
CA GLY A 68 -5.22 6.77 23.74
C GLY A 68 -4.06 7.61 23.24
N THR A 69 -3.19 7.02 22.44
CA THR A 69 -2.04 7.72 21.90
C THR A 69 -1.78 7.34 20.44
N HIS A 70 -1.14 8.23 19.70
CA HIS A 70 -0.84 7.98 18.29
C HIS A 70 0.35 7.03 18.17
N VAL A 71 0.12 5.88 17.52
CA VAL A 71 1.18 4.89 17.33
C VAL A 71 1.27 4.47 15.87
N VAL A 72 2.49 4.22 15.40
CA VAL A 72 2.72 3.82 14.03
C VAL A 72 3.67 2.63 13.96
N ARG A 73 3.20 1.54 13.37
CA ARG A 73 4.02 0.34 13.23
C ARG A 73 4.12 -0.09 11.77
N HIS A 74 5.20 -0.80 11.44
CA HIS A 74 5.42 -1.27 10.08
C HIS A 74 5.46 -2.79 10.03
N TYR A 75 5.28 -3.35 8.84
CA TYR A 75 5.30 -4.79 8.65
C TYR A 75 6.10 -5.18 7.41
N LYS A 76 7.27 -5.76 7.62
CA LYS A 76 8.12 -6.18 6.52
C LYS A 76 7.76 -7.59 6.05
N VAL A 77 7.39 -7.70 4.78
CA VAL A 77 7.03 -8.99 4.21
C VAL A 77 8.24 -9.70 3.62
N LYS A 78 8.39 -10.98 3.93
CA LYS A 78 9.50 -11.77 3.43
C LYS A 78 9.40 -11.94 1.91
N ARG A 79 10.48 -12.42 1.30
CA ARG A 79 10.52 -12.63 -0.14
C ARG A 79 10.95 -14.06 -0.47
N GLU A 80 9.98 -14.98 -0.52
CA GLU A 80 10.27 -16.37 -0.83
C GLU A 80 9.57 -16.79 -2.12
N GLY A 81 10.27 -16.66 -3.24
CA GLY A 81 9.70 -17.03 -4.52
C GLY A 81 8.69 -16.02 -5.03
N PRO A 82 7.78 -16.47 -5.91
CA PRO A 82 6.75 -15.61 -6.49
C PRO A 82 5.71 -15.18 -5.46
N LYS A 83 5.89 -15.62 -4.22
CA LYS A 83 4.96 -15.28 -3.15
C LYS A 83 5.70 -14.66 -1.97
N TYR A 84 5.02 -13.77 -1.26
CA TYR A 84 5.61 -13.10 -0.11
C TYR A 84 5.10 -13.70 1.19
N VAL A 85 5.87 -13.52 2.27
CA VAL A 85 5.49 -14.05 3.57
C VAL A 85 5.55 -12.96 4.65
N ILE A 86 4.43 -12.29 4.85
CA ILE A 86 4.35 -11.23 5.85
C ILE A 86 5.07 -11.62 7.13
N ASP A 87 5.57 -10.62 7.86
CA ASP A 87 6.29 -10.86 9.10
C ASP A 87 5.36 -10.64 10.31
N VAL A 88 4.49 -11.61 10.55
CA VAL A 88 3.56 -11.53 11.68
C VAL A 88 3.47 -12.86 12.41
N GLU A 89 2.60 -12.91 13.42
CA GLU A 89 2.41 -14.12 14.21
C GLU A 89 2.58 -15.36 13.34
N GLN A 90 1.74 -15.48 12.31
CA GLN A 90 1.79 -16.62 11.40
C GLN A 90 2.26 -16.19 10.02
N PRO A 91 3.05 -17.07 9.37
CA PRO A 91 3.58 -16.80 8.04
C PRO A 91 2.50 -16.82 6.95
N PHE A 92 1.89 -15.67 6.72
CA PHE A 92 0.84 -15.56 5.71
C PHE A 92 1.43 -15.40 4.31
N SER A 93 1.14 -16.36 3.44
CA SER A 93 1.64 -16.33 2.08
C SER A 93 0.57 -15.81 1.11
N CYS A 94 1.02 -15.36 -0.05
CA CYS A 94 0.10 -14.83 -1.06
C CYS A 94 0.79 -14.73 -2.42
N THR A 95 0.02 -14.92 -3.48
CA THR A 95 0.56 -14.84 -4.84
C THR A 95 0.87 -13.40 -5.23
N SER A 96 -0.09 -12.51 -4.97
CA SER A 96 0.09 -11.10 -5.31
C SER A 96 -0.12 -10.22 -4.07
N LEU A 97 0.36 -8.99 -4.13
CA LEU A 97 0.25 -8.06 -3.03
C LEU A 97 -1.23 -7.78 -2.71
N ASP A 98 -2.02 -7.57 -3.75
CA ASP A 98 -3.45 -7.30 -3.58
C ASP A 98 -4.02 -8.13 -2.44
N ALA A 99 -3.74 -9.43 -2.47
CA ALA A 99 -4.23 -10.34 -1.44
C ALA A 99 -3.70 -9.95 -0.06
N VAL A 100 -2.42 -9.63 0.01
CA VAL A 100 -1.80 -9.23 1.27
C VAL A 100 -2.57 -8.11 1.94
N VAL A 101 -3.01 -7.14 1.14
CA VAL A 101 -3.78 -6.01 1.65
C VAL A 101 -5.07 -6.46 2.32
N ASN A 102 -5.75 -7.41 1.68
CA ASN A 102 -7.00 -7.93 2.21
C ASN A 102 -6.78 -8.60 3.57
N TYR A 103 -5.71 -9.39 3.67
CA TYR A 103 -5.39 -10.08 4.92
C TYR A 103 -5.59 -9.16 6.12
N PHE A 104 -4.98 -7.98 6.06
CA PHE A 104 -5.08 -7.01 7.14
C PHE A 104 -6.54 -6.62 7.37
N VAL A 105 -7.24 -6.31 6.29
CA VAL A 105 -8.64 -5.92 6.37
C VAL A 105 -9.41 -6.81 7.35
N SER A 106 -9.23 -8.12 7.20
CA SER A 106 -9.91 -9.07 8.07
C SER A 106 -9.21 -9.17 9.43
N HIS A 107 -7.89 -9.26 9.40
CA HIS A 107 -7.10 -9.36 10.63
C HIS A 107 -7.48 -8.23 11.59
N THR A 108 -7.15 -7.00 11.23
CA THR A 108 -7.45 -5.84 12.05
C THR A 108 -8.83 -5.96 12.68
N LYS A 109 -8.90 -5.87 14.00
CA LYS A 109 -10.16 -5.95 14.72
C LYS A 109 -11.15 -4.91 14.21
N LYS A 110 -10.68 -3.67 14.10
CA LYS A 110 -11.52 -2.58 13.63
C LYS A 110 -11.33 -2.35 12.13
N ALA A 111 -12.44 -2.13 11.43
CA ALA A 111 -12.39 -1.89 10.00
C ALA A 111 -11.26 -0.93 9.63
N LEU A 112 -10.34 -1.42 8.80
CA LEU A 112 -9.20 -0.60 8.37
C LEU A 112 -9.36 -0.16 6.92
N VAL A 113 -9.04 1.11 6.65
CA VAL A 113 -9.16 1.67 5.32
C VAL A 113 -7.78 1.86 4.69
N PRO A 114 -7.62 1.41 3.44
CA PRO A 114 -6.36 1.53 2.70
C PRO A 114 -6.06 2.97 2.31
N PHE A 115 -4.79 3.23 1.98
CA PHE A 115 -4.36 4.57 1.59
C PHE A 115 -4.02 4.62 0.11
N LEU A 116 -4.66 5.53 -0.60
CA LEU A 116 -4.42 5.69 -2.04
C LEU A 116 -4.35 7.16 -2.42
N LEU A 117 -3.32 7.53 -3.18
CA LEU A 117 -3.14 8.91 -3.62
C LEU A 117 -2.77 8.96 -5.10
N ASP A 118 -3.73 9.37 -5.92
CA ASP A 118 -3.51 9.48 -7.36
C ASP A 118 -2.27 10.31 -7.66
N GLY A 1 11.36 29.43 -42.14
CA GLY A 1 10.18 28.99 -41.41
C GLY A 1 9.90 27.52 -41.61
N SER A 2 9.69 26.80 -40.50
CA SER A 2 9.41 25.37 -40.55
C SER A 2 8.34 24.99 -39.55
N SER A 3 7.55 23.98 -39.88
CA SER A 3 6.47 23.51 -39.00
C SER A 3 5.97 22.15 -39.45
N GLY A 4 5.41 21.39 -38.51
CA GLY A 4 4.89 20.07 -38.82
C GLY A 4 4.46 19.31 -37.58
N SER A 5 3.19 19.44 -37.21
CA SER A 5 2.66 18.77 -36.03
C SER A 5 1.16 18.52 -36.18
N SER A 6 0.66 17.50 -35.48
CA SER A 6 -0.76 17.16 -35.53
C SER A 6 -1.12 16.18 -34.43
N GLY A 7 -2.29 16.39 -33.81
CA GLY A 7 -2.73 15.51 -32.74
C GLY A 7 -3.51 16.25 -31.68
N GLU A 8 -4.49 17.04 -32.11
CA GLU A 8 -5.32 17.80 -31.19
C GLU A 8 -6.16 16.87 -30.31
N VAL A 9 -6.12 15.57 -30.62
CA VAL A 9 -6.86 14.59 -29.86
C VAL A 9 -6.05 13.31 -29.66
N LEU A 10 -5.67 13.06 -28.41
CA LEU A 10 -4.89 11.87 -28.07
C LEU A 10 -5.35 11.28 -26.75
N ALA A 11 -6.02 10.13 -26.82
CA ALA A 11 -6.51 9.46 -25.63
C ALA A 11 -6.18 7.98 -25.66
N LYS A 12 -5.46 7.56 -26.70
CA LYS A 12 -5.08 6.16 -26.85
C LYS A 12 -3.84 5.84 -26.03
N GLU A 13 -3.51 6.72 -25.09
CA GLU A 13 -2.36 6.54 -24.23
C GLU A 13 -2.78 6.30 -22.77
N GLU A 14 -2.11 5.35 -22.12
CA GLU A 14 -2.41 5.03 -20.74
C GLU A 14 -1.40 4.03 -20.17
N ALA A 15 -1.39 3.89 -18.85
CA ALA A 15 -0.48 2.97 -18.20
C ALA A 15 -1.24 1.98 -17.32
N ARG A 16 -1.58 0.82 -17.90
CA ARG A 16 -2.31 -0.21 -17.17
C ARG A 16 -1.35 -1.24 -16.59
N ARG A 17 -0.08 -0.87 -16.46
CA ARG A 17 0.93 -1.76 -15.92
C ARG A 17 0.94 -1.73 -14.40
N ALA A 18 -0.21 -1.39 -13.81
CA ALA A 18 -0.34 -1.33 -12.36
C ALA A 18 -1.29 -2.40 -11.85
N LEU A 19 -0.84 -3.64 -11.85
CA LEU A 19 -1.65 -4.76 -11.38
C LEU A 19 -0.95 -5.52 -10.26
N GLU A 20 0.38 -5.65 -10.39
CA GLU A 20 1.18 -6.36 -9.39
C GLU A 20 0.88 -5.83 -8.00
N THR A 21 0.89 -4.51 -7.86
CA THR A 21 0.64 -3.88 -6.56
C THR A 21 -0.78 -3.34 -6.49
N PRO A 22 -1.35 -3.31 -5.27
CA PRO A 22 -2.71 -2.82 -5.04
C PRO A 22 -2.82 -1.31 -5.24
N SER A 23 -4.04 -0.84 -5.45
CA SER A 23 -4.28 0.60 -5.66
C SER A 23 -4.00 1.38 -4.38
N CYS A 24 -4.26 0.76 -3.24
CA CYS A 24 -4.03 1.40 -1.94
C CYS A 24 -2.55 1.68 -1.73
N PHE A 25 -1.70 0.96 -2.47
CA PHE A 25 -0.26 1.13 -2.35
C PHE A 25 0.19 2.43 -3.01
N LEU A 26 1.32 2.95 -2.53
CA LEU A 26 1.86 4.21 -3.07
C LEU A 26 3.37 4.25 -2.90
N LYS A 27 4.03 5.00 -3.78
CA LYS A 27 5.49 5.14 -3.73
C LYS A 27 5.89 6.40 -2.96
N VAL A 28 6.36 6.21 -1.73
CA VAL A 28 6.78 7.32 -0.90
C VAL A 28 7.88 6.90 0.08
N SER A 29 8.64 7.88 0.56
CA SER A 29 9.72 7.61 1.51
C SER A 29 9.17 7.14 2.85
N ARG A 30 10.07 6.87 3.78
CA ARG A 30 9.67 6.42 5.12
C ARG A 30 8.93 7.51 5.86
N LEU A 31 9.30 8.76 5.59
CA LEU A 31 8.67 9.91 6.25
C LEU A 31 7.46 10.39 5.44
N GLU A 32 7.68 10.61 4.14
CA GLU A 32 6.61 11.07 3.27
C GLU A 32 5.32 10.30 3.53
N ALA A 33 5.46 9.04 3.91
CA ALA A 33 4.30 8.19 4.19
C ALA A 33 3.71 8.51 5.56
N GLN A 34 4.55 8.55 6.58
CA GLN A 34 4.12 8.84 7.94
C GLN A 34 3.30 10.13 7.97
N LEU A 35 3.83 11.17 7.33
CA LEU A 35 3.16 12.46 7.29
C LEU A 35 1.85 12.38 6.52
N LEU A 36 1.86 11.58 5.45
CA LEU A 36 0.67 11.41 4.62
C LEU A 36 -0.51 10.95 5.46
N LEU A 37 -0.23 10.39 6.63
CA LEU A 37 -1.28 9.91 7.53
C LEU A 37 -1.89 11.06 8.32
N GLU A 38 -1.08 11.68 9.18
CA GLU A 38 -1.55 12.80 9.98
C GLU A 38 -2.22 13.86 9.12
N ARG A 39 -1.81 13.93 7.86
CA ARG A 39 -2.38 14.89 6.93
C ARG A 39 -3.79 14.49 6.50
N TYR A 40 -3.95 13.21 6.18
CA TYR A 40 -5.25 12.69 5.75
C TYR A 40 -5.64 11.48 6.60
N PRO A 41 -6.19 11.76 7.79
CA PRO A 41 -6.63 10.71 8.72
C PRO A 41 -7.88 9.98 8.22
N GLU A 42 -8.67 10.67 7.40
CA GLU A 42 -9.89 10.09 6.86
C GLU A 42 -9.57 9.13 5.72
N CYS A 43 -8.56 9.47 4.93
CA CYS A 43 -8.15 8.64 3.80
C CYS A 43 -7.87 7.20 4.26
N GLY A 44 -7.26 7.07 5.43
CA GLY A 44 -6.95 5.74 5.96
C GLY A 44 -5.68 5.74 6.77
N ASN A 45 -5.40 4.61 7.42
CA ASN A 45 -4.20 4.48 8.24
C ASN A 45 -3.26 3.43 7.66
N LEU A 46 -3.84 2.35 7.12
CA LEU A 46 -3.06 1.28 6.53
C LEU A 46 -2.55 1.67 5.14
N LEU A 47 -1.25 1.92 5.04
CA LEU A 47 -0.64 2.30 3.76
C LEU A 47 0.63 1.49 3.51
N LEU A 48 0.74 0.95 2.31
CA LEU A 48 1.91 0.16 1.94
C LEU A 48 2.91 1.00 1.14
N ARG A 49 4.08 1.23 1.72
CA ARG A 49 5.12 2.02 1.08
C ARG A 49 6.33 1.15 0.73
N PRO A 50 6.99 1.48 -0.38
CA PRO A 50 8.16 0.74 -0.86
C PRO A 50 9.38 0.95 0.04
N SER A 51 10.01 -0.16 0.44
CA SER A 51 11.17 -0.10 1.31
C SER A 51 12.23 -1.09 0.86
N GLY A 52 13.36 -0.57 0.39
CA GLY A 52 14.44 -1.41 -0.08
C GLY A 52 15.29 -0.76 -1.15
N ASP A 53 15.43 -1.43 -2.29
CA ASP A 53 16.21 -0.89 -3.40
C ASP A 53 15.35 -0.74 -4.65
N GLY A 54 14.13 -0.26 -4.48
CA GLY A 54 13.23 -0.08 -5.59
C GLY A 54 12.01 -0.96 -5.50
N ALA A 55 12.04 -2.10 -6.19
CA ALA A 55 10.92 -3.04 -6.18
C ALA A 55 11.35 -4.41 -5.66
N ASP A 56 12.21 -4.40 -4.66
CA ASP A 56 12.71 -5.65 -4.08
C ASP A 56 12.33 -5.74 -2.60
N GLY A 57 11.09 -5.40 -2.29
CA GLY A 57 10.61 -5.45 -0.92
C GLY A 57 9.76 -4.25 -0.55
N VAL A 58 8.65 -4.51 0.13
CA VAL A 58 7.74 -3.45 0.54
C VAL A 58 7.48 -3.50 2.04
N SER A 59 7.15 -2.36 2.62
CA SER A 59 6.87 -2.26 4.04
C SER A 59 5.49 -1.68 4.30
N VAL A 60 4.86 -2.11 5.38
CA VAL A 60 3.53 -1.64 5.74
C VAL A 60 3.59 -0.70 6.94
N THR A 61 2.95 0.47 6.81
CA THR A 61 2.94 1.46 7.87
C THR A 61 1.52 1.72 8.35
N THR A 62 1.21 1.28 9.57
CA THR A 62 -0.10 1.47 10.15
C THR A 62 -0.05 2.40 11.36
N ARG A 63 -1.01 3.30 11.45
CA ARG A 63 -1.08 4.25 12.55
C ARG A 63 -2.51 4.52 12.96
N GLN A 64 -2.88 4.06 14.16
CA GLN A 64 -4.23 4.24 14.67
C GLN A 64 -4.21 4.54 16.16
N MET A 65 -4.97 5.57 16.56
CA MET A 65 -5.03 5.96 17.96
C MET A 65 -5.13 4.74 18.87
N HIS A 66 -4.00 4.35 19.46
CA HIS A 66 -3.97 3.19 20.34
C HIS A 66 -3.45 3.58 21.73
N ASN A 67 -4.22 3.24 22.76
CA ASN A 67 -3.85 3.56 24.13
C ASN A 67 -3.76 5.07 24.34
N GLY A 68 -4.53 5.81 23.54
CA GLY A 68 -4.54 7.26 23.65
C GLY A 68 -3.18 7.86 23.33
N THR A 69 -2.43 7.22 22.44
CA THR A 69 -1.12 7.70 22.06
C THR A 69 -0.87 7.48 20.58
N HIS A 70 0.13 8.16 20.03
CA HIS A 70 0.48 8.04 18.62
C HIS A 70 1.54 6.97 18.41
N VAL A 71 1.11 5.80 17.97
CA VAL A 71 2.02 4.68 17.72
C VAL A 71 2.22 4.45 16.23
N VAL A 72 3.46 4.23 15.82
CA VAL A 72 3.78 3.99 14.42
C VAL A 72 4.72 2.80 14.27
N ARG A 73 4.19 1.68 13.78
CA ARG A 73 4.99 0.48 13.59
C ARG A 73 5.20 0.20 12.11
N HIS A 74 5.97 -0.84 11.81
CA HIS A 74 6.25 -1.22 10.42
C HIS A 74 6.35 -2.73 10.28
N TYR A 75 5.70 -3.27 9.26
CA TYR A 75 5.72 -4.71 9.02
C TYR A 75 6.54 -5.04 7.77
N LYS A 76 7.33 -6.10 7.87
CA LYS A 76 8.18 -6.54 6.76
C LYS A 76 7.47 -7.58 5.91
N VAL A 77 7.99 -7.82 4.71
CA VAL A 77 7.40 -8.81 3.81
C VAL A 77 8.48 -9.71 3.22
N LYS A 78 8.37 -11.01 3.48
CA LYS A 78 9.32 -11.98 2.97
C LYS A 78 9.06 -12.31 1.51
N ARG A 79 10.12 -12.53 0.75
CA ARG A 79 9.99 -12.85 -0.67
C ARG A 79 10.27 -14.33 -0.92
N GLU A 80 9.20 -15.12 -1.03
CA GLU A 80 9.33 -16.55 -1.27
C GLU A 80 8.58 -16.96 -2.53
N GLY A 81 9.15 -16.63 -3.68
CA GLY A 81 8.50 -16.98 -4.94
C GLY A 81 7.37 -16.04 -5.29
N PRO A 82 6.36 -16.58 -5.99
CA PRO A 82 5.18 -15.80 -6.39
C PRO A 82 4.29 -15.42 -5.21
N LYS A 83 4.57 -16.02 -4.06
CA LYS A 83 3.80 -15.74 -2.85
C LYS A 83 4.54 -14.77 -1.95
N TYR A 84 3.78 -14.00 -1.16
CA TYR A 84 4.37 -13.03 -0.25
C TYR A 84 4.04 -13.37 1.20
N VAL A 85 4.97 -14.03 1.87
CA VAL A 85 4.79 -14.42 3.27
C VAL A 85 4.91 -13.23 4.19
N ILE A 86 3.91 -13.03 5.04
CA ILE A 86 3.92 -11.91 5.98
C ILE A 86 4.91 -12.15 7.12
N ASP A 87 5.32 -11.07 7.76
CA ASP A 87 6.27 -11.16 8.87
C ASP A 87 5.53 -11.40 10.19
N VAL A 88 4.55 -12.29 10.16
CA VAL A 88 3.77 -12.61 11.36
C VAL A 88 4.21 -13.95 11.94
N GLU A 89 3.71 -14.25 13.15
CA GLU A 89 4.05 -15.50 13.81
C GLU A 89 4.12 -16.65 12.82
N GLN A 90 3.12 -16.75 11.96
CA GLN A 90 3.08 -17.80 10.95
C GLN A 90 3.22 -17.23 9.54
N PRO A 91 3.97 -17.94 8.69
CA PRO A 91 4.21 -17.51 7.30
C PRO A 91 2.95 -17.62 6.44
N PHE A 92 2.16 -16.54 6.44
CA PHE A 92 0.92 -16.51 5.65
C PHE A 92 1.22 -16.24 4.18
N SER A 93 0.98 -17.24 3.34
CA SER A 93 1.23 -17.11 1.91
C SER A 93 0.01 -16.51 1.21
N CYS A 94 0.26 -15.79 0.12
CA CYS A 94 -0.81 -15.17 -0.64
C CYS A 94 -0.49 -15.17 -2.14
N THR A 95 -1.51 -14.95 -2.96
CA THR A 95 -1.34 -14.94 -4.41
C THR A 95 -0.61 -13.67 -4.87
N SER A 96 -0.95 -12.54 -4.25
CA SER A 96 -0.33 -11.27 -4.60
C SER A 96 -0.47 -10.27 -3.45
N LEU A 97 0.15 -9.11 -3.62
CA LEU A 97 0.09 -8.06 -2.61
C LEU A 97 -1.35 -7.80 -2.16
N ASP A 98 -2.25 -7.70 -3.13
CA ASP A 98 -3.66 -7.46 -2.84
C ASP A 98 -4.09 -8.20 -1.58
N ALA A 99 -3.94 -9.53 -1.60
CA ALA A 99 -4.31 -10.35 -0.46
C ALA A 99 -3.75 -9.78 0.85
N VAL A 100 -2.44 -9.58 0.88
CA VAL A 100 -1.78 -9.03 2.06
C VAL A 100 -2.61 -7.93 2.70
N VAL A 101 -3.16 -7.05 1.87
CA VAL A 101 -3.98 -5.96 2.34
C VAL A 101 -5.23 -6.47 3.06
N ASN A 102 -5.80 -7.54 2.54
CA ASN A 102 -6.99 -8.14 3.13
C ASN A 102 -6.65 -8.93 4.39
N TYR A 103 -5.66 -9.81 4.27
CA TYR A 103 -5.22 -10.63 5.39
C TYR A 103 -5.21 -9.82 6.69
N PHE A 104 -4.50 -8.70 6.67
CA PHE A 104 -4.41 -7.84 7.84
C PHE A 104 -5.80 -7.37 8.28
N VAL A 105 -6.52 -6.72 7.37
CA VAL A 105 -7.85 -6.22 7.66
C VAL A 105 -8.62 -7.21 8.54
N SER A 106 -8.74 -8.44 8.09
CA SER A 106 -9.46 -9.48 8.83
C SER A 106 -8.71 -9.83 10.11
N HIS A 107 -7.41 -10.08 9.98
CA HIS A 107 -6.58 -10.44 11.13
C HIS A 107 -6.93 -9.57 12.34
N THR A 108 -6.70 -8.27 12.21
CA THR A 108 -6.97 -7.33 13.29
C THR A 108 -8.45 -7.35 13.67
N LYS A 109 -8.73 -7.29 14.96
CA LYS A 109 -10.11 -7.30 15.45
C LYS A 109 -10.95 -6.27 14.70
N LYS A 110 -10.70 -4.99 14.96
CA LYS A 110 -11.44 -3.91 14.31
C LYS A 110 -11.22 -3.94 12.81
N ALA A 111 -12.22 -3.48 12.06
CA ALA A 111 -12.13 -3.44 10.60
C ALA A 111 -11.18 -2.33 10.14
N LEU A 112 -9.94 -2.69 9.87
CA LEU A 112 -8.94 -1.72 9.42
C LEU A 112 -9.33 -1.13 8.07
N VAL A 113 -8.84 0.07 7.79
CA VAL A 113 -9.14 0.75 6.54
C VAL A 113 -7.86 1.15 5.82
N PRO A 114 -7.76 0.77 4.53
CA PRO A 114 -6.59 1.07 3.71
C PRO A 114 -6.49 2.55 3.37
N PHE A 115 -5.29 3.00 3.02
CA PHE A 115 -5.05 4.40 2.67
C PHE A 115 -4.86 4.56 1.18
N LEU A 116 -5.61 5.49 0.58
CA LEU A 116 -5.51 5.75 -0.85
C LEU A 116 -5.49 7.25 -1.14
N LEU A 117 -4.85 7.62 -2.23
CA LEU A 117 -4.75 9.02 -2.62
C LEU A 117 -4.96 9.19 -4.13
N ASP A 118 -6.12 9.70 -4.52
CA ASP A 118 -6.44 9.92 -5.92
C ASP A 118 -5.40 10.82 -6.58
N GLY A 1 -17.95 34.56 -31.33
CA GLY A 1 -18.00 33.11 -31.44
C GLY A 1 -17.15 32.42 -30.40
N SER A 2 -17.00 31.11 -30.54
CA SER A 2 -16.21 30.33 -29.59
C SER A 2 -16.00 28.90 -30.11
N SER A 3 -14.81 28.37 -29.88
CA SER A 3 -14.48 27.01 -30.33
C SER A 3 -13.38 26.41 -29.46
N GLY A 4 -13.04 25.15 -29.73
CA GLY A 4 -12.01 24.48 -28.96
C GLY A 4 -11.77 23.06 -29.44
N SER A 5 -10.58 22.53 -29.15
CA SER A 5 -10.23 21.18 -29.56
C SER A 5 -10.31 20.21 -28.37
N SER A 6 -10.13 18.93 -28.65
CA SER A 6 -10.18 17.91 -27.61
C SER A 6 -8.99 16.96 -27.71
N GLY A 7 -8.58 16.41 -26.58
CA GLY A 7 -7.46 15.50 -26.57
C GLY A 7 -6.42 15.87 -25.52
N GLU A 8 -6.00 17.12 -25.54
CA GLU A 8 -5.00 17.61 -24.59
C GLU A 8 -5.53 17.54 -23.16
N VAL A 9 -6.81 17.20 -23.03
CA VAL A 9 -7.44 17.10 -21.71
C VAL A 9 -7.56 15.64 -21.28
N LEU A 10 -7.63 14.75 -22.25
CA LEU A 10 -7.76 13.31 -21.97
C LEU A 10 -6.64 12.85 -21.03
N ALA A 11 -6.96 12.72 -19.75
CA ALA A 11 -5.99 12.29 -18.75
C ALA A 11 -6.41 10.96 -18.13
N LYS A 12 -7.50 10.38 -18.63
CA LYS A 12 -8.00 9.12 -18.13
C LYS A 12 -7.24 7.94 -18.73
N GLU A 13 -5.93 8.11 -18.89
CA GLU A 13 -5.08 7.07 -19.45
C GLU A 13 -3.64 7.21 -18.97
N GLU A 14 -3.10 6.13 -18.42
CA GLU A 14 -1.73 6.13 -17.91
C GLU A 14 -1.10 4.74 -18.02
N ALA A 15 0.22 4.69 -17.96
CA ALA A 15 0.95 3.43 -18.04
C ALA A 15 1.97 3.30 -16.93
N ARG A 16 1.57 2.67 -15.83
CA ARG A 16 2.46 2.48 -14.69
C ARG A 16 2.81 1.01 -14.50
N ARG A 17 2.02 0.14 -15.13
CA ARG A 17 2.23 -1.30 -15.02
C ARG A 17 2.23 -1.74 -13.56
N ALA A 18 1.30 -1.22 -12.79
CA ALA A 18 1.20 -1.56 -11.38
C ALA A 18 -0.11 -2.29 -11.08
N LEU A 19 -0.40 -3.31 -11.88
CA LEU A 19 -1.62 -4.10 -11.70
C LEU A 19 -1.43 -5.16 -10.62
N GLU A 20 -0.21 -5.66 -10.49
CA GLU A 20 0.10 -6.69 -9.49
C GLU A 20 -0.22 -6.18 -8.09
N THR A 21 0.15 -4.93 -7.82
CA THR A 21 -0.10 -4.33 -6.51
C THR A 21 -1.46 -3.66 -6.46
N PRO A 22 -2.05 -3.59 -5.25
CA PRO A 22 -3.36 -2.97 -5.05
C PRO A 22 -3.32 -1.46 -5.22
N SER A 23 -4.40 -0.90 -5.76
CA SER A 23 -4.50 0.53 -5.98
C SER A 23 -4.03 1.30 -4.75
N CYS A 24 -4.58 0.94 -3.59
CA CYS A 24 -4.23 1.60 -2.34
C CYS A 24 -2.73 1.83 -2.25
N PHE A 25 -1.96 0.94 -2.88
CA PHE A 25 -0.51 1.05 -2.87
C PHE A 25 -0.06 2.38 -3.46
N LEU A 26 1.10 2.85 -3.00
CA LEU A 26 1.65 4.12 -3.49
C LEU A 26 3.17 4.13 -3.39
N LYS A 27 3.81 4.90 -4.26
CA LYS A 27 5.27 4.99 -4.27
C LYS A 27 5.74 6.23 -3.51
N VAL A 28 6.25 6.01 -2.30
CA VAL A 28 6.73 7.11 -1.47
C VAL A 28 7.86 6.65 -0.56
N SER A 29 8.46 7.60 0.16
CA SER A 29 9.57 7.29 1.06
C SER A 29 9.05 6.77 2.39
N ARG A 30 9.96 6.27 3.22
CA ARG A 30 9.60 5.72 4.52
C ARG A 30 8.96 6.80 5.40
N LEU A 31 9.40 8.04 5.23
CA LEU A 31 8.87 9.15 6.00
C LEU A 31 7.60 9.70 5.38
N GLU A 32 7.63 9.86 4.06
CA GLU A 32 6.46 10.38 3.33
C GLU A 32 5.21 9.59 3.68
N ALA A 33 5.35 8.27 3.72
CA ALA A 33 4.23 7.39 4.05
C ALA A 33 3.68 7.70 5.43
N GLN A 34 4.56 8.06 6.36
CA GLN A 34 4.16 8.38 7.72
C GLN A 34 3.32 9.65 7.76
N LEU A 35 3.86 10.73 7.21
CA LEU A 35 3.14 12.01 7.18
C LEU A 35 1.86 11.90 6.35
N LEU A 36 1.92 11.12 5.28
CA LEU A 36 0.77 10.93 4.40
C LEU A 36 -0.49 10.63 5.22
N LEU A 37 -0.29 10.07 6.41
CA LEU A 37 -1.41 9.74 7.29
C LEU A 37 -2.05 11.00 7.85
N GLU A 38 -1.27 11.80 8.56
CA GLU A 38 -1.77 13.03 9.14
C GLU A 38 -2.38 13.94 8.07
N ARG A 39 -1.75 13.96 6.90
CA ARG A 39 -2.24 14.78 5.79
C ARG A 39 -3.59 14.28 5.29
N TYR A 40 -3.69 12.98 5.06
CA TYR A 40 -4.93 12.39 4.58
C TYR A 40 -5.43 11.32 5.55
N PRO A 41 -5.96 11.77 6.69
CA PRO A 41 -6.50 10.88 7.73
C PRO A 41 -7.77 10.19 7.29
N GLU A 42 -8.65 10.93 6.61
CA GLU A 42 -9.91 10.40 6.14
C GLU A 42 -9.68 9.32 5.08
N CYS A 43 -8.98 9.68 4.02
CA CYS A 43 -8.70 8.74 2.94
C CYS A 43 -8.50 7.33 3.47
N GLY A 44 -7.61 7.20 4.46
CA GLY A 44 -7.34 5.90 5.04
C GLY A 44 -6.16 5.93 5.99
N ASN A 45 -5.79 4.76 6.50
CA ASN A 45 -4.67 4.65 7.43
C ASN A 45 -3.72 3.52 7.01
N LEU A 46 -4.30 2.41 6.56
CA LEU A 46 -3.51 1.26 6.14
C LEU A 46 -2.92 1.50 4.75
N LEU A 47 -1.70 2.00 4.71
CA LEU A 47 -1.03 2.28 3.44
C LEU A 47 0.12 1.29 3.22
N LEU A 48 0.61 1.24 1.98
CA LEU A 48 1.71 0.34 1.64
C LEU A 48 2.81 1.09 0.89
N ARG A 49 3.96 1.23 1.54
CA ARG A 49 5.10 1.93 0.94
C ARG A 49 6.17 0.95 0.51
N PRO A 50 6.84 1.25 -0.62
CA PRO A 50 7.90 0.40 -1.17
C PRO A 50 9.16 0.41 -0.31
N SER A 51 9.77 -0.75 -0.14
CA SER A 51 10.98 -0.87 0.67
C SER A 51 12.09 0.02 0.12
N GLY A 52 12.92 0.54 1.02
CA GLY A 52 14.01 1.41 0.61
C GLY A 52 14.82 0.82 -0.52
N ASP A 53 15.16 -0.46 -0.42
CA ASP A 53 15.93 -1.14 -1.44
C ASP A 53 15.45 -0.76 -2.83
N GLY A 54 14.14 -0.81 -3.03
CA GLY A 54 13.56 -0.48 -4.31
C GLY A 54 12.55 -1.52 -4.79
N ALA A 55 13.04 -2.68 -5.20
CA ALA A 55 12.18 -3.76 -5.68
C ALA A 55 12.50 -5.07 -4.98
N ASP A 56 12.75 -5.01 -3.68
CA ASP A 56 13.08 -6.20 -2.90
C ASP A 56 12.13 -6.35 -1.73
N GLY A 57 10.84 -6.13 -1.97
CA GLY A 57 9.84 -6.25 -0.93
C GLY A 57 9.10 -4.95 -0.68
N VAL A 58 7.94 -5.05 -0.03
CA VAL A 58 7.14 -3.87 0.27
C VAL A 58 6.84 -3.78 1.77
N SER A 59 6.78 -2.55 2.27
CA SER A 59 6.51 -2.32 3.68
C SER A 59 5.06 -1.89 3.89
N VAL A 60 4.50 -2.28 5.03
CA VAL A 60 3.11 -1.94 5.37
C VAL A 60 3.06 -1.01 6.57
N THR A 61 2.65 0.23 6.33
CA THR A 61 2.54 1.22 7.39
C THR A 61 1.10 1.41 7.83
N THR A 62 0.86 1.32 9.14
CA THR A 62 -0.48 1.49 9.68
C THR A 62 -0.45 2.26 11.00
N ARG A 63 -1.36 3.22 11.13
CA ARG A 63 -1.43 4.03 12.34
C ARG A 63 -2.85 4.00 12.93
N GLN A 64 -3.05 3.12 13.91
CA GLN A 64 -4.35 2.99 14.56
C GLN A 64 -4.40 3.78 15.86
N MET A 65 -5.59 4.24 16.23
CA MET A 65 -5.77 5.01 17.45
C MET A 65 -5.73 4.10 18.68
N HIS A 66 -4.63 4.18 19.43
CA HIS A 66 -4.46 3.36 20.63
C HIS A 66 -3.90 4.21 21.78
N ASN A 67 -4.26 3.83 23.01
CA ASN A 67 -3.79 4.55 24.18
C ASN A 67 -3.95 6.05 24.01
N GLY A 68 -4.98 6.45 23.28
CA GLY A 68 -5.23 7.87 23.04
C GLY A 68 -3.98 8.60 22.58
N THR A 69 -3.11 7.89 21.86
CA THR A 69 -1.88 8.48 21.37
C THR A 69 -1.56 8.00 19.95
N HIS A 70 -1.16 8.93 19.09
CA HIS A 70 -0.84 8.60 17.71
C HIS A 70 0.40 7.71 17.64
N VAL A 71 0.20 6.48 17.17
CA VAL A 71 1.31 5.53 17.05
C VAL A 71 1.33 4.88 15.68
N VAL A 72 2.51 4.81 15.08
CA VAL A 72 2.67 4.21 13.76
C VAL A 72 3.51 2.93 13.83
N ARG A 73 3.01 1.87 13.22
CA ARG A 73 3.72 0.59 13.21
C ARG A 73 4.24 0.26 11.82
N HIS A 74 5.02 -0.80 11.72
CA HIS A 74 5.59 -1.22 10.45
C HIS A 74 5.67 -2.75 10.36
N TYR A 75 5.53 -3.28 9.15
CA TYR A 75 5.58 -4.72 8.93
C TYR A 75 6.39 -5.06 7.69
N LYS A 76 6.99 -6.24 7.68
CA LYS A 76 7.79 -6.69 6.55
C LYS A 76 7.14 -7.88 5.86
N VAL A 77 7.33 -7.98 4.55
CA VAL A 77 6.76 -9.08 3.77
C VAL A 77 7.82 -9.74 2.90
N LYS A 78 8.26 -10.92 3.32
CA LYS A 78 9.28 -11.67 2.58
C LYS A 78 8.72 -12.18 1.25
N ARG A 79 9.61 -12.39 0.28
CA ARG A 79 9.21 -12.88 -1.03
C ARG A 79 9.76 -14.27 -1.28
N GLU A 80 8.87 -15.26 -1.27
CA GLU A 80 9.27 -16.65 -1.49
C GLU A 80 8.45 -17.27 -2.63
N GLY A 81 9.05 -17.34 -3.81
CA GLY A 81 8.37 -17.91 -4.95
C GLY A 81 7.27 -17.01 -5.48
N PRO A 82 6.30 -17.60 -6.19
CA PRO A 82 5.18 -16.86 -6.78
C PRO A 82 4.22 -16.34 -5.72
N LYS A 83 4.51 -16.66 -4.46
CA LYS A 83 3.66 -16.22 -3.35
C LYS A 83 4.47 -15.41 -2.34
N TYR A 84 3.78 -14.71 -1.45
CA TYR A 84 4.43 -13.91 -0.43
C TYR A 84 4.17 -14.46 0.97
N VAL A 85 5.04 -14.11 1.91
CA VAL A 85 4.91 -14.57 3.28
C VAL A 85 5.09 -13.42 4.27
N ILE A 86 4.06 -13.19 5.08
CA ILE A 86 4.11 -12.12 6.07
C ILE A 86 5.08 -12.46 7.20
N ASP A 87 5.60 -11.42 7.84
CA ASP A 87 6.55 -11.60 8.95
C ASP A 87 5.82 -11.67 10.28
N VAL A 88 4.74 -12.44 10.32
CA VAL A 88 3.95 -12.60 11.54
C VAL A 88 4.21 -13.95 12.19
N GLU A 89 3.49 -14.23 13.27
CA GLU A 89 3.64 -15.49 13.99
C GLU A 89 3.79 -16.66 13.02
N GLN A 90 2.88 -16.73 12.05
CA GLN A 90 2.91 -17.80 11.06
C GLN A 90 3.05 -17.23 9.66
N PRO A 91 3.84 -17.92 8.81
CA PRO A 91 4.08 -17.50 7.43
C PRO A 91 2.84 -17.65 6.56
N PHE A 92 2.06 -16.58 6.45
CA PHE A 92 0.84 -16.61 5.64
C PHE A 92 1.17 -16.49 4.16
N SER A 93 0.91 -17.55 3.41
CA SER A 93 1.19 -17.58 1.98
C SER A 93 0.00 -17.03 1.20
N CYS A 94 0.29 -16.12 0.27
CA CYS A 94 -0.75 -15.52 -0.56
C CYS A 94 -0.40 -15.61 -2.04
N THR A 95 -1.31 -15.15 -2.89
CA THR A 95 -1.10 -15.18 -4.33
C THR A 95 -0.74 -13.79 -4.87
N SER A 96 -1.45 -12.77 -4.38
CA SER A 96 -1.21 -11.41 -4.81
C SER A 96 -1.12 -10.47 -3.61
N LEU A 97 -0.71 -9.23 -3.87
CA LEU A 97 -0.57 -8.24 -2.81
C LEU A 97 -1.93 -7.85 -2.25
N ASP A 98 -2.89 -7.63 -3.12
CA ASP A 98 -4.24 -7.26 -2.71
C ASP A 98 -4.64 -7.99 -1.44
N ALA A 99 -4.65 -9.31 -1.50
CA ALA A 99 -5.02 -10.13 -0.35
C ALA A 99 -4.33 -9.64 0.92
N VAL A 100 -3.00 -9.62 0.89
CA VAL A 100 -2.21 -9.16 2.03
C VAL A 100 -2.88 -7.98 2.72
N VAL A 101 -3.10 -6.90 1.95
CA VAL A 101 -3.73 -5.70 2.49
C VAL A 101 -4.94 -6.05 3.34
N ASN A 102 -5.75 -7.00 2.86
CA ASN A 102 -6.94 -7.41 3.59
C ASN A 102 -6.58 -8.30 4.78
N TYR A 103 -5.58 -9.15 4.59
CA TYR A 103 -5.13 -10.04 5.66
C TYR A 103 -4.82 -9.27 6.93
N PHE A 104 -3.75 -8.48 6.89
CA PHE A 104 -3.33 -7.68 8.04
C PHE A 104 -4.55 -7.11 8.76
N VAL A 105 -5.35 -6.34 8.04
CA VAL A 105 -6.55 -5.73 8.61
C VAL A 105 -7.21 -6.66 9.62
N SER A 106 -7.37 -7.92 9.24
CA SER A 106 -7.99 -8.91 10.11
C SER A 106 -6.98 -9.45 11.12
N HIS A 107 -5.74 -9.67 10.66
CA HIS A 107 -4.68 -10.18 11.52
C HIS A 107 -4.74 -9.52 12.90
N THR A 108 -4.38 -8.25 12.95
CA THR A 108 -4.38 -7.50 14.19
C THR A 108 -5.75 -6.87 14.46
N LYS A 109 -6.25 -6.13 13.47
CA LYS A 109 -7.54 -5.48 13.60
C LYS A 109 -8.66 -6.34 13.03
N LYS A 110 -9.87 -5.80 13.00
CA LYS A 110 -11.02 -6.53 12.47
C LYS A 110 -11.61 -5.82 11.25
N ALA A 111 -11.55 -4.49 11.28
CA ALA A 111 -12.08 -3.70 10.17
C ALA A 111 -11.39 -2.34 10.09
N LEU A 112 -10.51 -2.19 9.10
CA LEU A 112 -9.79 -0.94 8.92
C LEU A 112 -10.04 -0.35 7.54
N VAL A 113 -9.37 0.76 7.24
CA VAL A 113 -9.53 1.41 5.94
C VAL A 113 -8.18 1.66 5.28
N PRO A 114 -8.03 1.17 4.05
CA PRO A 114 -6.79 1.32 3.27
C PRO A 114 -6.55 2.76 2.84
N PHE A 115 -5.29 3.15 2.74
CA PHE A 115 -4.92 4.50 2.33
C PHE A 115 -4.70 4.57 0.83
N LEU A 116 -5.57 5.29 0.14
CA LEU A 116 -5.47 5.44 -1.31
C LEU A 116 -5.17 6.88 -1.69
N LEU A 117 -4.34 7.06 -2.73
CA LEU A 117 -3.97 8.39 -3.18
C LEU A 117 -3.91 8.44 -4.71
N ASP A 118 -4.77 9.27 -5.31
CA ASP A 118 -4.81 9.42 -6.76
C ASP A 118 -3.71 10.36 -7.25
N GLY A 1 -22.82 18.55 -34.17
CA GLY A 1 -21.39 18.76 -34.28
C GLY A 1 -20.60 17.68 -33.57
N SER A 2 -19.39 17.43 -34.04
CA SER A 2 -18.52 16.42 -33.44
C SER A 2 -17.52 17.05 -32.49
N SER A 3 -17.71 16.81 -31.20
CA SER A 3 -16.82 17.37 -30.18
C SER A 3 -15.38 16.93 -30.42
N GLY A 4 -15.19 15.63 -30.60
CA GLY A 4 -13.86 15.10 -30.83
C GLY A 4 -13.45 14.06 -29.81
N SER A 5 -12.60 13.13 -30.21
CA SER A 5 -12.13 12.07 -29.32
C SER A 5 -10.79 11.53 -29.77
N SER A 6 -10.07 10.89 -28.85
CA SER A 6 -8.76 10.32 -29.15
C SER A 6 -8.30 9.40 -28.03
N GLY A 7 -7.10 8.83 -28.20
CA GLY A 7 -6.57 7.94 -27.20
C GLY A 7 -5.78 6.79 -27.80
N GLU A 8 -6.25 6.29 -28.94
CA GLU A 8 -5.58 5.19 -29.61
C GLU A 8 -4.22 5.62 -30.16
N VAL A 9 -3.94 6.92 -30.06
CA VAL A 9 -2.68 7.47 -30.54
C VAL A 9 -1.53 7.12 -29.60
N LEU A 10 -1.84 7.03 -28.31
CA LEU A 10 -0.85 6.70 -27.30
C LEU A 10 -0.30 5.29 -27.52
N ALA A 11 0.98 5.20 -27.86
CA ALA A 11 1.62 3.91 -28.09
C ALA A 11 2.56 3.55 -26.94
N LYS A 12 2.32 2.40 -26.32
CA LYS A 12 3.14 1.93 -25.21
C LYS A 12 3.66 3.11 -24.40
N GLU A 13 2.83 4.15 -24.26
CA GLU A 13 3.21 5.34 -23.50
C GLU A 13 2.78 5.21 -22.04
N GLU A 14 1.50 4.89 -21.84
CA GLU A 14 0.96 4.75 -20.49
C GLU A 14 0.18 3.44 -20.35
N ALA A 15 0.18 2.87 -19.15
CA ALA A 15 -0.53 1.63 -18.89
C ALA A 15 -1.17 1.65 -17.51
N ARG A 16 -2.48 1.43 -17.47
CA ARG A 16 -3.22 1.41 -16.21
C ARG A 16 -3.15 0.04 -15.56
N ARG A 17 -2.14 -0.74 -15.92
CA ARG A 17 -1.96 -2.08 -15.38
C ARG A 17 -1.54 -2.00 -13.91
N ALA A 18 -2.51 -2.08 -13.02
CA ALA A 18 -2.24 -2.03 -11.58
C ALA A 18 -2.57 -3.36 -10.90
N LEU A 19 -2.13 -4.45 -11.52
CA LEU A 19 -2.38 -5.78 -10.99
C LEU A 19 -1.33 -6.15 -9.95
N GLU A 20 -0.06 -6.05 -10.34
CA GLU A 20 1.04 -6.38 -9.44
C GLU A 20 0.80 -5.81 -8.05
N THR A 21 0.26 -4.59 -8.00
CA THR A 21 -0.02 -3.93 -6.73
C THR A 21 -1.41 -3.31 -6.74
N PRO A 22 -2.05 -3.28 -5.55
CA PRO A 22 -3.40 -2.70 -5.40
C PRO A 22 -3.41 -1.19 -5.55
N SER A 23 -4.51 -0.66 -6.05
CA SER A 23 -4.64 0.79 -6.23
C SER A 23 -4.22 1.54 -4.98
N CYS A 24 -4.82 1.19 -3.85
CA CYS A 24 -4.50 1.84 -2.58
C CYS A 24 -3.01 2.13 -2.48
N PHE A 25 -2.19 1.16 -2.87
CA PHE A 25 -0.75 1.31 -2.82
C PHE A 25 -0.32 2.67 -3.35
N LEU A 26 0.85 3.13 -2.93
CA LEU A 26 1.37 4.42 -3.35
C LEU A 26 2.89 4.44 -3.32
N LYS A 27 3.50 5.25 -4.18
CA LYS A 27 4.95 5.36 -4.25
C LYS A 27 5.44 6.56 -3.45
N VAL A 28 6.01 6.31 -2.28
CA VAL A 28 6.52 7.36 -1.42
C VAL A 28 7.67 6.87 -0.55
N SER A 29 8.36 7.80 0.09
CA SER A 29 9.49 7.45 0.95
C SER A 29 9.00 6.88 2.27
N ARG A 30 9.94 6.59 3.17
CA ARG A 30 9.60 6.02 4.48
C ARG A 30 8.75 6.99 5.28
N LEU A 31 9.25 8.21 5.47
CA LEU A 31 8.53 9.23 6.22
C LEU A 31 7.33 9.75 5.43
N GLU A 32 7.57 10.08 4.16
CA GLU A 32 6.51 10.58 3.29
C GLU A 32 5.21 9.83 3.53
N ALA A 33 5.31 8.51 3.66
CA ALA A 33 4.14 7.66 3.89
C ALA A 33 3.52 7.96 5.25
N GLN A 34 4.36 8.20 6.25
CA GLN A 34 3.89 8.48 7.60
C GLN A 34 3.13 9.80 7.64
N LEU A 35 3.75 10.86 7.15
CA LEU A 35 3.12 12.18 7.13
C LEU A 35 1.83 12.15 6.31
N LEU A 36 1.82 11.33 5.27
CA LEU A 36 0.65 11.22 4.41
C LEU A 36 -0.59 10.84 5.22
N LEU A 37 -0.37 10.27 6.39
CA LEU A 37 -1.46 9.85 7.27
C LEU A 37 -2.07 11.06 7.96
N GLU A 38 -1.28 11.72 8.80
CA GLU A 38 -1.75 12.89 9.53
C GLU A 38 -2.27 13.96 8.57
N ARG A 39 -1.80 13.93 7.33
CA ARG A 39 -2.21 14.88 6.32
C ARG A 39 -3.58 14.53 5.76
N TYR A 40 -3.74 13.27 5.37
CA TYR A 40 -5.02 12.81 4.81
C TYR A 40 -5.60 11.69 5.66
N PRO A 41 -6.22 12.06 6.78
CA PRO A 41 -6.84 11.10 7.71
C PRO A 41 -8.08 10.45 7.11
N GLU A 42 -8.95 11.27 6.53
CA GLU A 42 -10.18 10.76 5.93
C GLU A 42 -9.89 9.64 4.94
N CYS A 43 -9.08 9.94 3.93
CA CYS A 43 -8.72 8.96 2.92
C CYS A 43 -8.53 7.58 3.54
N GLY A 44 -7.78 7.53 4.62
CA GLY A 44 -7.53 6.27 5.29
C GLY A 44 -6.19 6.24 6.03
N ASN A 45 -5.94 5.16 6.75
CA ASN A 45 -4.69 5.03 7.50
C ASN A 45 -3.87 3.86 6.96
N LEU A 46 -4.55 2.80 6.55
CA LEU A 46 -3.89 1.62 6.02
C LEU A 46 -3.31 1.89 4.63
N LEU A 47 -2.04 2.27 4.60
CA LEU A 47 -1.37 2.57 3.33
C LEU A 47 -0.16 1.66 3.13
N LEU A 48 0.04 1.21 1.90
CA LEU A 48 1.16 0.34 1.58
C LEU A 48 2.27 1.11 0.86
N ARG A 49 3.35 1.39 1.59
CA ARG A 49 4.47 2.13 1.03
C ARG A 49 5.64 1.18 0.73
N PRO A 50 6.36 1.46 -0.37
CA PRO A 50 7.50 0.66 -0.80
C PRO A 50 8.70 0.81 0.14
N SER A 51 9.34 -0.30 0.48
CA SER A 51 10.50 -0.29 1.36
C SER A 51 11.54 0.73 0.89
N GLY A 52 12.63 0.84 1.63
CA GLY A 52 13.67 1.78 1.27
C GLY A 52 15.01 1.09 1.03
N ASP A 53 15.76 0.88 2.10
CA ASP A 53 17.06 0.23 2.00
C ASP A 53 17.19 -0.89 3.04
N GLY A 54 17.21 -2.13 2.55
CA GLY A 54 17.33 -3.27 3.45
C GLY A 54 16.34 -4.37 3.11
N ALA A 55 15.10 -3.99 2.82
CA ALA A 55 14.06 -4.96 2.48
C ALA A 55 13.89 -5.07 0.97
N ASP A 56 13.75 -3.93 0.31
CA ASP A 56 13.58 -3.89 -1.13
C ASP A 56 12.30 -4.61 -1.54
N GLY A 57 11.24 -4.41 -0.76
CA GLY A 57 9.97 -5.04 -1.07
C GLY A 57 8.80 -4.11 -0.85
N VAL A 58 7.94 -4.46 0.11
CA VAL A 58 6.76 -3.64 0.41
C VAL A 58 6.46 -3.66 1.90
N SER A 59 6.00 -2.53 2.42
CA SER A 59 5.67 -2.41 3.84
C SER A 59 4.28 -1.80 4.02
N VAL A 60 3.59 -2.23 5.07
CA VAL A 60 2.25 -1.73 5.36
C VAL A 60 2.27 -0.79 6.57
N THR A 61 1.99 0.49 6.32
CA THR A 61 1.97 1.48 7.39
C THR A 61 0.55 1.73 7.89
N THR A 62 0.30 1.36 9.14
CA THR A 62 -1.02 1.54 9.72
C THR A 62 -0.94 2.42 10.97
N ARG A 63 -1.71 3.52 10.96
CA ARG A 63 -1.73 4.44 12.09
C ARG A 63 -2.71 3.98 13.15
N GLN A 64 -2.25 3.11 14.05
CA GLN A 64 -3.09 2.60 15.12
C GLN A 64 -2.74 3.24 16.45
N MET A 65 -3.59 3.04 17.45
CA MET A 65 -3.36 3.61 18.77
C MET A 65 -2.84 2.53 19.74
N HIS A 66 -1.70 2.81 20.35
CA HIS A 66 -1.09 1.87 21.30
C HIS A 66 -0.62 2.60 22.55
N ASN A 67 -0.75 1.93 23.69
CA ASN A 67 -0.34 2.52 24.97
C ASN A 67 -0.77 3.98 25.06
N GLY A 68 -1.91 4.30 24.46
CA GLY A 68 -2.41 5.66 24.48
C GLY A 68 -1.37 6.66 24.06
N THR A 69 -0.59 6.31 23.04
CA THR A 69 0.47 7.20 22.54
C THR A 69 0.50 7.19 21.01
N HIS A 70 0.89 8.31 20.43
CA HIS A 70 0.97 8.44 18.98
C HIS A 70 2.17 7.66 18.43
N VAL A 71 1.89 6.55 17.77
CA VAL A 71 2.94 5.71 17.21
C VAL A 71 2.44 5.00 15.94
N VAL A 72 3.31 4.93 14.94
CA VAL A 72 2.97 4.28 13.67
C VAL A 72 3.72 2.97 13.52
N ARG A 73 3.05 1.98 12.94
CA ARG A 73 3.65 0.66 12.74
C ARG A 73 3.88 0.40 11.25
N HIS A 74 4.76 -0.55 10.95
CA HIS A 74 5.07 -0.90 9.57
C HIS A 74 5.33 -2.40 9.43
N TYR A 75 4.43 -3.10 8.77
CA TYR A 75 4.56 -4.54 8.57
C TYR A 75 5.44 -4.84 7.36
N LYS A 76 6.49 -5.63 7.58
CA LYS A 76 7.41 -6.00 6.52
C LYS A 76 6.86 -7.16 5.71
N VAL A 77 7.12 -7.15 4.40
CA VAL A 77 6.65 -8.21 3.52
C VAL A 77 7.82 -8.94 2.87
N LYS A 78 8.08 -10.16 3.32
CA LYS A 78 9.18 -10.96 2.79
C LYS A 78 8.87 -11.40 1.36
N ARG A 79 9.92 -11.48 0.54
CA ARG A 79 9.76 -11.89 -0.86
C ARG A 79 10.25 -13.32 -1.06
N GLU A 80 9.31 -14.24 -1.22
CA GLU A 80 9.64 -15.65 -1.43
C GLU A 80 8.88 -16.21 -2.62
N GLY A 81 9.52 -16.18 -3.79
CA GLY A 81 8.90 -16.70 -5.00
C GLY A 81 7.73 -15.85 -5.45
N PRO A 82 6.81 -16.46 -6.21
CA PRO A 82 5.62 -15.77 -6.72
C PRO A 82 4.63 -15.42 -5.63
N LYS A 83 5.00 -15.73 -4.38
CA LYS A 83 4.14 -15.45 -3.24
C LYS A 83 4.86 -14.58 -2.22
N TYR A 84 4.12 -14.11 -1.22
CA TYR A 84 4.70 -13.27 -0.18
C TYR A 84 4.40 -13.84 1.21
N VAL A 85 5.18 -13.40 2.20
CA VAL A 85 5.01 -13.86 3.57
C VAL A 85 4.94 -12.70 4.54
N ILE A 86 3.89 -12.67 5.36
CA ILE A 86 3.71 -11.60 6.34
C ILE A 86 4.65 -11.78 7.53
N ASP A 87 5.07 -10.66 8.11
CA ASP A 87 5.97 -10.69 9.25
C ASP A 87 5.20 -10.92 10.55
N VAL A 88 4.29 -11.90 10.53
CA VAL A 88 3.49 -12.23 11.70
C VAL A 88 3.87 -13.58 12.27
N GLU A 89 3.29 -13.94 13.41
CA GLU A 89 3.57 -15.21 14.06
C GLU A 89 3.65 -16.33 13.03
N GLN A 90 2.64 -16.41 12.17
CA GLN A 90 2.59 -17.44 11.14
C GLN A 90 2.82 -16.84 9.76
N PRO A 91 3.74 -17.45 9.00
CA PRO A 91 4.08 -16.99 7.65
C PRO A 91 2.95 -17.25 6.65
N PHE A 92 2.02 -16.31 6.56
CA PHE A 92 0.89 -16.43 5.65
C PHE A 92 1.33 -16.24 4.20
N SER A 93 1.21 -17.30 3.40
CA SER A 93 1.59 -17.24 2.00
C SER A 93 0.43 -16.78 1.13
N CYS A 94 0.69 -15.82 0.26
CA CYS A 94 -0.33 -15.29 -0.63
C CYS A 94 0.12 -15.39 -2.09
N THR A 95 -0.79 -15.03 -3.00
CA THR A 95 -0.49 -15.09 -4.43
C THR A 95 -0.10 -13.70 -4.96
N SER A 96 -0.69 -12.66 -4.38
CA SER A 96 -0.41 -11.29 -4.80
C SER A 96 -0.54 -10.34 -3.62
N LEU A 97 0.00 -9.14 -3.78
CA LEU A 97 -0.05 -8.12 -2.73
C LEU A 97 -1.49 -7.89 -2.26
N ASP A 98 -2.40 -7.75 -3.21
CA ASP A 98 -3.81 -7.53 -2.90
C ASP A 98 -4.23 -8.37 -1.69
N ALA A 99 -3.91 -9.66 -1.73
CA ALA A 99 -4.25 -10.56 -0.63
C ALA A 99 -3.79 -10.00 0.71
N VAL A 100 -2.51 -9.62 0.77
CA VAL A 100 -1.94 -9.06 2.00
C VAL A 100 -2.90 -8.06 2.65
N VAL A 101 -3.38 -7.12 1.84
CA VAL A 101 -4.30 -6.10 2.33
C VAL A 101 -5.51 -6.74 3.03
N ASN A 102 -6.14 -7.68 2.33
CA ASN A 102 -7.31 -8.37 2.87
C ASN A 102 -6.96 -9.10 4.16
N TYR A 103 -5.96 -9.97 4.08
CA TYR A 103 -5.53 -10.75 5.24
C TYR A 103 -5.54 -9.89 6.51
N PHE A 104 -4.83 -8.77 6.45
CA PHE A 104 -4.76 -7.85 7.58
C PHE A 104 -6.15 -7.44 8.04
N VAL A 105 -6.86 -6.74 7.17
CA VAL A 105 -8.22 -6.28 7.48
C VAL A 105 -8.96 -7.30 8.34
N SER A 106 -9.10 -8.52 7.82
CA SER A 106 -9.80 -9.58 8.53
C SER A 106 -9.10 -9.88 9.86
N HIS A 107 -7.81 -10.20 9.78
CA HIS A 107 -7.03 -10.51 10.98
C HIS A 107 -7.37 -9.54 12.12
N THR A 108 -7.13 -8.26 11.88
CA THR A 108 -7.40 -7.23 12.88
C THR A 108 -8.88 -7.17 13.22
N LYS A 109 -9.18 -7.01 14.51
CA LYS A 109 -10.56 -6.93 14.96
C LYS A 109 -11.25 -5.69 14.40
N LYS A 110 -10.70 -4.53 14.69
CA LYS A 110 -11.26 -3.27 14.21
C LYS A 110 -11.23 -3.20 12.68
N ALA A 111 -12.15 -2.43 12.12
CA ALA A 111 -12.22 -2.28 10.67
C ALA A 111 -11.43 -1.06 10.19
N LEU A 112 -10.20 -1.28 9.78
CA LEU A 112 -9.34 -0.20 9.31
C LEU A 112 -9.78 0.29 7.93
N VAL A 113 -9.27 1.44 7.52
CA VAL A 113 -9.61 2.02 6.23
C VAL A 113 -8.37 2.17 5.35
N PRO A 114 -8.46 1.70 4.11
CA PRO A 114 -7.36 1.78 3.13
C PRO A 114 -7.09 3.21 2.68
N PHE A 115 -5.81 3.55 2.55
CA PHE A 115 -5.42 4.89 2.12
C PHE A 115 -5.36 4.97 0.60
N LEU A 116 -6.07 5.94 0.05
CA LEU A 116 -6.10 6.13 -1.41
C LEU A 116 -5.95 7.60 -1.76
N LEU A 117 -5.05 7.90 -2.70
CA LEU A 117 -4.81 9.26 -3.14
C LEU A 117 -4.83 9.36 -4.67
N ASP A 118 -5.86 10.01 -5.19
CA ASP A 118 -6.00 10.18 -6.63
C ASP A 118 -4.78 10.89 -7.22
N GLY A 1 -14.17 19.61 -47.55
CA GLY A 1 -14.17 18.66 -46.45
C GLY A 1 -14.56 19.31 -45.13
N SER A 2 -14.23 18.63 -44.03
CA SER A 2 -14.55 19.14 -42.70
C SER A 2 -13.68 18.48 -41.64
N SER A 3 -13.17 19.27 -40.70
CA SER A 3 -12.32 18.76 -39.64
C SER A 3 -12.66 19.42 -38.31
N GLY A 4 -12.14 18.86 -37.23
CA GLY A 4 -12.40 19.40 -35.90
C GLY A 4 -11.28 19.10 -34.92
N SER A 5 -11.52 19.42 -33.65
CA SER A 5 -10.52 19.19 -32.61
C SER A 5 -10.39 17.70 -32.30
N SER A 6 -9.16 17.27 -32.00
CA SER A 6 -8.91 15.88 -31.69
C SER A 6 -8.66 15.68 -30.20
N GLY A 7 -8.55 14.43 -29.78
CA GLY A 7 -8.32 14.14 -28.37
C GLY A 7 -9.47 13.37 -27.74
N GLU A 8 -10.69 13.78 -28.04
CA GLU A 8 -11.87 13.13 -27.49
C GLU A 8 -12.19 11.85 -28.26
N VAL A 9 -11.36 11.54 -29.26
CA VAL A 9 -11.54 10.34 -30.06
C VAL A 9 -10.83 9.14 -29.44
N LEU A 10 -9.72 9.40 -28.77
CA LEU A 10 -8.95 8.35 -28.13
C LEU A 10 -9.84 7.46 -27.26
N ALA A 11 -10.32 6.37 -27.84
CA ALA A 11 -11.19 5.43 -27.13
C ALA A 11 -10.77 5.32 -25.66
N LYS A 12 -11.73 4.98 -24.81
CA LYS A 12 -11.47 4.83 -23.38
C LYS A 12 -10.10 4.19 -23.15
N GLU A 13 -9.21 4.93 -22.51
CA GLU A 13 -7.86 4.43 -22.23
C GLU A 13 -7.78 3.88 -20.80
N GLU A 14 -6.94 2.87 -20.61
CA GLU A 14 -6.78 2.25 -19.30
C GLU A 14 -5.46 1.48 -19.22
N ALA A 15 -4.91 1.39 -18.01
CA ALA A 15 -3.65 0.69 -17.80
C ALA A 15 -3.83 -0.48 -16.84
N ARG A 16 -3.49 -1.68 -17.30
CA ARG A 16 -3.61 -2.88 -16.49
C ARG A 16 -2.26 -3.30 -15.92
N ARG A 17 -1.33 -2.35 -15.88
CA ARG A 17 0.01 -2.63 -15.37
C ARG A 17 0.08 -2.38 -13.86
N ALA A 18 -0.94 -2.83 -13.14
CA ALA A 18 -1.00 -2.65 -11.69
C ALA A 18 -1.22 -3.98 -10.99
N LEU A 19 -0.39 -4.96 -11.32
CA LEU A 19 -0.48 -6.29 -10.71
C LEU A 19 0.60 -6.49 -9.65
N GLU A 20 1.79 -5.95 -9.93
CA GLU A 20 2.91 -6.08 -9.00
C GLU A 20 2.55 -5.51 -7.63
N THR A 21 1.98 -4.31 -7.63
CA THR A 21 1.59 -3.65 -6.40
C THR A 21 0.28 -2.89 -6.57
N PRO A 22 -0.49 -2.78 -5.47
CA PRO A 22 -1.78 -2.09 -5.47
C PRO A 22 -1.62 -0.57 -5.63
N SER A 23 -2.65 0.07 -6.17
CA SER A 23 -2.64 1.51 -6.37
C SER A 23 -2.39 2.25 -5.06
N CYS A 24 -2.97 1.74 -3.98
CA CYS A 24 -2.82 2.35 -2.67
C CYS A 24 -1.35 2.57 -2.34
N PHE A 25 -0.50 1.66 -2.80
CA PHE A 25 0.94 1.75 -2.56
C PHE A 25 1.52 3.02 -3.19
N LEU A 26 2.58 3.54 -2.59
CA LEU A 26 3.23 4.75 -3.08
C LEU A 26 4.71 4.77 -2.71
N LYS A 27 5.50 5.47 -3.51
CA LYS A 27 6.93 5.58 -3.27
C LYS A 27 7.26 6.82 -2.44
N VAL A 28 7.56 6.61 -1.16
CA VAL A 28 7.89 7.71 -0.27
C VAL A 28 8.91 7.28 0.79
N SER A 29 9.36 8.24 1.59
CA SER A 29 10.34 7.95 2.64
C SER A 29 9.64 7.52 3.92
N ARG A 30 10.42 7.00 4.86
CA ARG A 30 9.88 6.54 6.14
C ARG A 30 9.01 7.62 6.77
N LEU A 31 9.54 8.84 6.85
CA LEU A 31 8.81 9.95 7.43
C LEU A 31 7.61 10.33 6.57
N GLU A 32 7.86 10.55 5.29
CA GLU A 32 6.79 10.92 4.36
C GLU A 32 5.54 10.09 4.61
N ALA A 33 5.71 8.77 4.66
CA ALA A 33 4.59 7.87 4.90
C ALA A 33 3.88 8.20 6.22
N GLN A 34 4.62 8.10 7.32
CA GLN A 34 4.07 8.39 8.64
C GLN A 34 3.38 9.75 8.65
N LEU A 35 4.15 10.80 8.37
CA LEU A 35 3.60 12.15 8.36
C LEU A 35 2.41 12.25 7.40
N LEU A 36 2.47 11.48 6.32
CA LEU A 36 1.39 11.48 5.33
C LEU A 36 0.09 10.97 5.93
N LEU A 37 0.21 10.05 6.88
CA LEU A 37 -0.96 9.48 7.53
C LEU A 37 -1.81 10.57 8.18
N GLU A 38 -1.21 11.32 9.10
CA GLU A 38 -1.91 12.39 9.79
C GLU A 38 -2.31 13.49 8.81
N ARG A 39 -1.48 13.71 7.80
CA ARG A 39 -1.74 14.73 6.79
C ARG A 39 -3.02 14.43 6.02
N TYR A 40 -3.08 13.24 5.43
CA TYR A 40 -4.25 12.83 4.66
C TYR A 40 -5.01 11.71 5.38
N PRO A 41 -5.83 12.10 6.36
CA PRO A 41 -6.63 11.16 7.15
C PRO A 41 -7.74 10.52 6.33
N GLU A 42 -8.43 11.33 5.53
CA GLU A 42 -9.52 10.84 4.69
C GLU A 42 -9.02 9.79 3.70
N CYS A 43 -7.90 10.08 3.05
CA CYS A 43 -7.32 9.16 2.08
C CYS A 43 -7.19 7.77 2.66
N GLY A 44 -6.60 7.68 3.85
CA GLY A 44 -6.42 6.39 4.51
C GLY A 44 -5.23 6.36 5.42
N ASN A 45 -4.98 5.21 6.03
CA ASN A 45 -3.84 5.06 6.94
C ASN A 45 -2.98 3.86 6.53
N LEU A 46 -3.63 2.76 6.18
CA LEU A 46 -2.92 1.56 5.77
C LEU A 46 -2.25 1.75 4.42
N LEU A 47 -0.96 2.09 4.44
CA LEU A 47 -0.20 2.31 3.22
C LEU A 47 0.93 1.30 3.10
N LEU A 48 1.65 1.36 1.98
CA LEU A 48 2.77 0.46 1.76
C LEU A 48 3.95 1.19 1.11
N ARG A 49 5.05 1.30 1.85
CA ARG A 49 6.23 1.98 1.34
C ARG A 49 7.33 0.98 0.99
N PRO A 50 8.05 1.26 -0.11
CA PRO A 50 9.14 0.39 -0.58
C PRO A 50 10.34 0.42 0.36
N SER A 51 11.00 -0.74 0.50
CA SER A 51 12.17 -0.83 1.36
C SER A 51 13.45 -0.68 0.56
N GLY A 52 13.43 0.23 -0.42
CA GLY A 52 14.60 0.47 -1.24
C GLY A 52 14.81 -0.64 -2.27
N ASP A 53 16.03 -0.73 -2.78
CA ASP A 53 16.37 -1.75 -3.77
C ASP A 53 16.83 -3.03 -3.11
N GLY A 54 15.87 -3.85 -2.68
CA GLY A 54 16.20 -5.11 -2.03
C GLY A 54 15.14 -6.17 -2.26
N ALA A 55 15.22 -6.85 -3.39
CA ALA A 55 14.26 -7.90 -3.72
C ALA A 55 12.85 -7.33 -3.84
N ASP A 56 12.72 -6.18 -4.47
CA ASP A 56 11.43 -5.54 -4.65
C ASP A 56 10.53 -5.79 -3.45
N GLY A 57 11.10 -5.67 -2.25
CA GLY A 57 10.33 -5.90 -1.04
C GLY A 57 9.67 -4.63 -0.54
N VAL A 58 8.43 -4.77 -0.06
CA VAL A 58 7.68 -3.64 0.45
C VAL A 58 7.25 -3.86 1.89
N SER A 59 7.00 -2.76 2.61
CA SER A 59 6.59 -2.85 4.01
C SER A 59 5.22 -2.19 4.20
N VAL A 60 4.44 -2.74 5.13
CA VAL A 60 3.12 -2.21 5.43
C VAL A 60 3.13 -1.34 6.67
N THR A 61 2.79 -0.06 6.50
CA THR A 61 2.76 0.88 7.61
C THR A 61 1.33 1.26 7.98
N THR A 62 0.95 1.01 9.23
CA THR A 62 -0.38 1.31 9.72
C THR A 62 -0.34 1.90 11.11
N ARG A 63 -1.20 2.89 11.36
CA ARG A 63 -1.26 3.54 12.67
C ARG A 63 -2.68 3.48 13.24
N GLN A 64 -2.77 3.35 14.56
CA GLN A 64 -4.06 3.28 15.22
C GLN A 64 -4.02 4.02 16.56
N MET A 65 -5.17 4.07 17.23
CA MET A 65 -5.27 4.74 18.52
C MET A 65 -5.40 3.73 19.66
N HIS A 66 -4.31 3.52 20.40
CA HIS A 66 -4.30 2.59 21.51
C HIS A 66 -3.60 3.18 22.72
N ASN A 67 -4.27 3.15 23.87
CA ASN A 67 -3.70 3.69 25.11
C ASN A 67 -3.70 5.21 25.07
N GLY A 68 -4.63 5.79 24.32
CA GLY A 68 -4.72 7.24 24.22
C GLY A 68 -3.45 7.86 23.70
N THR A 69 -2.73 7.12 22.84
CA THR A 69 -1.49 7.61 22.27
C THR A 69 -1.37 7.19 20.82
N HIS A 70 -0.53 7.91 20.07
CA HIS A 70 -0.31 7.60 18.66
C HIS A 70 0.72 6.49 18.49
N VAL A 71 0.26 5.33 18.04
CA VAL A 71 1.14 4.19 17.83
C VAL A 71 1.31 3.88 16.35
N VAL A 72 2.55 3.63 15.94
CA VAL A 72 2.83 3.33 14.54
C VAL A 72 3.75 2.11 14.43
N ARG A 73 3.25 1.05 13.80
CA ARG A 73 4.02 -0.18 13.63
C ARG A 73 4.43 -0.36 12.17
N HIS A 74 5.66 -0.82 11.96
CA HIS A 74 6.16 -1.04 10.61
C HIS A 74 6.39 -2.52 10.35
N TYR A 75 5.69 -3.06 9.36
CA TYR A 75 5.81 -4.47 9.02
C TYR A 75 6.59 -4.65 7.72
N LYS A 76 7.14 -5.85 7.52
CA LYS A 76 7.91 -6.14 6.32
C LYS A 76 7.26 -7.28 5.53
N VAL A 77 7.71 -7.46 4.29
CA VAL A 77 7.18 -8.51 3.43
C VAL A 77 8.30 -9.31 2.79
N LYS A 78 8.60 -10.47 3.37
CA LYS A 78 9.65 -11.33 2.86
C LYS A 78 9.25 -11.95 1.52
N ARG A 79 10.24 -12.42 0.76
CA ARG A 79 9.98 -13.03 -0.53
C ARG A 79 10.29 -14.52 -0.51
N GLU A 80 9.25 -15.33 -0.47
CA GLU A 80 9.42 -16.78 -0.43
C GLU A 80 8.79 -17.44 -1.66
N GLY A 81 9.54 -17.49 -2.75
CA GLY A 81 9.04 -18.08 -3.98
C GLY A 81 8.20 -17.10 -4.79
N PRO A 82 7.31 -17.66 -5.63
CA PRO A 82 6.44 -16.85 -6.48
C PRO A 82 5.37 -16.10 -5.69
N LYS A 83 5.32 -16.38 -4.38
CA LYS A 83 4.35 -15.73 -3.51
C LYS A 83 5.05 -15.00 -2.37
N TYR A 84 4.29 -14.20 -1.64
CA TYR A 84 4.84 -13.43 -0.51
C TYR A 84 4.19 -13.86 0.80
N VAL A 85 4.99 -13.86 1.86
CA VAL A 85 4.49 -14.24 3.18
C VAL A 85 4.69 -13.11 4.18
N ILE A 86 3.59 -12.60 4.73
CA ILE A 86 3.64 -11.53 5.70
C ILE A 86 4.67 -11.82 6.80
N ASP A 87 5.16 -10.76 7.43
CA ASP A 87 6.14 -10.91 8.50
C ASP A 87 5.46 -11.01 9.86
N VAL A 88 4.42 -11.84 9.93
CA VAL A 88 3.68 -12.02 11.18
C VAL A 88 3.90 -13.42 11.75
N GLU A 89 3.19 -13.74 12.82
CA GLU A 89 3.32 -15.05 13.47
C GLU A 89 3.20 -16.17 12.44
N GLN A 90 2.14 -16.12 11.64
CA GLN A 90 1.91 -17.14 10.61
C GLN A 90 2.18 -16.57 9.22
N PRO A 91 2.97 -17.30 8.43
CA PRO A 91 3.32 -16.89 7.06
C PRO A 91 2.13 -16.98 6.11
N PHE A 92 1.34 -15.90 6.06
CA PHE A 92 0.16 -15.86 5.20
C PHE A 92 0.58 -15.66 3.73
N SER A 93 0.54 -16.76 2.98
CA SER A 93 0.92 -16.71 1.57
C SER A 93 -0.27 -16.28 0.71
N CYS A 94 0.03 -15.66 -0.44
CA CYS A 94 -1.01 -15.20 -1.35
C CYS A 94 -0.51 -15.23 -2.79
N THR A 95 -1.34 -14.74 -3.71
CA THR A 95 -0.99 -14.70 -5.12
C THR A 95 -0.17 -13.46 -5.45
N SER A 96 -0.59 -12.32 -4.92
CA SER A 96 0.11 -11.06 -5.15
C SER A 96 -0.09 -10.10 -3.98
N LEU A 97 0.66 -9.00 -3.99
CA LEU A 97 0.56 -8.00 -2.93
C LEU A 97 -0.89 -7.67 -2.63
N ASP A 98 -1.69 -7.50 -3.68
CA ASP A 98 -3.10 -7.17 -3.52
C ASP A 98 -3.70 -7.92 -2.33
N ALA A 99 -3.62 -9.25 -2.37
CA ALA A 99 -4.15 -10.07 -1.29
C ALA A 99 -3.73 -9.53 0.07
N VAL A 100 -2.43 -9.38 0.27
CA VAL A 100 -1.90 -8.86 1.53
C VAL A 100 -2.77 -7.74 2.07
N VAL A 101 -2.98 -6.72 1.26
CA VAL A 101 -3.79 -5.57 1.65
C VAL A 101 -5.10 -6.02 2.29
N ASN A 102 -5.79 -6.93 1.61
CA ASN A 102 -7.06 -7.44 2.11
C ASN A 102 -6.89 -8.13 3.45
N TYR A 103 -5.84 -8.94 3.56
CA TYR A 103 -5.56 -9.67 4.79
C TYR A 103 -5.53 -8.71 5.98
N PHE A 104 -4.62 -7.75 5.93
CA PHE A 104 -4.50 -6.76 7.01
C PHE A 104 -5.85 -6.18 7.37
N VAL A 105 -6.65 -5.86 6.36
CA VAL A 105 -7.97 -5.30 6.57
C VAL A 105 -8.80 -6.16 7.52
N SER A 106 -8.82 -7.46 7.25
CA SER A 106 -9.57 -8.40 8.08
C SER A 106 -8.91 -8.59 9.43
N HIS A 107 -7.61 -8.90 9.42
CA HIS A 107 -6.86 -9.11 10.64
C HIS A 107 -7.16 -8.02 11.66
N THR A 108 -7.09 -6.76 11.21
CA THR A 108 -7.35 -5.62 12.09
C THR A 108 -8.79 -5.64 12.59
N LYS A 109 -8.95 -5.66 13.91
CA LYS A 109 -10.27 -5.68 14.53
C LYS A 109 -11.11 -4.51 14.04
N LYS A 110 -10.45 -3.42 13.66
CA LYS A 110 -11.14 -2.24 13.16
C LYS A 110 -10.88 -2.03 11.68
N ALA A 111 -11.96 -1.94 10.90
CA ALA A 111 -11.84 -1.74 9.46
C ALA A 111 -10.78 -0.70 9.12
N LEU A 112 -9.59 -1.17 8.75
CA LEU A 112 -8.49 -0.29 8.40
C LEU A 112 -8.62 0.22 6.97
N VAL A 113 -8.72 1.53 6.81
CA VAL A 113 -8.84 2.13 5.50
C VAL A 113 -7.48 2.26 4.81
N PRO A 114 -7.39 1.77 3.57
CA PRO A 114 -6.16 1.83 2.79
C PRO A 114 -5.79 3.25 2.36
N PHE A 115 -4.50 3.51 2.24
CA PHE A 115 -4.02 4.83 1.84
C PHE A 115 -3.72 4.87 0.34
N LEU A 116 -4.55 5.61 -0.39
CA LEU A 116 -4.38 5.73 -1.83
C LEU A 116 -4.36 7.20 -2.25
N LEU A 117 -3.36 7.57 -3.04
CA LEU A 117 -3.23 8.95 -3.52
C LEU A 117 -3.25 9.00 -5.04
N ASP A 118 -4.36 9.46 -5.60
CA ASP A 118 -4.51 9.57 -7.04
C ASP A 118 -3.35 10.36 -7.66
N GLY A 1 -6.58 25.38 -28.78
CA GLY A 1 -5.24 25.15 -29.27
C GLY A 1 -5.13 25.37 -30.77
N SER A 2 -3.91 25.35 -31.28
CA SER A 2 -3.67 25.55 -32.71
C SER A 2 -2.32 24.96 -33.12
N SER A 3 -2.36 23.99 -34.02
CA SER A 3 -1.15 23.33 -34.50
C SER A 3 -0.18 23.08 -33.34
N GLY A 4 -0.72 22.62 -32.22
CA GLY A 4 0.11 22.34 -31.06
C GLY A 4 -0.47 21.27 -30.17
N SER A 5 0.08 20.07 -30.23
CA SER A 5 -0.39 18.95 -29.44
C SER A 5 0.64 17.83 -29.38
N SER A 6 0.50 16.95 -28.40
CA SER A 6 1.43 15.83 -28.24
C SER A 6 0.68 14.50 -28.21
N GLY A 7 1.22 13.51 -28.91
CA GLY A 7 0.59 12.20 -28.95
C GLY A 7 -0.90 12.28 -29.20
N GLU A 8 -1.27 12.63 -30.44
CA GLU A 8 -2.69 12.74 -30.80
C GLU A 8 -3.03 11.79 -31.95
N VAL A 9 -1.99 11.15 -32.49
CA VAL A 9 -2.19 10.21 -33.60
C VAL A 9 -2.42 8.80 -33.09
N LEU A 10 -1.85 8.49 -31.93
CA LEU A 10 -1.99 7.17 -31.33
C LEU A 10 -3.46 6.87 -31.03
N ALA A 11 -3.99 5.84 -31.69
CA ALA A 11 -5.38 5.45 -31.49
C ALA A 11 -5.73 5.37 -30.01
N LYS A 12 -7.00 5.12 -29.72
CA LYS A 12 -7.46 5.02 -28.34
C LYS A 12 -6.62 4.01 -27.55
N GLU A 13 -5.71 4.50 -26.73
CA GLU A 13 -4.85 3.65 -25.93
C GLU A 13 -4.54 4.28 -24.57
N GLU A 14 -4.81 3.54 -23.50
CA GLU A 14 -4.56 4.04 -22.16
C GLU A 14 -4.22 2.90 -21.21
N ALA A 15 -3.09 3.04 -20.52
CA ALA A 15 -2.64 2.01 -19.58
C ALA A 15 -2.60 2.55 -18.16
N ARG A 16 -2.94 1.70 -17.19
CA ARG A 16 -2.95 2.09 -15.79
C ARG A 16 -1.72 1.55 -15.07
N ARG A 17 -1.04 0.60 -15.69
CA ARG A 17 0.15 -0.01 -15.11
C ARG A 17 0.02 -0.10 -13.59
N ALA A 18 -1.17 -0.44 -13.13
CA ALA A 18 -1.43 -0.57 -11.70
C ALA A 18 -1.85 -1.99 -11.34
N LEU A 19 -1.23 -2.97 -11.98
CA LEU A 19 -1.54 -4.38 -11.74
C LEU A 19 -0.57 -4.97 -10.72
N GLU A 20 0.72 -4.92 -11.05
CA GLU A 20 1.75 -5.46 -10.17
C GLU A 20 1.44 -5.14 -8.71
N THR A 21 1.20 -3.87 -8.43
CA THR A 21 0.89 -3.44 -7.07
C THR A 21 -0.53 -2.87 -6.98
N PRO A 22 -1.12 -2.98 -5.79
CA PRO A 22 -2.48 -2.49 -5.54
C PRO A 22 -2.56 -0.97 -5.55
N SER A 23 -3.55 -0.44 -6.27
CA SER A 23 -3.73 1.00 -6.37
C SER A 23 -3.39 1.69 -5.05
N CYS A 24 -4.02 1.24 -3.98
CA CYS A 24 -3.78 1.81 -2.65
C CYS A 24 -2.31 2.17 -2.47
N PHE A 25 -1.43 1.26 -2.87
CA PHE A 25 0.01 1.47 -2.76
C PHE A 25 0.40 2.82 -3.34
N LEU A 26 1.56 3.34 -2.92
CA LEU A 26 2.05 4.61 -3.40
C LEU A 26 3.57 4.67 -3.35
N LYS A 27 4.16 5.53 -4.17
CA LYS A 27 5.60 5.69 -4.22
C LYS A 27 6.04 6.94 -3.48
N VAL A 28 6.59 6.75 -2.28
CA VAL A 28 7.05 7.87 -1.47
C VAL A 28 8.24 7.47 -0.60
N SER A 29 8.80 8.44 0.11
CA SER A 29 9.95 8.19 0.98
C SER A 29 9.50 7.65 2.33
N ARG A 30 10.40 6.95 3.02
CA ARG A 30 10.09 6.38 4.32
C ARG A 30 9.33 7.38 5.19
N LEU A 31 9.82 8.62 5.23
CA LEU A 31 9.19 9.67 6.01
C LEU A 31 7.89 10.14 5.35
N GLU A 32 7.98 10.50 4.08
CA GLU A 32 6.82 10.96 3.33
C GLU A 32 5.57 10.16 3.70
N ALA A 33 5.66 8.84 3.52
CA ALA A 33 4.55 7.96 3.83
C ALA A 33 4.01 8.23 5.23
N GLN A 34 4.90 8.28 6.21
CA GLN A 34 4.51 8.54 7.60
C GLN A 34 3.65 9.79 7.69
N LEU A 35 4.25 10.95 7.47
CA LEU A 35 3.53 12.21 7.53
C LEU A 35 2.26 12.17 6.68
N LEU A 36 2.37 11.53 5.52
CA LEU A 36 1.23 11.41 4.62
C LEU A 36 -0.05 11.14 5.38
N LEU A 37 0.07 10.41 6.49
CA LEU A 37 -1.08 10.07 7.32
C LEU A 37 -1.74 11.33 7.86
N GLU A 38 -1.00 12.09 8.67
CA GLU A 38 -1.52 13.32 9.25
C GLU A 38 -2.12 14.22 8.18
N ARG A 39 -1.61 14.09 6.96
CA ARG A 39 -2.10 14.90 5.85
C ARG A 39 -3.46 14.39 5.36
N TYR A 40 -3.55 13.08 5.16
CA TYR A 40 -4.79 12.47 4.69
C TYR A 40 -5.20 11.31 5.59
N PRO A 41 -5.77 11.64 6.76
CA PRO A 41 -6.21 10.63 7.73
C PRO A 41 -7.43 9.86 7.25
N GLU A 42 -8.44 10.59 6.78
CA GLU A 42 -9.66 9.97 6.28
C GLU A 42 -9.34 8.80 5.35
N CYS A 43 -8.53 9.08 4.34
CA CYS A 43 -8.14 8.06 3.37
C CYS A 43 -7.87 6.73 4.06
N GLY A 44 -7.30 6.79 5.25
CA GLY A 44 -6.99 5.58 6.00
C GLY A 44 -5.60 5.60 6.60
N ASN A 45 -5.36 4.70 7.54
CA ASN A 45 -4.07 4.62 8.20
C ASN A 45 -3.31 3.35 7.78
N LEU A 46 -3.74 2.77 6.67
CA LEU A 46 -3.11 1.56 6.16
C LEU A 46 -2.51 1.80 4.77
N LEU A 47 -1.31 2.35 4.75
CA LEU A 47 -0.62 2.63 3.49
C LEU A 47 0.63 1.75 3.34
N LEU A 48 0.93 1.38 2.10
CA LEU A 48 2.09 0.55 1.82
C LEU A 48 3.18 1.36 1.12
N ARG A 49 4.31 1.55 1.81
CA ARG A 49 5.41 2.30 1.26
C ARG A 49 6.57 1.38 0.89
N PRO A 50 7.23 1.66 -0.24
CA PRO A 50 8.36 0.86 -0.72
C PRO A 50 9.60 1.03 0.15
N SER A 51 10.14 -0.10 0.62
CA SER A 51 11.32 -0.09 1.46
C SER A 51 12.43 -0.94 0.87
N GLY A 52 13.62 -0.35 0.74
CA GLY A 52 14.75 -1.08 0.18
C GLY A 52 15.82 -1.39 1.22
N ASP A 53 15.61 -2.45 1.97
CA ASP A 53 16.56 -2.86 3.01
C ASP A 53 17.00 -4.30 2.80
N GLY A 54 16.04 -5.22 2.80
CA GLY A 54 16.37 -6.63 2.62
C GLY A 54 16.46 -7.00 1.15
N ALA A 55 15.32 -7.30 0.54
CA ALA A 55 15.29 -7.69 -0.87
C ALA A 55 14.45 -6.72 -1.68
N ASP A 56 14.61 -5.43 -1.39
CA ASP A 56 13.86 -4.40 -2.11
C ASP A 56 12.37 -4.74 -2.17
N GLY A 57 11.84 -5.25 -1.06
CA GLY A 57 10.43 -5.62 -1.02
C GLY A 57 9.53 -4.44 -0.73
N VAL A 58 8.49 -4.68 0.06
CA VAL A 58 7.55 -3.62 0.42
C VAL A 58 7.32 -3.58 1.92
N SER A 59 7.06 -2.37 2.44
CA SER A 59 6.83 -2.20 3.87
C SER A 59 5.48 -1.55 4.12
N VAL A 60 4.67 -2.17 4.97
CA VAL A 60 3.35 -1.65 5.30
C VAL A 60 3.40 -0.75 6.54
N THR A 61 2.88 0.46 6.41
CA THR A 61 2.86 1.41 7.51
C THR A 61 1.46 1.57 8.08
N THR A 62 1.29 1.23 9.35
CA THR A 62 -0.01 1.33 10.01
C THR A 62 0.09 2.18 11.27
N ARG A 63 -0.79 3.16 11.39
CA ARG A 63 -0.80 4.04 12.55
C ARG A 63 -2.06 3.82 13.39
N GLN A 64 -1.99 2.85 14.30
CA GLN A 64 -3.13 2.54 15.16
C GLN A 64 -3.04 3.30 16.48
N MET A 65 -4.08 3.19 17.30
CA MET A 65 -4.11 3.86 18.58
C MET A 65 -4.07 2.86 19.73
N HIS A 66 -3.11 3.03 20.63
CA HIS A 66 -2.96 2.14 21.77
C HIS A 66 -2.47 2.90 23.00
N ASN A 67 -3.20 2.75 24.11
CA ASN A 67 -2.84 3.44 25.34
C ASN A 67 -3.11 4.94 25.24
N GLY A 68 -4.18 5.29 24.54
CA GLY A 68 -4.52 6.70 24.38
C GLY A 68 -3.35 7.53 23.91
N THR A 69 -2.54 6.96 23.02
CA THR A 69 -1.37 7.66 22.50
C THR A 69 -1.18 7.35 21.01
N HIS A 70 -0.36 8.16 20.35
CA HIS A 70 -0.09 7.98 18.93
C HIS A 70 1.17 7.14 18.72
N VAL A 71 1.04 6.07 17.94
CA VAL A 71 2.18 5.19 17.67
C VAL A 71 2.12 4.67 16.23
N VAL A 72 3.28 4.60 15.60
CA VAL A 72 3.37 4.12 14.22
C VAL A 72 4.05 2.76 14.17
N ARG A 73 3.29 1.75 13.73
CA ARG A 73 3.81 0.39 13.63
C ARG A 73 4.18 0.05 12.19
N HIS A 74 5.30 -0.65 12.02
CA HIS A 74 5.77 -1.03 10.69
C HIS A 74 5.73 -2.54 10.52
N TYR A 75 5.40 -2.99 9.32
CA TYR A 75 5.33 -4.43 9.03
C TYR A 75 6.19 -4.77 7.81
N LYS A 76 6.90 -5.89 7.90
CA LYS A 76 7.75 -6.34 6.80
C LYS A 76 7.18 -7.59 6.14
N VAL A 77 7.53 -7.80 4.87
CA VAL A 77 7.04 -8.96 4.13
C VAL A 77 8.18 -9.64 3.38
N LYS A 78 8.52 -10.85 3.80
CA LYS A 78 9.60 -11.61 3.16
C LYS A 78 9.17 -12.09 1.78
N ARG A 79 10.16 -12.46 0.97
CA ARG A 79 9.88 -12.95 -0.39
C ARG A 79 10.30 -14.41 -0.53
N GLU A 80 9.33 -15.29 -0.73
CA GLU A 80 9.61 -16.71 -0.89
C GLU A 80 8.82 -17.28 -2.07
N GLY A 81 9.36 -17.10 -3.27
CA GLY A 81 8.71 -17.60 -4.46
C GLY A 81 7.74 -16.61 -5.06
N PRO A 82 6.82 -17.09 -5.90
CA PRO A 82 5.82 -16.26 -6.55
C PRO A 82 4.78 -15.72 -5.56
N LYS A 83 4.97 -16.02 -4.29
CA LYS A 83 4.05 -15.57 -3.25
C LYS A 83 4.79 -14.74 -2.20
N TYR A 84 4.03 -13.98 -1.42
CA TYR A 84 4.61 -13.14 -0.38
C TYR A 84 4.11 -13.54 1.00
N VAL A 85 5.04 -13.89 1.88
CA VAL A 85 4.69 -14.29 3.24
C VAL A 85 4.93 -13.17 4.23
N ILE A 86 4.02 -13.03 5.19
CA ILE A 86 4.14 -11.99 6.21
C ILE A 86 5.09 -12.41 7.33
N ASP A 87 5.76 -11.43 7.92
CA ASP A 87 6.70 -11.70 9.01
C ASP A 87 5.99 -11.73 10.35
N VAL A 88 4.93 -12.53 10.44
CA VAL A 88 4.16 -12.64 11.68
C VAL A 88 4.28 -14.04 12.27
N GLU A 89 3.64 -14.25 13.42
CA GLU A 89 3.68 -15.53 14.10
C GLU A 89 3.70 -16.68 13.08
N GLN A 90 2.80 -16.63 12.12
CA GLN A 90 2.71 -17.65 11.09
C GLN A 90 2.88 -17.05 9.70
N PRO A 91 3.68 -17.72 8.86
CA PRO A 91 3.93 -17.26 7.48
C PRO A 91 2.70 -17.40 6.59
N PHE A 92 1.90 -16.34 6.54
CA PHE A 92 0.69 -16.35 5.72
C PHE A 92 1.04 -16.18 4.24
N SER A 93 0.91 -17.28 3.49
CA SER A 93 1.20 -17.26 2.06
C SER A 93 0.05 -16.65 1.27
N CYS A 94 0.38 -15.81 0.30
CA CYS A 94 -0.63 -15.16 -0.53
C CYS A 94 -0.28 -15.29 -2.01
N THR A 95 -1.17 -14.80 -2.87
CA THR A 95 -0.96 -14.87 -4.31
C THR A 95 -0.38 -13.56 -4.84
N SER A 96 -0.97 -12.45 -4.39
CA SER A 96 -0.51 -11.13 -4.82
C SER A 96 -0.54 -10.14 -3.66
N LEU A 97 0.11 -8.99 -3.86
CA LEU A 97 0.15 -7.96 -2.83
C LEU A 97 -1.24 -7.70 -2.25
N ASP A 98 -2.21 -7.45 -3.13
CA ASP A 98 -3.58 -7.19 -2.71
C ASP A 98 -3.97 -8.09 -1.55
N ALA A 99 -3.91 -9.41 -1.77
CA ALA A 99 -4.25 -10.37 -0.74
C ALA A 99 -3.71 -9.95 0.61
N VAL A 100 -2.41 -9.67 0.67
CA VAL A 100 -1.77 -9.25 1.91
C VAL A 100 -2.60 -8.19 2.62
N VAL A 101 -3.02 -7.17 1.89
CA VAL A 101 -3.83 -6.09 2.45
C VAL A 101 -5.08 -6.63 3.11
N ASN A 102 -5.78 -7.52 2.41
CA ASN A 102 -7.02 -8.12 2.92
C ASN A 102 -6.73 -8.89 4.20
N TYR A 103 -5.67 -9.69 4.19
CA TYR A 103 -5.30 -10.48 5.37
C TYR A 103 -5.27 -9.62 6.62
N PHE A 104 -4.57 -8.49 6.54
CA PHE A 104 -4.47 -7.58 7.68
C PHE A 104 -5.84 -7.08 8.11
N VAL A 105 -6.58 -6.50 7.17
CA VAL A 105 -7.91 -5.99 7.45
C VAL A 105 -8.72 -6.96 8.30
N SER A 106 -8.85 -8.20 7.81
CA SER A 106 -9.59 -9.22 8.52
C SER A 106 -8.90 -9.60 9.83
N HIS A 107 -7.59 -9.77 9.76
CA HIS A 107 -6.81 -10.12 10.94
C HIS A 107 -7.26 -9.33 12.16
N THR A 108 -7.15 -8.01 12.07
CA THR A 108 -7.55 -7.13 13.17
C THR A 108 -9.06 -7.18 13.37
N LYS A 109 -9.48 -7.19 14.64
CA LYS A 109 -10.90 -7.23 14.98
C LYS A 109 -11.65 -6.10 14.30
N LYS A 110 -11.02 -4.93 14.23
CA LYS A 110 -11.64 -3.77 13.60
C LYS A 110 -11.16 -3.62 12.15
N ALA A 111 -12.12 -3.53 11.23
CA ALA A 111 -11.80 -3.37 9.82
C ALA A 111 -10.98 -2.12 9.57
N LEU A 112 -9.71 -2.30 9.24
CA LEU A 112 -8.81 -1.18 8.98
C LEU A 112 -9.16 -0.51 7.65
N VAL A 113 -8.68 0.72 7.48
CA VAL A 113 -8.94 1.48 6.26
C VAL A 113 -7.67 1.64 5.44
N PRO A 114 -7.71 1.17 4.18
CA PRO A 114 -6.57 1.26 3.26
C PRO A 114 -6.28 2.69 2.82
N PHE A 115 -5.01 2.99 2.58
CA PHE A 115 -4.61 4.33 2.15
C PHE A 115 -4.26 4.34 0.66
N LEU A 116 -5.07 5.08 -0.11
CA LEU A 116 -4.85 5.17 -1.55
C LEU A 116 -4.50 6.60 -1.95
N LEU A 117 -3.75 6.73 -3.04
CA LEU A 117 -3.34 8.05 -3.53
C LEU A 117 -3.14 8.02 -5.04
N ASP A 118 -3.96 8.80 -5.74
CA ASP A 118 -3.88 8.87 -7.20
C ASP A 118 -2.64 9.66 -7.63
N GLY A 1 -24.71 3.25 -47.46
CA GLY A 1 -24.10 2.56 -46.33
C GLY A 1 -23.32 3.49 -45.44
N SER A 2 -23.94 3.90 -44.33
CA SER A 2 -23.29 4.80 -43.39
C SER A 2 -23.82 4.59 -41.97
N SER A 3 -22.91 4.55 -41.00
CA SER A 3 -23.29 4.34 -39.61
C SER A 3 -22.32 5.05 -38.67
N GLY A 4 -22.82 5.47 -37.52
CA GLY A 4 -21.99 6.16 -36.56
C GLY A 4 -22.51 6.01 -35.13
N SER A 5 -22.73 4.78 -34.72
CA SER A 5 -23.23 4.50 -33.37
C SER A 5 -22.07 4.38 -32.38
N SER A 6 -22.32 4.81 -31.14
CA SER A 6 -21.31 4.76 -30.10
C SER A 6 -21.66 3.71 -29.05
N GLY A 7 -20.69 3.39 -28.19
CA GLY A 7 -20.93 2.41 -27.16
C GLY A 7 -20.50 1.00 -27.58
N GLU A 8 -21.17 0.49 -28.61
CA GLU A 8 -20.86 -0.85 -29.11
C GLU A 8 -19.51 -0.87 -29.82
N VAL A 9 -18.91 0.31 -29.98
CA VAL A 9 -17.62 0.43 -30.65
C VAL A 9 -16.48 0.14 -29.68
N LEU A 10 -16.72 0.37 -28.39
CA LEU A 10 -15.71 0.13 -27.37
C LEU A 10 -15.40 -1.36 -27.25
N ALA A 11 -14.27 -1.77 -27.82
CA ALA A 11 -13.85 -3.17 -27.77
C ALA A 11 -12.33 -3.29 -27.70
N LYS A 12 -11.84 -4.53 -27.69
CA LYS A 12 -10.41 -4.78 -27.63
C LYS A 12 -9.71 -3.71 -26.80
N GLU A 13 -10.40 -3.21 -25.78
CA GLU A 13 -9.84 -2.18 -24.92
C GLU A 13 -9.91 -2.60 -23.45
N GLU A 14 -8.78 -2.56 -22.76
CA GLU A 14 -8.71 -2.94 -21.36
C GLU A 14 -7.52 -2.29 -20.67
N ALA A 15 -7.38 -2.55 -19.37
CA ALA A 15 -6.29 -1.98 -18.59
C ALA A 15 -5.95 -2.87 -17.40
N ARG A 16 -4.73 -3.40 -17.39
CA ARG A 16 -4.28 -4.27 -16.30
C ARG A 16 -3.36 -3.52 -15.35
N ARG A 17 -3.37 -2.19 -15.44
CA ARG A 17 -2.54 -1.36 -14.59
C ARG A 17 -2.70 -1.74 -13.12
N ALA A 18 -1.65 -1.52 -12.34
CA ALA A 18 -1.68 -1.85 -10.92
C ALA A 18 -1.67 -3.36 -10.71
N LEU A 19 -0.93 -4.07 -11.56
CA LEU A 19 -0.85 -5.52 -11.46
C LEU A 19 0.28 -5.94 -10.52
N GLU A 20 1.20 -5.02 -10.28
CA GLU A 20 2.33 -5.29 -9.39
C GLU A 20 2.09 -4.69 -8.00
N THR A 21 1.60 -3.46 -7.97
CA THR A 21 1.34 -2.78 -6.71
C THR A 21 0.06 -1.94 -6.80
N PRO A 22 -0.61 -1.76 -5.65
CA PRO A 22 -1.84 -0.97 -5.57
C PRO A 22 -1.60 0.51 -5.78
N SER A 23 -2.61 1.20 -6.31
CA SER A 23 -2.51 2.63 -6.57
C SER A 23 -2.26 3.40 -5.27
N CYS A 24 -2.59 2.77 -4.15
CA CYS A 24 -2.41 3.40 -2.85
C CYS A 24 -0.95 3.37 -2.42
N PHE A 25 -0.18 2.47 -3.04
CA PHE A 25 1.24 2.34 -2.73
C PHE A 25 2.04 3.51 -3.32
N LEU A 26 3.09 3.91 -2.61
CA LEU A 26 3.93 5.02 -3.06
C LEU A 26 5.35 4.87 -2.52
N LYS A 27 6.32 5.37 -3.28
CA LYS A 27 7.71 5.30 -2.87
C LYS A 27 8.08 6.47 -1.96
N VAL A 28 8.22 6.18 -0.67
CA VAL A 28 8.55 7.21 0.31
C VAL A 28 9.34 6.62 1.47
N SER A 29 10.03 7.47 2.22
CA SER A 29 10.83 7.04 3.36
C SER A 29 9.96 6.98 4.62
N ARG A 30 10.15 5.91 5.40
CA ARG A 30 9.39 5.73 6.63
C ARG A 30 9.09 7.08 7.29
N LEU A 31 10.09 7.96 7.29
CA LEU A 31 9.93 9.28 7.89
C LEU A 31 8.76 10.03 7.28
N GLU A 32 8.86 10.34 5.99
CA GLU A 32 7.80 11.05 5.28
C GLU A 32 6.46 10.37 5.51
N ALA A 33 6.43 9.05 5.38
CA ALA A 33 5.20 8.28 5.56
C ALA A 33 4.60 8.55 6.94
N GLN A 34 5.37 8.31 7.98
CA GLN A 34 4.91 8.53 9.35
C GLN A 34 4.21 9.89 9.48
N LEU A 35 4.97 10.95 9.26
CA LEU A 35 4.42 12.30 9.35
C LEU A 35 3.27 12.49 8.37
N LEU A 36 3.38 11.86 7.20
CA LEU A 36 2.35 11.95 6.17
C LEU A 36 1.00 11.48 6.71
N LEU A 37 1.02 10.37 7.44
CA LEU A 37 -0.19 9.80 8.01
C LEU A 37 -1.05 10.90 8.65
N GLU A 38 -0.47 11.60 9.61
CA GLU A 38 -1.18 12.67 10.31
C GLU A 38 -1.54 13.79 9.33
N ARG A 39 -0.62 14.12 8.44
CA ARG A 39 -0.84 15.17 7.46
C ARG A 39 -2.14 14.95 6.70
N TYR A 40 -2.29 13.77 6.13
CA TYR A 40 -3.49 13.44 5.37
C TYR A 40 -4.36 12.44 6.13
N PRO A 41 -5.14 12.95 7.09
CA PRO A 41 -6.03 12.13 7.92
C PRO A 41 -7.21 11.57 7.12
N GLU A 42 -7.30 11.97 5.85
CA GLU A 42 -8.38 11.50 4.99
C GLU A 42 -7.86 10.50 3.97
N CYS A 43 -6.72 10.80 3.36
CA CYS A 43 -6.12 9.93 2.36
C CYS A 43 -6.00 8.51 2.89
N GLY A 44 -5.77 8.38 4.19
CA GLY A 44 -5.63 7.07 4.80
C GLY A 44 -4.48 6.99 5.78
N ASN A 45 -4.23 5.79 6.31
CA ASN A 45 -3.15 5.60 7.26
C ASN A 45 -2.29 4.39 6.87
N LEU A 46 -2.93 3.41 6.25
CA LEU A 46 -2.23 2.19 5.82
C LEU A 46 -1.59 2.39 4.44
N LEU A 47 -0.33 2.78 4.43
CA LEU A 47 0.38 2.99 3.18
C LEU A 47 1.41 1.89 2.93
N LEU A 48 2.17 2.02 1.86
CA LEU A 48 3.20 1.04 1.51
C LEU A 48 4.42 1.71 0.91
N ARG A 49 5.59 1.38 1.42
CA ARG A 49 6.83 1.95 0.93
C ARG A 49 7.84 0.85 0.56
N PRO A 50 8.59 1.07 -0.51
CA PRO A 50 9.60 0.12 -0.99
C PRO A 50 10.79 0.02 -0.04
N SER A 51 11.31 -1.19 0.14
CA SER A 51 12.45 -1.43 1.02
C SER A 51 13.55 -2.17 0.27
N GLY A 52 14.75 -1.59 0.29
CA GLY A 52 15.88 -2.22 -0.38
C GLY A 52 16.84 -2.88 0.59
N ASP A 53 17.74 -2.09 1.16
CA ASP A 53 18.72 -2.60 2.11
C ASP A 53 18.04 -2.98 3.43
N GLY A 54 17.97 -4.28 3.69
CA GLY A 54 17.35 -4.76 4.92
C GLY A 54 16.49 -5.99 4.69
N ALA A 55 15.49 -5.86 3.83
CA ALA A 55 14.60 -6.97 3.53
C ALA A 55 14.22 -6.99 2.05
N ASP A 56 13.62 -8.09 1.62
CA ASP A 56 13.22 -8.24 0.23
C ASP A 56 11.73 -7.94 0.06
N GLY A 57 11.42 -6.72 -0.35
CA GLY A 57 10.03 -6.34 -0.53
C GLY A 57 9.73 -4.95 0.00
N VAL A 58 8.47 -4.69 0.30
CA VAL A 58 8.05 -3.39 0.81
C VAL A 58 7.59 -3.50 2.27
N SER A 59 7.57 -2.37 2.95
CA SER A 59 7.15 -2.34 4.35
C SER A 59 5.83 -1.60 4.51
N VAL A 60 4.91 -2.19 5.27
CA VAL A 60 3.60 -1.59 5.50
C VAL A 60 3.58 -0.82 6.81
N THR A 61 3.28 0.48 6.73
CA THR A 61 3.23 1.33 7.91
C THR A 61 1.79 1.69 8.26
N THR A 62 1.33 1.22 9.42
CA THR A 62 -0.03 1.49 9.88
C THR A 62 -0.02 2.26 11.20
N ARG A 63 -0.85 3.29 11.28
CA ARG A 63 -0.94 4.10 12.49
C ARG A 63 -2.38 4.19 12.98
N GLN A 64 -2.79 3.21 13.78
CA GLN A 64 -4.15 3.18 14.31
C GLN A 64 -4.20 3.78 15.70
N MET A 65 -5.42 4.07 16.18
CA MET A 65 -5.60 4.65 17.50
C MET A 65 -6.00 3.58 18.51
N HIS A 66 -5.01 3.06 19.23
CA HIS A 66 -5.27 2.03 20.24
C HIS A 66 -5.12 2.59 21.65
N ASN A 67 -6.05 2.22 22.53
CA ASN A 67 -6.03 2.69 23.90
C ASN A 67 -5.92 4.22 23.96
N GLY A 68 -6.41 4.88 22.92
CA GLY A 68 -6.36 6.33 22.87
C GLY A 68 -4.94 6.86 22.85
N THR A 69 -4.07 6.18 22.09
CA THR A 69 -2.68 6.59 21.98
C THR A 69 -2.18 6.47 20.54
N HIS A 70 -1.05 7.11 20.26
CA HIS A 70 -0.47 7.08 18.92
C HIS A 70 0.53 5.93 18.79
N VAL A 71 0.11 4.87 18.10
CA VAL A 71 0.97 3.70 17.91
C VAL A 71 1.39 3.57 16.45
N VAL A 72 2.68 3.35 16.23
CA VAL A 72 3.22 3.22 14.88
C VAL A 72 4.07 1.95 14.77
N ARG A 73 3.61 1.00 13.95
CA ARG A 73 4.32 -0.24 13.74
C ARG A 73 4.64 -0.46 12.27
N HIS A 74 5.49 -1.43 11.98
CA HIS A 74 5.87 -1.74 10.61
C HIS A 74 5.76 -3.24 10.34
N TYR A 75 5.46 -3.59 9.09
CA TYR A 75 5.32 -4.99 8.70
C TYR A 75 6.09 -5.27 7.42
N LYS A 76 7.20 -5.99 7.54
CA LYS A 76 8.03 -6.34 6.40
C LYS A 76 7.32 -7.35 5.50
N VAL A 77 7.56 -7.24 4.19
CA VAL A 77 6.94 -8.14 3.22
C VAL A 77 7.99 -9.05 2.59
N LYS A 78 8.04 -10.30 3.06
CA LYS A 78 8.98 -11.28 2.53
C LYS A 78 8.67 -11.61 1.08
N ARG A 79 9.70 -11.96 0.32
CA ARG A 79 9.53 -12.31 -1.08
C ARG A 79 9.94 -13.75 -1.33
N GLU A 80 8.98 -14.66 -1.17
CA GLU A 80 9.23 -16.08 -1.37
C GLU A 80 8.50 -16.59 -2.62
N GLY A 81 9.21 -16.63 -3.74
CA GLY A 81 8.61 -17.09 -4.98
C GLY A 81 7.72 -16.04 -5.62
N PRO A 82 6.81 -16.50 -6.50
CA PRO A 82 5.88 -15.60 -7.21
C PRO A 82 4.84 -15.01 -6.28
N LYS A 83 4.94 -15.32 -4.99
CA LYS A 83 4.00 -14.80 -4.00
C LYS A 83 4.74 -14.08 -2.87
N TYR A 84 4.02 -13.27 -2.13
CA TYR A 84 4.60 -12.51 -1.02
C TYR A 84 4.17 -13.11 0.32
N VAL A 85 5.08 -13.08 1.29
CA VAL A 85 4.80 -13.61 2.61
C VAL A 85 4.88 -12.51 3.67
N ILE A 86 3.75 -12.24 4.31
CA ILE A 86 3.69 -11.20 5.34
C ILE A 86 4.47 -11.63 6.59
N ASP A 87 5.38 -10.77 7.03
CA ASP A 87 6.19 -11.05 8.22
C ASP A 87 5.34 -10.95 9.48
N VAL A 88 4.52 -11.96 9.73
CA VAL A 88 3.66 -11.98 10.91
C VAL A 88 3.69 -13.35 11.58
N GLU A 89 2.86 -13.51 12.62
CA GLU A 89 2.80 -14.77 13.35
C GLU A 89 2.84 -15.95 12.39
N GLN A 90 1.88 -16.01 11.48
CA GLN A 90 1.81 -17.10 10.51
C GLN A 90 2.19 -16.61 9.12
N PRO A 91 2.89 -17.48 8.36
CA PRO A 91 3.33 -17.15 7.00
C PRO A 91 2.17 -17.07 6.02
N PHE A 92 1.59 -15.88 5.88
CA PHE A 92 0.47 -15.67 4.98
C PHE A 92 0.95 -15.56 3.54
N SER A 93 0.39 -16.40 2.67
CA SER A 93 0.77 -16.41 1.26
C SER A 93 -0.34 -15.80 0.40
N CYS A 94 0.03 -14.87 -0.47
CA CYS A 94 -0.93 -14.21 -1.35
C CYS A 94 -0.47 -14.27 -2.80
N THR A 95 -1.27 -13.71 -3.70
CA THR A 95 -0.95 -13.70 -5.11
C THR A 95 -0.29 -12.39 -5.51
N SER A 96 -0.78 -11.29 -4.95
CA SER A 96 -0.23 -9.96 -5.25
C SER A 96 -0.22 -9.09 -4.00
N LEU A 97 0.21 -7.84 -4.17
CA LEU A 97 0.27 -6.89 -3.07
C LEU A 97 -1.13 -6.44 -2.65
N ASP A 98 -2.05 -6.45 -3.61
CA ASP A 98 -3.43 -6.05 -3.35
C ASP A 98 -4.01 -6.83 -2.17
N ALA A 99 -3.83 -8.15 -2.19
CA ALA A 99 -4.34 -9.00 -1.13
C ALA A 99 -3.81 -8.56 0.23
N VAL A 100 -2.49 -8.42 0.33
CA VAL A 100 -1.86 -8.00 1.57
C VAL A 100 -2.60 -6.83 2.21
N VAL A 101 -2.88 -5.80 1.41
CA VAL A 101 -3.59 -4.63 1.90
C VAL A 101 -4.86 -5.01 2.62
N ASN A 102 -5.55 -6.03 2.10
CA ASN A 102 -6.79 -6.50 2.70
C ASN A 102 -6.51 -7.38 3.91
N TYR A 103 -5.49 -8.22 3.79
CA TYR A 103 -5.11 -9.13 4.87
C TYR A 103 -5.05 -8.38 6.20
N PHE A 104 -4.30 -7.28 6.22
CA PHE A 104 -4.16 -6.47 7.43
C PHE A 104 -5.51 -5.95 7.91
N VAL A 105 -6.30 -5.43 6.97
CA VAL A 105 -7.62 -4.90 7.30
C VAL A 105 -8.43 -5.90 8.11
N SER A 106 -8.41 -7.16 7.68
CA SER A 106 -9.14 -8.22 8.37
C SER A 106 -8.45 -8.60 9.68
N HIS A 107 -7.17 -8.96 9.59
CA HIS A 107 -6.41 -9.34 10.77
C HIS A 107 -6.65 -8.37 11.92
N THR A 108 -6.27 -7.11 11.72
CA THR A 108 -6.46 -6.09 12.74
C THR A 108 -7.89 -6.07 13.25
N LYS A 109 -8.05 -5.82 14.55
CA LYS A 109 -9.36 -5.79 15.17
C LYS A 109 -10.24 -4.74 14.50
N LYS A 110 -9.62 -3.76 13.86
CA LYS A 110 -10.35 -2.70 13.17
C LYS A 110 -9.96 -2.64 11.70
N ALA A 111 -10.89 -2.19 10.86
CA ALA A 111 -10.64 -2.08 9.43
C ALA A 111 -9.90 -0.80 9.10
N LEU A 112 -8.59 -0.91 8.93
CA LEU A 112 -7.76 0.25 8.60
C LEU A 112 -8.02 0.73 7.18
N VAL A 113 -7.68 1.98 6.91
CA VAL A 113 -7.87 2.57 5.58
C VAL A 113 -6.54 2.76 4.87
N PRO A 114 -6.49 2.38 3.58
CA PRO A 114 -5.29 2.50 2.75
C PRO A 114 -4.95 3.95 2.45
N PHE A 115 -3.65 4.24 2.34
CA PHE A 115 -3.20 5.60 2.04
C PHE A 115 -2.96 5.77 0.54
N LEU A 116 -3.66 6.73 -0.05
CA LEU A 116 -3.53 6.99 -1.48
C LEU A 116 -3.24 8.47 -1.72
N LEU A 117 -2.24 8.74 -2.55
CA LEU A 117 -1.85 10.11 -2.87
C LEU A 117 -1.89 10.34 -4.38
N ASP A 118 -2.84 11.15 -4.82
CA ASP A 118 -2.99 11.46 -6.23
C ASP A 118 -1.71 12.09 -6.79
N GLY A 1 -34.43 15.69 -34.37
CA GLY A 1 -33.74 16.28 -33.23
C GLY A 1 -32.26 15.98 -33.24
N SER A 2 -31.55 16.45 -32.21
CA SER A 2 -30.12 16.23 -32.11
C SER A 2 -29.62 16.53 -30.70
N SER A 3 -28.48 15.97 -30.34
CA SER A 3 -27.90 16.17 -29.02
C SER A 3 -26.43 15.73 -28.99
N GLY A 4 -25.77 15.99 -27.86
CA GLY A 4 -24.38 15.61 -27.74
C GLY A 4 -24.20 14.28 -27.02
N SER A 5 -24.79 14.17 -25.83
CA SER A 5 -24.69 12.95 -25.04
C SER A 5 -23.24 12.58 -24.79
N SER A 6 -22.42 13.59 -24.49
CA SER A 6 -21.00 13.36 -24.22
C SER A 6 -20.78 12.89 -22.79
N GLY A 7 -19.58 12.39 -22.53
CA GLY A 7 -19.26 11.90 -21.19
C GLY A 7 -18.80 10.46 -21.20
N GLU A 8 -19.60 9.59 -21.80
CA GLU A 8 -19.27 8.17 -21.86
C GLU A 8 -18.06 7.94 -22.75
N VAL A 9 -17.57 9.00 -23.37
CA VAL A 9 -16.41 8.92 -24.25
C VAL A 9 -15.11 8.83 -23.44
N LEU A 10 -15.16 9.32 -22.21
CA LEU A 10 -14.00 9.29 -21.33
C LEU A 10 -13.53 7.86 -21.09
N ALA A 11 -12.41 7.48 -21.70
CA ALA A 11 -11.87 6.14 -21.54
C ALA A 11 -10.37 6.13 -21.81
N LYS A 12 -9.69 5.10 -21.30
CA LYS A 12 -8.25 4.97 -21.49
C LYS A 12 -7.57 6.33 -21.44
N GLU A 13 -8.00 7.17 -20.49
CA GLU A 13 -7.43 8.50 -20.32
C GLU A 13 -6.16 8.44 -19.49
N GLU A 14 -6.28 7.91 -18.27
CA GLU A 14 -5.13 7.79 -17.37
C GLU A 14 -4.87 6.34 -17.01
N ALA A 15 -3.79 6.11 -16.26
CA ALA A 15 -3.43 4.76 -15.84
C ALA A 15 -2.39 4.80 -14.73
N ARG A 16 -2.31 3.71 -13.97
CA ARG A 16 -1.35 3.61 -12.86
C ARG A 16 -0.43 2.42 -13.05
N ARG A 17 -0.81 1.51 -13.94
CA ARG A 17 -0.02 0.32 -14.21
C ARG A 17 0.29 -0.43 -12.92
N ALA A 18 -0.75 -0.74 -12.15
CA ALA A 18 -0.59 -1.44 -10.88
C ALA A 18 -1.11 -2.87 -10.99
N LEU A 19 -0.45 -3.68 -11.82
CA LEU A 19 -0.84 -5.07 -12.01
C LEU A 19 -0.29 -5.96 -10.89
N GLU A 20 1.02 -5.92 -10.72
CA GLU A 20 1.67 -6.71 -9.68
C GLU A 20 1.26 -6.24 -8.29
N THR A 21 1.29 -4.93 -8.08
CA THR A 21 0.91 -4.36 -6.79
C THR A 21 -0.43 -3.64 -6.88
N PRO A 22 -1.13 -3.57 -5.74
CA PRO A 22 -2.45 -2.92 -5.66
C PRO A 22 -2.35 -1.40 -5.82
N SER A 23 -3.47 -0.77 -6.16
CA SER A 23 -3.50 0.68 -6.33
C SER A 23 -3.15 1.39 -5.04
N CYS A 24 -3.58 0.82 -3.91
CA CYS A 24 -3.30 1.42 -2.61
C CYS A 24 -1.81 1.68 -2.43
N PHE A 25 -0.99 0.77 -2.96
CA PHE A 25 0.46 0.91 -2.86
C PHE A 25 0.94 2.18 -3.55
N LEU A 26 2.06 2.71 -3.09
CA LEU A 26 2.63 3.93 -3.66
C LEU A 26 4.15 3.96 -3.50
N LYS A 27 4.82 4.69 -4.38
CA LYS A 27 6.27 4.80 -4.32
C LYS A 27 6.70 6.05 -3.56
N VAL A 28 7.17 5.85 -2.34
CA VAL A 28 7.62 6.96 -1.49
C VAL A 28 8.69 6.51 -0.52
N SER A 29 9.31 7.48 0.17
CA SER A 29 10.36 7.19 1.13
C SER A 29 9.76 6.73 2.45
N ARG A 30 10.51 5.90 3.17
CA ARG A 30 10.06 5.37 4.46
C ARG A 30 9.61 6.50 5.37
N LEU A 31 10.02 7.72 5.06
CA LEU A 31 9.66 8.89 5.85
C LEU A 31 8.34 9.49 5.37
N GLU A 32 8.25 9.74 4.06
CA GLU A 32 7.05 10.31 3.46
C GLU A 32 5.83 9.44 3.79
N ALA A 33 5.96 8.14 3.56
CA ALA A 33 4.86 7.22 3.83
C ALA A 33 4.24 7.49 5.19
N GLN A 34 5.07 7.81 6.17
CA GLN A 34 4.59 8.09 7.52
C GLN A 34 3.79 9.38 7.56
N LEU A 35 4.46 10.51 7.36
CA LEU A 35 3.81 11.81 7.38
C LEU A 35 2.65 11.85 6.38
N LEU A 36 2.69 10.95 5.40
CA LEU A 36 1.64 10.88 4.39
C LEU A 36 0.31 10.47 5.01
N LEU A 37 0.38 9.76 6.13
CA LEU A 37 -0.82 9.32 6.83
C LEU A 37 -1.54 10.48 7.49
N GLU A 38 -0.83 11.20 8.36
CA GLU A 38 -1.40 12.35 9.06
C GLU A 38 -1.83 13.43 8.06
N ARG A 39 -1.08 13.54 6.96
CA ARG A 39 -1.39 14.52 5.93
C ARG A 39 -2.70 14.21 5.24
N TYR A 40 -2.82 12.99 4.72
CA TYR A 40 -4.03 12.57 4.03
C TYR A 40 -4.80 11.54 4.85
N PRO A 41 -5.54 12.03 5.86
CA PRO A 41 -6.34 11.18 6.74
C PRO A 41 -7.54 10.57 6.04
N GLU A 42 -8.25 11.39 5.28
CA GLU A 42 -9.42 10.93 4.55
C GLU A 42 -9.10 9.70 3.71
N CYS A 43 -8.06 9.82 2.88
CA CYS A 43 -7.64 8.72 2.03
C CYS A 43 -7.61 7.41 2.80
N GLY A 44 -6.96 7.42 3.95
CA GLY A 44 -6.86 6.22 4.77
C GLY A 44 -5.62 6.19 5.63
N ASN A 45 -5.38 5.07 6.29
CA ASN A 45 -4.21 4.91 7.14
C ASN A 45 -3.35 3.74 6.69
N LEU A 46 -3.99 2.74 6.09
CA LEU A 46 -3.29 1.55 5.61
C LEU A 46 -2.62 1.83 4.27
N LEU A 47 -1.29 1.75 4.25
CA LEU A 47 -0.52 1.98 3.03
C LEU A 47 0.66 1.02 2.93
N LEU A 48 1.11 0.78 1.71
CA LEU A 48 2.23 -0.12 1.48
C LEU A 48 3.37 0.60 0.78
N ARG A 49 4.52 0.66 1.43
CA ARG A 49 5.70 1.32 0.86
C ARG A 49 6.79 0.30 0.53
N PRO A 50 7.50 0.55 -0.57
CA PRO A 50 8.58 -0.32 -1.04
C PRO A 50 9.80 -0.29 -0.11
N SER A 51 10.20 -1.45 0.39
CA SER A 51 11.35 -1.54 1.28
C SER A 51 12.42 -2.45 0.69
N GLY A 52 13.14 -1.93 -0.31
CA GLY A 52 14.19 -2.70 -0.94
C GLY A 52 14.75 -2.01 -2.17
N ASP A 53 15.44 -2.78 -3.02
CA ASP A 53 16.02 -2.24 -4.23
C ASP A 53 15.12 -2.47 -5.43
N GLY A 54 13.82 -2.26 -5.24
CA GLY A 54 12.86 -2.46 -6.31
C GLY A 54 11.60 -3.17 -5.84
N ALA A 55 11.43 -4.41 -6.28
CA ALA A 55 10.26 -5.19 -5.90
C ALA A 55 10.65 -6.38 -5.02
N ASP A 56 11.63 -6.17 -4.15
CA ASP A 56 12.10 -7.21 -3.25
C ASP A 56 11.79 -6.86 -1.80
N GLY A 57 10.56 -7.09 -1.38
CA GLY A 57 10.16 -6.80 -0.02
C GLY A 57 9.35 -5.52 0.07
N VAL A 58 8.16 -5.62 0.67
CA VAL A 58 7.29 -4.46 0.83
C VAL A 58 6.83 -4.30 2.28
N SER A 59 6.78 -3.06 2.75
CA SER A 59 6.37 -2.78 4.12
C SER A 59 4.95 -2.22 4.15
N VAL A 60 4.31 -2.32 5.32
CA VAL A 60 2.95 -1.83 5.48
C VAL A 60 2.86 -0.85 6.64
N THR A 61 2.48 0.39 6.34
CA THR A 61 2.35 1.43 7.36
C THR A 61 0.89 1.68 7.70
N THR A 62 0.54 1.52 8.97
CA THR A 62 -0.82 1.73 9.43
C THR A 62 -0.84 2.46 10.77
N ARG A 63 -1.74 3.43 10.89
CA ARG A 63 -1.87 4.21 12.12
C ARG A 63 -3.34 4.40 12.50
N GLN A 64 -3.60 4.41 13.80
CA GLN A 64 -4.96 4.57 14.29
C GLN A 64 -4.97 4.84 15.80
N MET A 65 -6.14 5.16 16.33
CA MET A 65 -6.28 5.44 17.76
C MET A 65 -6.09 4.18 18.58
N HIS A 66 -4.87 4.01 19.11
CA HIS A 66 -4.55 2.83 19.92
C HIS A 66 -4.38 3.22 21.39
N ASN A 67 -5.16 2.58 22.25
CA ASN A 67 -5.10 2.85 23.68
C ASN A 67 -5.34 4.33 23.96
N GLY A 68 -6.10 4.98 23.07
CA GLY A 68 -6.39 6.40 23.25
C GLY A 68 -5.18 7.27 22.98
N THR A 69 -4.17 6.71 22.32
CA THR A 69 -2.96 7.45 22.01
C THR A 69 -2.65 7.39 20.52
N HIS A 70 -1.80 8.31 20.06
CA HIS A 70 -1.41 8.37 18.65
C HIS A 70 -0.07 7.68 18.43
N VAL A 71 -0.09 6.63 17.62
CA VAL A 71 1.13 5.88 17.32
C VAL A 71 1.08 5.28 15.92
N VAL A 72 2.24 5.24 15.26
CA VAL A 72 2.33 4.69 13.91
C VAL A 72 3.04 3.34 13.91
N ARG A 73 2.35 2.31 13.44
CA ARG A 73 2.93 0.97 13.39
C ARG A 73 3.54 0.70 12.02
N HIS A 74 4.37 -0.35 11.95
CA HIS A 74 5.02 -0.71 10.70
C HIS A 74 5.17 -2.22 10.58
N TYR A 75 5.16 -2.72 9.35
CA TYR A 75 5.29 -4.16 9.10
C TYR A 75 6.26 -4.43 7.96
N LYS A 76 6.80 -5.64 7.93
CA LYS A 76 7.76 -6.03 6.89
C LYS A 76 7.33 -7.34 6.23
N VAL A 77 7.49 -7.42 4.91
CA VAL A 77 7.12 -8.61 4.17
C VAL A 77 8.35 -9.28 3.56
N LYS A 78 8.42 -10.59 3.67
CA LYS A 78 9.54 -11.35 3.14
C LYS A 78 9.29 -11.74 1.68
N ARG A 79 10.37 -11.85 0.91
CA ARG A 79 10.26 -12.22 -0.50
C ARG A 79 10.90 -13.58 -0.76
N GLU A 80 10.07 -14.58 -0.99
CA GLU A 80 10.55 -15.93 -1.25
C GLU A 80 9.62 -16.67 -2.21
N GLY A 81 10.14 -16.99 -3.40
CA GLY A 81 9.33 -17.70 -4.38
C GLY A 81 8.18 -16.86 -4.89
N PRO A 82 7.27 -17.49 -5.64
CA PRO A 82 6.10 -16.82 -6.21
C PRO A 82 5.09 -16.41 -5.15
N LYS A 83 5.42 -16.66 -3.89
CA LYS A 83 4.55 -16.32 -2.78
C LYS A 83 5.27 -15.43 -1.77
N TYR A 84 4.50 -14.60 -1.07
CA TYR A 84 5.07 -13.70 -0.07
C TYR A 84 4.55 -14.04 1.32
N VAL A 85 5.48 -14.37 2.22
CA VAL A 85 5.11 -14.71 3.60
C VAL A 85 5.22 -13.50 4.51
N ILE A 86 4.11 -13.16 5.16
CA ILE A 86 4.08 -12.02 6.07
C ILE A 86 4.99 -12.25 7.27
N ASP A 87 5.87 -11.29 7.52
CA ASP A 87 6.81 -11.38 8.65
C ASP A 87 6.05 -11.27 9.98
N VAL A 88 5.36 -12.35 10.34
CA VAL A 88 4.60 -12.37 11.59
C VAL A 88 4.83 -13.67 12.34
N GLU A 89 4.13 -13.84 13.46
CA GLU A 89 4.25 -15.04 14.27
C GLU A 89 4.33 -16.28 13.39
N GLN A 90 3.43 -16.38 12.43
CA GLN A 90 3.41 -17.52 11.52
C GLN A 90 3.56 -17.06 10.07
N PRO A 91 4.31 -17.84 9.28
CA PRO A 91 4.56 -17.54 7.86
C PRO A 91 3.29 -17.71 7.01
N PHE A 92 2.51 -16.64 6.89
CA PHE A 92 1.29 -16.68 6.10
C PHE A 92 1.58 -16.45 4.63
N SER A 93 1.57 -17.53 3.85
CA SER A 93 1.84 -17.46 2.42
C SER A 93 0.64 -16.89 1.67
N CYS A 94 0.90 -16.33 0.49
CA CYS A 94 -0.16 -15.76 -0.32
C CYS A 94 0.14 -15.92 -1.80
N THR A 95 -0.73 -15.38 -2.65
CA THR A 95 -0.55 -15.47 -4.10
C THR A 95 0.02 -14.18 -4.66
N SER A 96 -0.44 -13.04 -4.13
CA SER A 96 0.03 -11.74 -4.58
C SER A 96 0.04 -10.73 -3.45
N LEU A 97 0.35 -9.49 -3.76
CA LEU A 97 0.40 -8.42 -2.76
C LEU A 97 -1.01 -8.07 -2.29
N ASP A 98 -1.96 -8.06 -3.20
CA ASP A 98 -3.35 -7.74 -2.88
C ASP A 98 -3.84 -8.60 -1.73
N ALA A 99 -3.69 -9.91 -1.87
CA ALA A 99 -4.13 -10.85 -0.84
C ALA A 99 -3.61 -10.44 0.53
N VAL A 100 -2.32 -10.10 0.59
CA VAL A 100 -1.70 -9.68 1.85
C VAL A 100 -2.58 -8.66 2.58
N VAL A 101 -2.96 -7.60 1.89
CA VAL A 101 -3.79 -6.57 2.48
C VAL A 101 -5.01 -7.17 3.17
N ASN A 102 -5.67 -8.09 2.48
CA ASN A 102 -6.85 -8.75 3.03
C ASN A 102 -6.54 -9.43 4.35
N TYR A 103 -5.34 -9.99 4.46
CA TYR A 103 -4.91 -10.66 5.68
C TYR A 103 -4.82 -9.69 6.84
N PHE A 104 -4.48 -8.44 6.54
CA PHE A 104 -4.37 -7.41 7.56
C PHE A 104 -5.73 -6.83 7.92
N VAL A 105 -6.51 -6.51 6.89
CA VAL A 105 -7.84 -5.94 7.10
C VAL A 105 -8.61 -6.72 8.17
N SER A 106 -8.27 -7.99 8.32
CA SER A 106 -8.93 -8.84 9.31
C SER A 106 -8.33 -8.63 10.69
N HIS A 107 -7.07 -9.07 10.86
CA HIS A 107 -6.39 -8.94 12.14
C HIS A 107 -6.61 -7.54 12.73
N THR A 108 -6.33 -6.52 11.94
CA THR A 108 -6.49 -5.14 12.39
C THR A 108 -7.94 -4.87 12.80
N LYS A 109 -8.22 -3.62 13.17
CA LYS A 109 -9.56 -3.23 13.58
C LYS A 109 -10.61 -3.87 12.69
N LYS A 110 -11.80 -4.10 13.25
CA LYS A 110 -12.90 -4.71 12.50
C LYS A 110 -12.84 -4.31 11.03
N ALA A 111 -12.42 -3.07 10.78
CA ALA A 111 -12.32 -2.56 9.41
C ALA A 111 -11.28 -1.46 9.31
N LEU A 112 -10.39 -1.59 8.33
CA LEU A 112 -9.33 -0.60 8.13
C LEU A 112 -9.44 0.03 6.74
N VAL A 113 -9.32 1.36 6.69
CA VAL A 113 -9.40 2.08 5.43
C VAL A 113 -8.04 2.14 4.74
N PRO A 114 -8.00 1.65 3.48
CA PRO A 114 -6.77 1.63 2.69
C PRO A 114 -6.32 3.03 2.28
N PHE A 115 -5.05 3.16 1.91
CA PHE A 115 -4.50 4.44 1.49
C PHE A 115 -4.23 4.46 -0.01
N LEU A 116 -4.86 5.38 -0.71
CA LEU A 116 -4.69 5.51 -2.15
C LEU A 116 -4.56 6.97 -2.56
N LEU A 117 -3.55 7.27 -3.37
CA LEU A 117 -3.31 8.63 -3.84
C LEU A 117 -3.33 8.69 -5.36
N ASP A 118 -4.43 9.17 -5.92
CA ASP A 118 -4.58 9.28 -7.37
C ASP A 118 -3.53 10.23 -7.95
N GLY A 1 -17.35 37.83 -23.65
CA GLY A 1 -17.87 36.49 -23.55
C GLY A 1 -17.02 35.60 -22.66
N SER A 2 -17.59 34.48 -22.22
CA SER A 2 -16.88 33.54 -21.36
C SER A 2 -17.59 32.20 -21.32
N SER A 3 -16.83 31.13 -21.53
CA SER A 3 -17.38 29.77 -21.53
C SER A 3 -16.41 28.79 -20.88
N GLY A 4 -16.89 27.59 -20.60
CA GLY A 4 -16.06 26.58 -19.98
C GLY A 4 -16.02 25.29 -20.77
N SER A 5 -15.16 24.36 -20.36
CA SER A 5 -15.04 23.07 -21.04
C SER A 5 -14.74 21.96 -20.05
N SER A 6 -14.67 20.73 -20.56
CA SER A 6 -14.40 19.57 -19.71
C SER A 6 -12.92 19.21 -19.76
N GLY A 7 -12.54 18.19 -18.98
CA GLY A 7 -11.15 17.77 -18.95
C GLY A 7 -10.71 17.12 -20.25
N GLU A 8 -9.76 17.76 -20.93
CA GLU A 8 -9.26 17.24 -22.20
C GLU A 8 -8.87 15.76 -22.06
N VAL A 9 -8.38 15.19 -23.15
CA VAL A 9 -7.97 13.79 -23.17
C VAL A 9 -7.39 13.39 -21.82
N LEU A 10 -8.08 12.50 -21.12
CA LEU A 10 -7.63 12.02 -19.82
C LEU A 10 -7.65 10.50 -19.76
N ALA A 11 -6.51 9.88 -19.96
CA ALA A 11 -6.40 8.42 -19.92
C ALA A 11 -5.48 7.97 -18.78
N LYS A 12 -5.07 8.92 -17.95
CA LYS A 12 -4.20 8.61 -16.82
C LYS A 12 -4.94 8.77 -15.51
N GLU A 13 -6.25 8.51 -15.53
CA GLU A 13 -7.08 8.62 -14.34
C GLU A 13 -6.81 7.45 -13.39
N GLU A 14 -6.95 6.23 -13.89
CA GLU A 14 -6.73 5.04 -13.09
C GLU A 14 -6.29 3.87 -13.96
N ALA A 15 -5.43 3.02 -13.40
CA ALA A 15 -4.93 1.86 -14.13
C ALA A 15 -5.32 0.57 -13.44
N ARG A 16 -5.72 -0.44 -14.22
CA ARG A 16 -6.12 -1.72 -13.67
C ARG A 16 -4.95 -2.70 -13.68
N ARG A 17 -3.90 -2.36 -14.41
CA ARG A 17 -2.72 -3.21 -14.50
C ARG A 17 -1.87 -3.11 -13.24
N ALA A 18 -2.52 -3.22 -12.08
CA ALA A 18 -1.83 -3.14 -10.81
C ALA A 18 -1.42 -4.53 -10.32
N LEU A 19 -0.63 -5.22 -11.11
CA LEU A 19 -0.18 -6.57 -10.76
C LEU A 19 0.99 -6.51 -9.78
N GLU A 20 2.12 -5.98 -10.24
CA GLU A 20 3.31 -5.87 -9.41
C GLU A 20 2.95 -5.34 -8.02
N THR A 21 2.19 -4.24 -7.99
CA THR A 21 1.78 -3.64 -6.74
C THR A 21 0.38 -3.06 -6.84
N PRO A 22 -0.35 -3.06 -5.71
CA PRO A 22 -1.72 -2.54 -5.65
C PRO A 22 -1.77 -1.02 -5.80
N SER A 23 -2.94 -0.50 -6.19
CA SER A 23 -3.11 0.94 -6.38
C SER A 23 -2.73 1.70 -5.11
N CYS A 24 -3.26 1.23 -3.98
CA CYS A 24 -2.98 1.88 -2.69
C CYS A 24 -1.50 2.19 -2.56
N PHE A 25 -0.66 1.25 -2.96
CA PHE A 25 0.79 1.43 -2.87
C PHE A 25 1.20 2.82 -3.34
N LEU A 26 2.34 3.29 -2.85
CA LEU A 26 2.84 4.61 -3.21
C LEU A 26 4.36 4.66 -3.11
N LYS A 27 4.97 5.55 -3.89
CA LYS A 27 6.42 5.70 -3.89
C LYS A 27 6.83 6.93 -3.10
N VAL A 28 7.35 6.71 -1.90
CA VAL A 28 7.80 7.80 -1.03
C VAL A 28 8.97 7.38 -0.16
N SER A 29 9.53 8.33 0.58
CA SER A 29 10.66 8.05 1.44
C SER A 29 10.21 7.40 2.75
N ARG A 30 11.14 6.75 3.44
CA ARG A 30 10.82 6.08 4.69
C ARG A 30 10.28 7.08 5.72
N LEU A 31 10.95 8.21 5.85
CA LEU A 31 10.54 9.24 6.80
C LEU A 31 9.33 10.01 6.26
N GLU A 32 9.17 10.01 4.95
CA GLU A 32 8.05 10.71 4.31
C GLU A 32 6.74 9.96 4.55
N ALA A 33 6.68 8.71 4.10
CA ALA A 33 5.49 7.90 4.26
C ALA A 33 4.79 8.20 5.58
N GLN A 34 5.55 8.23 6.66
CA GLN A 34 5.01 8.51 7.98
C GLN A 34 4.15 9.77 7.96
N LEU A 35 4.81 10.91 7.74
CA LEU A 35 4.10 12.19 7.69
C LEU A 35 3.00 12.17 6.64
N LEU A 36 3.22 11.43 5.57
CA LEU A 36 2.24 11.32 4.48
C LEU A 36 0.84 11.14 5.05
N LEU A 37 0.76 10.65 6.27
CA LEU A 37 -0.52 10.42 6.93
C LEU A 37 -1.10 11.73 7.46
N GLU A 38 -0.32 12.42 8.28
CA GLU A 38 -0.77 13.70 8.85
C GLU A 38 -1.26 14.64 7.76
N ARG A 39 -0.75 14.46 6.54
CA ARG A 39 -1.15 15.29 5.41
C ARG A 39 -2.43 14.76 4.77
N TYR A 40 -2.53 13.44 4.66
CA TYR A 40 -3.71 12.82 4.06
C TYR A 40 -4.30 11.77 5.00
N PRO A 41 -4.70 12.21 6.20
CA PRO A 41 -5.29 11.33 7.22
C PRO A 41 -6.68 10.85 6.83
N GLU A 42 -7.24 11.46 5.78
CA GLU A 42 -8.56 11.09 5.31
C GLU A 42 -8.48 10.05 4.19
N CYS A 43 -7.30 9.92 3.61
CA CYS A 43 -7.08 8.96 2.53
C CYS A 43 -6.88 7.55 3.08
N GLY A 44 -6.29 7.47 4.27
CA GLY A 44 -6.05 6.17 4.89
C GLY A 44 -4.79 6.16 5.72
N ASN A 45 -4.49 5.00 6.33
CA ASN A 45 -3.30 4.87 7.16
C ASN A 45 -2.45 3.70 6.69
N LEU A 46 -3.09 2.72 6.05
CA LEU A 46 -2.38 1.55 5.54
C LEU A 46 -1.71 1.85 4.20
N LEU A 47 -0.47 2.31 4.26
CA LEU A 47 0.28 2.64 3.05
C LEU A 47 1.49 1.72 2.90
N LEU A 48 1.86 1.44 1.65
CA LEU A 48 3.00 0.57 1.37
C LEU A 48 4.05 1.32 0.55
N ARG A 49 5.19 1.60 1.19
CA ARG A 49 6.28 2.31 0.51
C ARG A 49 7.35 1.33 0.03
N PRO A 50 8.06 1.70 -1.05
CA PRO A 50 9.11 0.87 -1.63
C PRO A 50 10.34 0.79 -0.73
N SER A 51 10.74 -0.43 -0.40
CA SER A 51 11.90 -0.64 0.46
C SER A 51 13.11 -1.05 -0.36
N GLY A 52 14.03 -0.11 -0.57
CA GLY A 52 15.23 -0.39 -1.35
C GLY A 52 15.03 -0.16 -2.83
N ASP A 53 16.12 0.06 -3.55
CA ASP A 53 16.06 0.30 -4.99
C ASP A 53 16.32 -0.99 -5.76
N GLY A 54 15.29 -1.48 -6.44
CA GLY A 54 15.43 -2.70 -7.22
C GLY A 54 15.57 -3.94 -6.35
N ALA A 55 14.48 -4.35 -5.72
CA ALA A 55 14.48 -5.51 -4.85
C ALA A 55 13.08 -6.07 -4.67
N ASP A 56 12.99 -7.27 -4.10
CA ASP A 56 11.70 -7.91 -3.87
C ASP A 56 11.23 -7.70 -2.43
N GLY A 57 11.43 -6.49 -1.92
CA GLY A 57 11.02 -6.19 -0.57
C GLY A 57 10.18 -4.94 -0.48
N VAL A 58 9.14 -4.97 0.36
CA VAL A 58 8.26 -3.83 0.53
C VAL A 58 7.88 -3.63 2.00
N SER A 59 7.68 -2.38 2.39
CA SER A 59 7.32 -2.07 3.77
C SER A 59 5.89 -1.54 3.85
N VAL A 60 5.31 -1.62 5.04
CA VAL A 60 3.94 -1.15 5.26
C VAL A 60 3.84 -0.31 6.51
N THR A 61 3.34 0.92 6.36
CA THR A 61 3.19 1.84 7.48
C THR A 61 1.73 2.01 7.86
N THR A 62 1.36 1.51 9.04
CA THR A 62 -0.01 1.61 9.52
C THR A 62 -0.09 2.40 10.82
N ARG A 63 -0.94 3.42 10.85
CA ARG A 63 -1.10 4.25 12.03
C ARG A 63 -2.46 4.02 12.67
N GLN A 64 -2.58 2.99 13.49
CA GLN A 64 -3.83 2.67 14.16
C GLN A 64 -3.96 3.45 15.47
N MET A 65 -5.20 3.64 15.92
CA MET A 65 -5.46 4.37 17.15
C MET A 65 -5.79 3.41 18.29
N HIS A 66 -5.06 3.52 19.38
CA HIS A 66 -5.28 2.65 20.54
C HIS A 66 -5.56 3.48 21.79
N ASN A 67 -6.83 3.53 22.18
CA ASN A 67 -7.24 4.29 23.36
C ASN A 67 -6.96 5.78 23.17
N GLY A 68 -7.05 6.24 21.92
CA GLY A 68 -6.81 7.64 21.63
C GLY A 68 -5.33 8.00 21.70
N THR A 69 -4.49 7.14 21.13
CA THR A 69 -3.05 7.38 21.13
C THR A 69 -2.48 7.30 19.72
N HIS A 70 -1.36 7.97 19.51
CA HIS A 70 -0.71 7.97 18.20
C HIS A 70 0.45 6.98 18.17
N VAL A 71 0.39 6.02 17.24
CA VAL A 71 1.44 5.02 17.10
C VAL A 71 1.58 4.57 15.65
N VAL A 72 2.82 4.47 15.19
CA VAL A 72 3.09 4.05 13.82
C VAL A 72 3.70 2.65 13.79
N ARG A 73 2.88 1.67 13.40
CA ARG A 73 3.33 0.29 13.32
C ARG A 73 3.82 -0.05 11.91
N HIS A 74 4.90 -0.82 11.83
CA HIS A 74 5.45 -1.22 10.55
C HIS A 74 5.50 -2.74 10.42
N TYR A 75 5.02 -3.25 9.30
CA TYR A 75 5.02 -4.69 9.05
C TYR A 75 6.03 -5.07 7.98
N LYS A 76 6.69 -6.20 8.18
CA LYS A 76 7.68 -6.68 7.23
C LYS A 76 7.18 -7.91 6.48
N VAL A 77 7.73 -8.15 5.29
CA VAL A 77 7.34 -9.29 4.48
C VAL A 77 8.55 -10.04 3.95
N LYS A 78 8.65 -11.33 4.26
CA LYS A 78 9.75 -12.15 3.82
C LYS A 78 9.52 -12.66 2.40
N ARG A 79 10.60 -12.77 1.62
CA ARG A 79 10.49 -13.26 0.25
C ARG A 79 10.77 -14.76 0.17
N GLU A 80 9.73 -15.52 -0.11
CA GLU A 80 9.86 -16.98 -0.20
C GLU A 80 9.24 -17.49 -1.50
N GLY A 81 10.01 -17.43 -2.59
CA GLY A 81 9.52 -17.90 -3.87
C GLY A 81 8.67 -16.86 -4.58
N PRO A 82 7.81 -17.32 -5.49
CA PRO A 82 6.93 -16.43 -6.26
C PRO A 82 5.84 -15.81 -5.40
N LYS A 83 5.81 -16.19 -4.12
CA LYS A 83 4.81 -15.67 -3.19
C LYS A 83 5.47 -14.83 -2.11
N TYR A 84 4.65 -14.15 -1.31
CA TYR A 84 5.16 -13.31 -0.23
C TYR A 84 4.58 -13.73 1.11
N VAL A 85 5.43 -14.31 1.96
CA VAL A 85 5.01 -14.76 3.28
C VAL A 85 5.07 -13.63 4.30
N ILE A 86 3.96 -13.36 4.96
CA ILE A 86 3.90 -12.30 5.97
C ILE A 86 4.74 -12.66 7.19
N ASP A 87 5.35 -11.65 7.80
CA ASP A 87 6.19 -11.86 8.97
C ASP A 87 5.37 -11.67 10.25
N VAL A 88 4.40 -12.56 10.46
CA VAL A 88 3.55 -12.49 11.65
C VAL A 88 3.48 -13.85 12.34
N GLU A 89 2.70 -13.90 13.42
CA GLU A 89 2.53 -15.15 14.17
C GLU A 89 2.52 -16.35 13.24
N GLN A 90 1.54 -16.38 12.33
CA GLN A 90 1.43 -17.48 11.38
C GLN A 90 1.86 -17.04 9.99
N PRO A 91 2.64 -17.90 9.31
CA PRO A 91 3.14 -17.62 7.96
C PRO A 91 2.03 -17.68 6.92
N PHE A 92 1.34 -16.54 6.73
CA PHE A 92 0.26 -16.47 5.77
C PHE A 92 0.80 -16.25 4.35
N SER A 93 0.68 -17.27 3.51
CA SER A 93 1.16 -17.21 2.14
C SER A 93 0.14 -16.51 1.24
N CYS A 94 0.64 -15.86 0.19
CA CYS A 94 -0.22 -15.16 -0.74
C CYS A 94 0.26 -15.34 -2.18
N THR A 95 -0.39 -14.66 -3.11
CA THR A 95 -0.03 -14.74 -4.52
C THR A 95 0.61 -13.45 -5.01
N SER A 96 0.24 -12.34 -4.40
CA SER A 96 0.78 -11.04 -4.76
C SER A 96 0.50 -10.00 -3.68
N LEU A 97 1.02 -8.79 -3.87
CA LEU A 97 0.83 -7.71 -2.91
C LEU A 97 -0.65 -7.43 -2.70
N ASP A 98 -1.44 -7.58 -3.77
CA ASP A 98 -2.87 -7.34 -3.70
C ASP A 98 -3.50 -8.13 -2.55
N ALA A 99 -3.12 -9.39 -2.43
CA ALA A 99 -3.65 -10.26 -1.39
C ALA A 99 -3.24 -9.75 -0.01
N VAL A 100 -1.96 -9.48 0.17
CA VAL A 100 -1.45 -8.99 1.45
C VAL A 100 -2.34 -7.89 2.01
N VAL A 101 -2.55 -6.84 1.21
CA VAL A 101 -3.39 -5.73 1.63
C VAL A 101 -4.70 -6.22 2.24
N ASN A 102 -5.29 -7.22 1.61
CA ASN A 102 -6.55 -7.79 2.08
C ASN A 102 -6.35 -8.55 3.40
N TYR A 103 -5.30 -9.37 3.43
CA TYR A 103 -5.00 -10.16 4.62
C TYR A 103 -5.06 -9.29 5.88
N PHE A 104 -4.47 -8.10 5.80
CA PHE A 104 -4.46 -7.17 6.92
C PHE A 104 -5.86 -6.66 7.23
N VAL A 105 -6.62 -6.37 6.17
CA VAL A 105 -7.98 -5.87 6.32
C VAL A 105 -8.85 -6.85 7.10
N SER A 106 -8.83 -8.11 6.67
CA SER A 106 -9.61 -9.15 7.32
C SER A 106 -9.02 -9.52 8.67
N HIS A 107 -7.70 -9.76 8.69
CA HIS A 107 -7.01 -10.10 9.92
C HIS A 107 -7.47 -9.23 11.08
N THR A 108 -7.37 -7.92 10.90
CA THR A 108 -7.78 -6.97 11.93
C THR A 108 -9.28 -6.74 11.91
N LYS A 109 -9.87 -6.55 13.08
CA LYS A 109 -11.29 -6.32 13.20
C LYS A 109 -11.68 -4.95 12.66
N LYS A 110 -11.24 -3.90 13.34
CA LYS A 110 -11.53 -2.52 12.93
C LYS A 110 -11.38 -2.38 11.42
N ALA A 111 -11.92 -1.30 10.88
CA ALA A 111 -11.85 -1.03 9.45
C ALA A 111 -10.57 -0.29 9.09
N LEU A 112 -9.65 -0.98 8.42
CA LEU A 112 -8.39 -0.39 8.02
C LEU A 112 -8.48 0.23 6.63
N VAL A 113 -8.42 1.56 6.58
CA VAL A 113 -8.49 2.27 5.30
C VAL A 113 -7.13 2.37 4.64
N PRO A 114 -7.04 1.86 3.40
CA PRO A 114 -5.78 1.88 2.63
C PRO A 114 -5.40 3.29 2.19
N PHE A 115 -4.10 3.56 2.17
CA PHE A 115 -3.59 4.86 1.78
C PHE A 115 -3.48 4.96 0.25
N LEU A 116 -4.30 5.84 -0.34
CA LEU A 116 -4.29 6.03 -1.78
C LEU A 116 -4.02 7.49 -2.14
N LEU A 117 -3.20 7.69 -3.16
CA LEU A 117 -2.85 9.04 -3.61
C LEU A 117 -3.11 9.20 -5.10
N ASP A 118 -4.02 10.11 -5.44
CA ASP A 118 -4.36 10.36 -6.83
C ASP A 118 -3.54 11.54 -7.38
N GLY A 1 -7.87 28.32 -44.22
CA GLY A 1 -7.30 26.98 -44.26
C GLY A 1 -7.46 26.26 -42.94
N SER A 2 -8.53 25.47 -42.82
CA SER A 2 -8.79 24.72 -41.60
C SER A 2 -7.68 23.70 -41.34
N SER A 3 -7.06 23.79 -40.16
CA SER A 3 -5.99 22.87 -39.79
C SER A 3 -6.54 21.66 -39.05
N GLY A 4 -7.44 21.91 -38.09
CA GLY A 4 -8.02 20.84 -37.32
C GLY A 4 -6.98 20.06 -36.53
N SER A 5 -6.80 18.79 -36.89
CA SER A 5 -5.84 17.93 -36.19
C SER A 5 -6.12 17.90 -34.70
N SER A 6 -7.40 17.73 -34.35
CA SER A 6 -7.80 17.68 -32.94
C SER A 6 -7.45 16.33 -32.33
N GLY A 7 -7.17 16.32 -31.04
CA GLY A 7 -6.83 15.09 -30.36
C GLY A 7 -5.37 15.04 -29.94
N GLU A 8 -5.03 15.79 -28.90
CA GLU A 8 -3.66 15.83 -28.39
C GLU A 8 -3.22 14.45 -27.93
N VAL A 9 -1.97 14.37 -27.47
CA VAL A 9 -1.42 13.10 -27.00
C VAL A 9 -2.47 12.27 -26.29
N LEU A 10 -3.39 12.95 -25.60
CA LEU A 10 -4.46 12.28 -24.88
C LEU A 10 -3.99 10.94 -24.32
N ALA A 11 -2.86 10.96 -23.62
CA ALA A 11 -2.30 9.75 -23.03
C ALA A 11 -2.41 9.78 -21.51
N LYS A 12 -3.05 10.81 -20.99
CA LYS A 12 -3.24 10.96 -19.55
C LYS A 12 -4.66 10.61 -19.14
N GLU A 13 -5.47 10.17 -20.11
CA GLU A 13 -6.85 9.80 -19.85
C GLU A 13 -6.93 8.66 -18.83
N GLU A 14 -6.30 7.54 -19.18
CA GLU A 14 -6.30 6.37 -18.30
C GLU A 14 -4.90 5.80 -18.15
N ALA A 15 -4.77 4.75 -17.34
CA ALA A 15 -3.48 4.12 -17.12
C ALA A 15 -3.65 2.66 -16.71
N ARG A 16 -2.96 1.76 -17.41
CA ARG A 16 -3.04 0.34 -17.11
C ARG A 16 -1.91 -0.09 -16.17
N ARG A 17 -0.91 0.77 -16.04
CA ARG A 17 0.23 0.48 -15.18
C ARG A 17 -0.22 0.06 -13.79
N ALA A 18 0.72 -0.39 -12.98
CA ALA A 18 0.42 -0.82 -11.62
C ALA A 18 -0.51 -2.03 -11.62
N LEU A 19 -0.17 -3.03 -12.44
CA LEU A 19 -0.96 -4.25 -12.53
C LEU A 19 -0.46 -5.31 -11.57
N GLU A 20 0.77 -5.14 -11.10
CA GLU A 20 1.38 -6.10 -10.17
C GLU A 20 1.04 -5.73 -8.73
N THR A 21 1.01 -4.44 -8.44
CA THR A 21 0.70 -3.95 -7.10
C THR A 21 -0.65 -3.26 -7.06
N PRO A 22 -1.30 -3.29 -5.88
CA PRO A 22 -2.61 -2.66 -5.70
C PRO A 22 -2.54 -1.14 -5.74
N SER A 23 -3.67 -0.50 -5.99
CA SER A 23 -3.74 0.95 -6.06
C SER A 23 -3.35 1.59 -4.72
N CYS A 24 -3.79 0.95 -3.64
CA CYS A 24 -3.49 1.45 -2.29
C CYS A 24 -1.99 1.65 -2.12
N PHE A 25 -1.20 0.92 -2.91
CA PHE A 25 0.26 1.02 -2.82
C PHE A 25 0.75 2.30 -3.49
N LEU A 26 1.87 2.81 -3.00
CA LEU A 26 2.45 4.04 -3.54
C LEU A 26 3.96 4.07 -3.33
N LYS A 27 4.66 4.82 -4.18
CA LYS A 27 6.11 4.95 -4.09
C LYS A 27 6.50 6.21 -3.33
N VAL A 28 6.94 6.05 -2.09
CA VAL A 28 7.35 7.18 -1.26
C VAL A 28 8.37 6.75 -0.21
N SER A 29 9.19 7.70 0.23
CA SER A 29 10.21 7.42 1.23
C SER A 29 9.60 6.78 2.47
N ARG A 30 10.44 6.14 3.27
CA ARG A 30 9.99 5.48 4.50
C ARG A 30 9.56 6.51 5.55
N LEU A 31 10.14 7.70 5.47
CA LEU A 31 9.83 8.77 6.41
C LEU A 31 8.63 9.57 5.94
N GLU A 32 8.35 9.51 4.64
CA GLU A 32 7.22 10.23 4.07
C GLU A 32 5.91 9.48 4.31
N ALA A 33 5.84 8.26 3.81
CA ALA A 33 4.65 7.43 3.97
C ALA A 33 4.00 7.66 5.33
N GLN A 34 4.82 7.89 6.35
CA GLN A 34 4.32 8.12 7.69
C GLN A 34 3.57 9.45 7.77
N LEU A 35 4.13 10.49 7.16
CA LEU A 35 3.50 11.81 7.16
C LEU A 35 2.20 11.79 6.35
N LEU A 36 2.22 11.08 5.24
CA LEU A 36 1.04 10.98 4.38
C LEU A 36 -0.21 10.67 5.20
N LEU A 37 -0.01 9.96 6.30
CA LEU A 37 -1.11 9.58 7.17
C LEU A 37 -1.74 10.81 7.82
N GLU A 38 -0.98 11.46 8.69
CA GLU A 38 -1.46 12.66 9.37
C GLU A 38 -2.02 13.67 8.37
N ARG A 39 -1.54 13.61 7.14
CA ARG A 39 -1.99 14.52 6.09
C ARG A 39 -3.40 14.18 5.65
N TYR A 40 -3.64 12.90 5.34
CA TYR A 40 -4.95 12.45 4.91
C TYR A 40 -5.45 11.30 5.78
N PRO A 41 -5.99 11.65 6.96
CA PRO A 41 -6.52 10.67 7.91
C PRO A 41 -7.79 10.00 7.41
N GLU A 42 -8.72 10.81 6.92
CA GLU A 42 -10.00 10.29 6.41
C GLU A 42 -9.75 9.22 5.36
N CYS A 43 -8.73 9.42 4.54
CA CYS A 43 -8.40 8.45 3.49
C CYS A 43 -8.14 7.07 4.07
N GLY A 44 -7.33 7.03 5.13
CA GLY A 44 -7.01 5.77 5.78
C GLY A 44 -5.68 5.80 6.51
N ASN A 45 -5.30 4.68 7.10
CA ASN A 45 -4.04 4.59 7.84
C ASN A 45 -3.17 3.48 7.27
N LEU A 46 -3.79 2.46 6.71
CA LEU A 46 -3.06 1.34 6.14
C LEU A 46 -2.52 1.69 4.75
N LEU A 47 -1.22 1.50 4.56
CA LEU A 47 -0.58 1.81 3.28
C LEU A 47 0.64 0.91 3.06
N LEU A 48 1.09 0.85 1.81
CA LEU A 48 2.25 0.03 1.47
C LEU A 48 3.32 0.88 0.77
N ARG A 49 4.53 0.87 1.31
CA ARG A 49 5.63 1.63 0.74
C ARG A 49 6.76 0.70 0.31
N PRO A 50 7.52 1.13 -0.70
CA PRO A 50 8.65 0.35 -1.23
C PRO A 50 9.82 0.28 -0.26
N SER A 51 10.22 -0.94 0.09
CA SER A 51 11.34 -1.13 1.03
C SER A 51 12.65 -0.67 0.40
N GLY A 52 13.54 -0.16 1.23
CA GLY A 52 14.83 0.31 0.75
C GLY A 52 15.97 -0.61 1.16
N ASP A 53 16.35 -0.54 2.42
CA ASP A 53 17.43 -1.37 2.95
C ASP A 53 16.90 -2.49 3.83
N GLY A 54 17.29 -3.71 3.53
CA GLY A 54 16.83 -4.85 4.31
C GLY A 54 16.57 -6.07 3.46
N ALA A 55 15.59 -5.96 2.57
CA ALA A 55 15.22 -7.06 1.68
C ALA A 55 14.38 -6.58 0.52
N ASP A 56 14.23 -7.44 -0.49
CA ASP A 56 13.44 -7.09 -1.67
C ASP A 56 11.96 -7.42 -1.45
N GLY A 57 11.18 -6.41 -1.07
CA GLY A 57 9.76 -6.62 -0.83
C GLY A 57 9.01 -5.32 -0.67
N VAL A 58 7.96 -5.35 0.14
CA VAL A 58 7.14 -4.15 0.38
C VAL A 58 6.71 -4.08 1.83
N SER A 59 6.86 -2.90 2.44
CA SER A 59 6.48 -2.69 3.82
C SER A 59 5.02 -2.28 3.94
N VAL A 60 4.44 -2.47 5.12
CA VAL A 60 3.05 -2.12 5.37
C VAL A 60 2.92 -1.18 6.55
N THR A 61 2.90 0.12 6.27
CA THR A 61 2.77 1.13 7.32
C THR A 61 1.32 1.33 7.72
N THR A 62 1.00 1.02 8.97
CA THR A 62 -0.36 1.17 9.48
C THR A 62 -0.38 2.00 10.76
N ARG A 63 -1.16 3.07 10.76
CA ARG A 63 -1.27 3.94 11.93
C ARG A 63 -2.70 3.97 12.45
N GLN A 64 -3.06 2.98 13.26
CA GLN A 64 -4.41 2.90 13.82
C GLN A 64 -4.47 3.57 15.19
N MET A 65 -5.60 4.21 15.48
CA MET A 65 -5.78 4.89 16.76
C MET A 65 -5.96 3.89 17.89
N HIS A 66 -4.98 3.83 18.79
CA HIS A 66 -5.04 2.92 19.92
C HIS A 66 -4.82 3.67 21.23
N ASN A 67 -5.50 3.23 22.28
CA ASN A 67 -5.39 3.85 23.59
C ASN A 67 -5.40 5.37 23.47
N GLY A 68 -6.18 5.88 22.51
CA GLY A 68 -6.27 7.31 22.31
C GLY A 68 -4.91 7.96 22.18
N THR A 69 -4.02 7.33 21.41
CA THR A 69 -2.67 7.85 21.21
C THR A 69 -2.22 7.67 19.77
N HIS A 70 -1.15 8.36 19.40
CA HIS A 70 -0.62 8.27 18.04
C HIS A 70 0.51 7.25 17.97
N VAL A 71 0.21 6.08 17.40
CA VAL A 71 1.20 5.02 17.26
C VAL A 71 1.26 4.50 15.83
N VAL A 72 2.48 4.37 15.30
CA VAL A 72 2.68 3.89 13.94
C VAL A 72 3.49 2.60 13.94
N ARG A 73 3.00 1.60 13.21
CA ARG A 73 3.68 0.32 13.11
C ARG A 73 4.08 0.01 11.67
N HIS A 74 5.04 -0.89 11.50
CA HIS A 74 5.50 -1.28 10.17
C HIS A 74 5.76 -2.78 10.09
N TYR A 75 5.23 -3.41 9.06
CA TYR A 75 5.39 -4.85 8.87
C TYR A 75 6.22 -5.14 7.61
N LYS A 76 7.00 -6.21 7.67
CA LYS A 76 7.84 -6.60 6.54
C LYS A 76 7.27 -7.82 5.84
N VAL A 77 7.38 -7.85 4.51
CA VAL A 77 6.88 -8.96 3.72
C VAL A 77 8.01 -9.67 2.98
N LYS A 78 8.14 -10.97 3.24
CA LYS A 78 9.19 -11.77 2.60
C LYS A 78 8.71 -12.30 1.25
N ARG A 79 9.65 -12.56 0.35
CA ARG A 79 9.34 -13.07 -0.97
C ARG A 79 9.81 -14.51 -1.13
N GLU A 80 8.86 -15.45 -1.16
CA GLU A 80 9.19 -16.86 -1.29
C GLU A 80 8.27 -17.52 -2.31
N GLY A 81 8.81 -17.78 -3.51
CA GLY A 81 8.02 -18.42 -4.55
C GLY A 81 6.93 -17.50 -5.09
N PRO A 82 5.90 -18.11 -5.68
CA PRO A 82 4.77 -17.36 -6.26
C PRO A 82 3.90 -16.71 -5.19
N LYS A 83 4.28 -16.91 -3.93
CA LYS A 83 3.54 -16.33 -2.81
C LYS A 83 4.46 -15.54 -1.89
N TYR A 84 3.89 -14.60 -1.16
CA TYR A 84 4.67 -13.78 -0.24
C TYR A 84 4.21 -13.98 1.21
N VAL A 85 5.14 -14.41 2.05
CA VAL A 85 4.85 -14.65 3.46
C VAL A 85 5.11 -13.41 4.29
N ILE A 86 4.20 -13.14 5.24
CA ILE A 86 4.33 -11.98 6.10
C ILE A 86 5.27 -12.27 7.27
N ASP A 87 6.15 -11.32 7.56
CA ASP A 87 7.11 -11.47 8.65
C ASP A 87 6.44 -11.20 10.00
N VAL A 88 5.67 -12.17 10.47
CA VAL A 88 4.96 -12.04 11.74
C VAL A 88 4.95 -13.36 12.49
N GLU A 89 4.37 -13.35 13.69
CA GLU A 89 4.29 -14.55 14.51
C GLU A 89 4.10 -15.78 13.66
N GLN A 90 3.05 -15.78 12.84
CA GLN A 90 2.75 -16.90 11.96
C GLN A 90 2.98 -16.53 10.50
N PRO A 91 3.71 -17.38 9.78
CA PRO A 91 4.03 -17.16 8.36
C PRO A 91 2.80 -17.32 7.47
N PHE A 92 2.06 -16.23 7.28
CA PHE A 92 0.87 -16.26 6.45
C PHE A 92 1.22 -16.15 4.98
N SER A 93 0.82 -17.15 4.20
CA SER A 93 1.11 -17.17 2.76
C SER A 93 0.16 -16.23 2.01
N CYS A 94 0.68 -15.62 0.94
CA CYS A 94 -0.13 -14.70 0.14
C CYS A 94 0.12 -14.94 -1.35
N THR A 95 -0.92 -15.39 -2.05
CA THR A 95 -0.82 -15.66 -3.48
C THR A 95 -0.32 -14.43 -4.23
N SER A 96 -0.74 -13.25 -3.78
CA SER A 96 -0.33 -12.00 -4.43
C SER A 96 -0.42 -10.84 -3.45
N LEU A 97 0.07 -9.69 -3.87
CA LEU A 97 0.05 -8.49 -3.02
C LEU A 97 -1.36 -8.16 -2.60
N ASP A 98 -2.33 -8.49 -3.45
CA ASP A 98 -3.74 -8.22 -3.16
C ASP A 98 -4.14 -8.85 -1.83
N ALA A 99 -3.70 -10.08 -1.60
CA ALA A 99 -4.01 -10.78 -0.36
C ALA A 99 -3.43 -10.07 0.85
N VAL A 100 -2.12 -9.84 0.82
CA VAL A 100 -1.42 -9.17 1.91
C VAL A 100 -2.28 -8.04 2.48
N VAL A 101 -2.72 -7.14 1.61
CA VAL A 101 -3.55 -6.02 2.02
C VAL A 101 -4.73 -6.48 2.86
N ASN A 102 -5.44 -7.49 2.36
CA ASN A 102 -6.60 -8.03 3.06
C ASN A 102 -6.19 -8.66 4.39
N TYR A 103 -5.25 -9.59 4.34
CA TYR A 103 -4.77 -10.26 5.54
C TYR A 103 -4.55 -9.26 6.67
N PHE A 104 -3.93 -8.14 6.35
CA PHE A 104 -3.67 -7.10 7.35
C PHE A 104 -4.96 -6.40 7.77
N VAL A 105 -5.80 -6.09 6.78
CA VAL A 105 -7.07 -5.42 7.05
C VAL A 105 -7.78 -6.06 8.23
N SER A 106 -7.83 -7.39 8.25
CA SER A 106 -8.49 -8.12 9.33
C SER A 106 -7.51 -8.43 10.45
N HIS A 107 -6.35 -8.95 10.08
CA HIS A 107 -5.31 -9.29 11.06
C HIS A 107 -5.08 -8.14 12.03
N THR A 108 -4.59 -7.02 11.50
CA THR A 108 -4.32 -5.84 12.33
C THR A 108 -5.36 -5.68 13.43
N LYS A 109 -6.60 -5.44 13.02
CA LYS A 109 -7.70 -5.27 13.98
C LYS A 109 -9.02 -5.75 13.37
N LYS A 110 -10.09 -5.61 14.14
CA LYS A 110 -11.42 -6.01 13.68
C LYS A 110 -11.68 -5.52 12.27
N ALA A 111 -11.22 -4.31 11.97
CA ALA A 111 -11.40 -3.73 10.64
C ALA A 111 -10.49 -2.52 10.45
N LEU A 112 -9.79 -2.47 9.32
CA LEU A 112 -8.89 -1.38 9.01
C LEU A 112 -9.23 -0.75 7.66
N VAL A 113 -8.77 0.48 7.46
CA VAL A 113 -9.02 1.19 6.20
C VAL A 113 -7.74 1.40 5.42
N PRO A 114 -7.74 1.01 4.14
CA PRO A 114 -6.59 1.15 3.26
C PRO A 114 -6.29 2.60 2.91
N PHE A 115 -5.09 2.85 2.40
CA PHE A 115 -4.67 4.20 2.03
C PHE A 115 -4.44 4.31 0.53
N LEU A 116 -5.16 5.22 -0.12
CA LEU A 116 -5.04 5.42 -1.55
C LEU A 116 -4.81 6.89 -1.88
N LEU A 117 -4.08 7.15 -2.96
CA LEU A 117 -3.79 8.51 -3.38
C LEU A 117 -3.91 8.66 -4.90
N ASP A 118 -4.97 9.32 -5.35
CA ASP A 118 -5.20 9.53 -6.77
C ASP A 118 -4.33 10.66 -7.30
N GLY A 1 -0.15 36.58 -32.89
CA GLY A 1 -0.98 36.41 -31.72
C GLY A 1 -1.39 34.97 -31.50
N SER A 2 -0.92 34.37 -30.41
CA SER A 2 -1.24 32.99 -30.09
C SER A 2 -0.81 32.64 -28.67
N SER A 3 -1.26 31.49 -28.19
CA SER A 3 -0.93 31.04 -26.85
C SER A 3 -1.34 29.58 -26.64
N GLY A 4 -0.91 29.00 -25.52
CA GLY A 4 -1.24 27.63 -25.22
C GLY A 4 -1.14 27.31 -23.74
N SER A 5 0.06 26.99 -23.29
CA SER A 5 0.30 26.66 -21.88
C SER A 5 -0.47 25.41 -21.49
N SER A 6 -0.48 24.41 -22.38
CA SER A 6 -1.19 23.17 -22.11
C SER A 6 -0.64 22.04 -23.00
N GLY A 7 -0.67 20.82 -22.47
CA GLY A 7 -0.18 19.68 -23.21
C GLY A 7 -1.24 19.06 -24.09
N GLU A 8 -1.92 19.89 -24.88
CA GLU A 8 -2.97 19.42 -25.77
C GLU A 8 -2.38 18.64 -26.95
N VAL A 9 -1.05 18.62 -27.03
CA VAL A 9 -0.36 17.92 -28.10
C VAL A 9 -0.33 16.41 -27.84
N LEU A 10 -0.42 16.02 -26.58
CA LEU A 10 -0.40 14.62 -26.19
C LEU A 10 -1.82 14.06 -26.13
N ALA A 11 -2.20 13.30 -27.16
CA ALA A 11 -3.52 12.70 -27.22
C ALA A 11 -3.80 11.86 -25.97
N LYS A 12 -4.95 11.19 -25.97
CA LYS A 12 -5.34 10.36 -24.83
C LYS A 12 -4.27 9.32 -24.52
N GLU A 13 -3.79 9.32 -23.28
CA GLU A 13 -2.77 8.37 -22.87
C GLU A 13 -2.88 8.07 -21.37
N GLU A 14 -2.91 6.78 -21.04
CA GLU A 14 -3.03 6.36 -19.65
C GLU A 14 -2.42 4.97 -19.46
N ALA A 15 -2.26 4.58 -18.19
CA ALA A 15 -1.68 3.27 -17.88
C ALA A 15 -2.47 2.60 -16.75
N ARG A 16 -3.06 1.45 -17.05
CA ARG A 16 -3.83 0.70 -16.05
C ARG A 16 -3.16 -0.62 -15.72
N ARG A 17 -1.85 -0.70 -15.98
CA ARG A 17 -1.09 -1.92 -15.71
C ARG A 17 -0.79 -2.04 -14.22
N ALA A 18 -1.81 -1.84 -13.39
CA ALA A 18 -1.64 -1.94 -11.95
C ALA A 18 -2.00 -3.33 -11.44
N LEU A 19 -1.15 -4.30 -11.74
CA LEU A 19 -1.38 -5.68 -11.31
C LEU A 19 -0.40 -6.09 -10.22
N GLU A 20 0.89 -6.10 -10.57
CA GLU A 20 1.93 -6.47 -9.63
C GLU A 20 1.63 -5.92 -8.24
N THR A 21 1.07 -4.71 -8.19
CA THR A 21 0.74 -4.07 -6.93
C THR A 21 -0.62 -3.39 -7.01
N PRO A 22 -1.33 -3.33 -5.86
CA PRO A 22 -2.66 -2.72 -5.78
C PRO A 22 -2.60 -1.19 -5.92
N SER A 23 -3.63 -0.62 -6.51
CA SER A 23 -3.70 0.82 -6.72
C SER A 23 -3.36 1.56 -5.43
N CYS A 24 -3.87 1.05 -4.31
CA CYS A 24 -3.64 1.66 -3.01
C CYS A 24 -2.16 1.99 -2.83
N PHE A 25 -1.29 1.06 -3.21
CA PHE A 25 0.15 1.25 -3.10
C PHE A 25 0.57 2.59 -3.69
N LEU A 26 1.67 3.14 -3.19
CA LEU A 26 2.18 4.42 -3.66
C LEU A 26 3.70 4.51 -3.47
N LYS A 27 4.34 5.30 -4.32
CA LYS A 27 5.79 5.48 -4.24
C LYS A 27 6.15 6.66 -3.35
N VAL A 28 6.62 6.36 -2.15
CA VAL A 28 7.01 7.40 -1.20
C VAL A 28 8.11 6.91 -0.27
N SER A 29 8.77 7.86 0.40
CA SER A 29 9.85 7.53 1.32
C SER A 29 9.31 6.99 2.63
N ARG A 30 10.21 6.72 3.57
CA ARG A 30 9.82 6.19 4.88
C ARG A 30 9.01 7.23 5.66
N LEU A 31 9.48 8.48 5.61
CA LEU A 31 8.80 9.56 6.31
C LEU A 31 7.62 10.09 5.51
N GLU A 32 7.88 10.44 4.25
CA GLU A 32 6.84 10.95 3.36
C GLU A 32 5.50 10.25 3.63
N ALA A 33 5.56 8.95 3.87
CA ALA A 33 4.37 8.17 4.13
C ALA A 33 3.81 8.47 5.53
N GLN A 34 4.69 8.52 6.52
CA GLN A 34 4.29 8.81 7.89
C GLN A 34 3.53 10.12 7.96
N LEU A 35 3.96 11.10 7.18
CA LEU A 35 3.31 12.41 7.16
C LEU A 35 2.10 12.41 6.23
N LEU A 36 2.10 11.49 5.26
CA LEU A 36 1.00 11.38 4.32
C LEU A 36 -0.27 10.89 5.01
N LEU A 37 -0.11 10.27 6.16
CA LEU A 37 -1.23 9.76 6.93
C LEU A 37 -1.96 10.89 7.64
N GLU A 38 -1.29 11.49 8.62
CA GLU A 38 -1.88 12.60 9.38
C GLU A 38 -2.36 13.70 8.45
N ARG A 39 -1.70 13.85 7.31
CA ARG A 39 -2.07 14.87 6.34
C ARG A 39 -3.37 14.52 5.65
N TYR A 40 -3.56 13.23 5.36
CA TYR A 40 -4.77 12.77 4.69
C TYR A 40 -5.37 11.57 5.43
N PRO A 41 -5.91 11.82 6.63
CA PRO A 41 -6.53 10.78 7.45
C PRO A 41 -7.83 10.26 6.86
N GLU A 42 -8.61 11.16 6.26
CA GLU A 42 -9.88 10.79 5.66
C GLU A 42 -9.66 9.85 4.47
N CYS A 43 -8.50 9.96 3.84
CA CYS A 43 -8.17 9.13 2.69
C CYS A 43 -7.57 7.79 3.14
N GLY A 44 -8.12 7.25 4.23
CA GLY A 44 -7.64 5.99 4.75
C GLY A 44 -6.31 6.12 5.47
N ASN A 45 -5.79 5.00 5.97
CA ASN A 45 -4.53 5.00 6.69
C ASN A 45 -3.63 3.87 6.20
N LEU A 46 -4.16 2.66 6.20
CA LEU A 46 -3.41 1.49 5.75
C LEU A 46 -2.76 1.75 4.40
N LEU A 47 -1.54 2.28 4.43
CA LEU A 47 -0.80 2.57 3.21
C LEU A 47 0.44 1.68 3.09
N LEU A 48 0.75 1.28 1.86
CA LEU A 48 1.91 0.43 1.62
C LEU A 48 3.01 1.20 0.89
N ARG A 49 4.17 1.31 1.53
CA ARG A 49 5.29 2.03 0.95
C ARG A 49 6.47 1.08 0.69
N PRO A 50 7.10 1.23 -0.48
CA PRO A 50 8.24 0.40 -0.86
C PRO A 50 9.49 0.70 -0.04
N SER A 51 10.05 -0.33 0.59
CA SER A 51 11.24 -0.16 1.40
C SER A 51 12.47 0.13 0.54
N GLY A 52 12.85 -0.85 -0.27
CA GLY A 52 14.00 -0.69 -1.15
C GLY A 52 14.08 -1.76 -2.22
N ASP A 53 15.29 -2.18 -2.54
CA ASP A 53 15.50 -3.21 -3.55
C ASP A 53 14.37 -4.24 -3.53
N GLY A 54 13.96 -4.62 -2.32
CA GLY A 54 12.89 -5.60 -2.18
C GLY A 54 11.68 -5.26 -3.04
N ALA A 55 11.59 -5.91 -4.20
CA ALA A 55 10.47 -5.67 -5.11
C ALA A 55 9.36 -6.68 -4.87
N ASP A 56 9.71 -7.86 -4.37
CA ASP A 56 8.73 -8.90 -4.09
C ASP A 56 8.29 -8.85 -2.63
N GLY A 57 8.31 -7.65 -2.05
CA GLY A 57 7.91 -7.50 -0.66
C GLY A 57 8.06 -6.07 -0.17
N VAL A 58 6.95 -5.41 0.08
CA VAL A 58 6.97 -4.02 0.56
C VAL A 58 6.58 -3.95 2.03
N SER A 59 6.62 -2.74 2.59
CA SER A 59 6.28 -2.53 3.99
C SER A 59 4.91 -1.90 4.12
N VAL A 60 4.17 -2.31 5.15
CA VAL A 60 2.84 -1.78 5.40
C VAL A 60 2.83 -0.81 6.58
N THR A 61 2.53 0.46 6.29
CA THR A 61 2.50 1.48 7.33
C THR A 61 1.08 1.72 7.82
N THR A 62 0.81 1.37 9.08
CA THR A 62 -0.50 1.54 9.66
C THR A 62 -0.43 2.35 10.95
N ARG A 63 -1.29 3.35 11.08
CA ARG A 63 -1.32 4.20 12.26
C ARG A 63 -2.59 3.95 13.07
N GLN A 64 -2.50 3.04 14.04
CA GLN A 64 -3.63 2.71 14.88
C GLN A 64 -3.59 3.51 16.19
N MET A 65 -4.53 3.22 17.08
CA MET A 65 -4.61 3.90 18.37
C MET A 65 -4.63 2.91 19.51
N HIS A 66 -3.51 2.82 20.24
CA HIS A 66 -3.40 1.90 21.37
C HIS A 66 -3.06 2.66 22.65
N ASN A 67 -3.85 2.43 23.69
CA ASN A 67 -3.63 3.09 24.98
C ASN A 67 -3.90 4.59 24.87
N GLY A 68 -4.76 4.97 23.94
CA GLY A 68 -5.09 6.36 23.75
C GLY A 68 -3.88 7.20 23.37
N THR A 69 -3.02 6.63 22.52
CA THR A 69 -1.82 7.32 22.07
C THR A 69 -1.56 7.06 20.60
N HIS A 70 -0.76 7.94 19.98
CA HIS A 70 -0.41 7.80 18.57
C HIS A 70 0.74 6.82 18.38
N VAL A 71 0.47 5.72 17.69
CA VAL A 71 1.49 4.70 17.45
C VAL A 71 1.66 4.46 15.95
N VAL A 72 2.88 4.13 15.55
CA VAL A 72 3.18 3.87 14.15
C VAL A 72 4.01 2.59 13.99
N ARG A 73 3.39 1.56 13.42
CA ARG A 73 4.07 0.29 13.20
C ARG A 73 4.15 -0.05 11.72
N HIS A 74 5.33 -0.48 11.28
CA HIS A 74 5.54 -0.84 9.88
C HIS A 74 5.81 -2.33 9.74
N TYR A 75 4.92 -3.04 9.05
CA TYR A 75 5.08 -4.47 8.84
C TYR A 75 5.99 -4.76 7.65
N LYS A 76 6.76 -5.83 7.75
CA LYS A 76 7.67 -6.22 6.68
C LYS A 76 7.22 -7.52 6.02
N VAL A 77 7.12 -7.51 4.70
CA VAL A 77 6.70 -8.68 3.95
C VAL A 77 7.90 -9.48 3.46
N LYS A 78 8.14 -10.63 4.08
CA LYS A 78 9.25 -11.49 3.71
C LYS A 78 9.11 -11.99 2.28
N ARG A 79 10.21 -12.43 1.69
CA ARG A 79 10.20 -12.94 0.32
C ARG A 79 10.51 -14.43 0.29
N GLU A 80 9.51 -15.22 -0.08
CA GLU A 80 9.67 -16.67 -0.14
C GLU A 80 9.12 -17.21 -1.47
N GLY A 81 9.91 -17.09 -2.52
CA GLY A 81 9.48 -17.58 -3.82
C GLY A 81 8.44 -16.69 -4.46
N PRO A 82 7.58 -17.28 -5.29
CA PRO A 82 6.51 -16.55 -5.99
C PRO A 82 5.42 -16.09 -5.04
N LYS A 83 5.57 -16.41 -3.76
CA LYS A 83 4.59 -16.02 -2.75
C LYS A 83 5.20 -15.00 -1.78
N TYR A 84 4.33 -14.27 -1.10
CA TYR A 84 4.77 -13.26 -0.14
C TYR A 84 4.34 -13.63 1.29
N VAL A 85 5.32 -13.94 2.12
CA VAL A 85 5.05 -14.32 3.50
C VAL A 85 5.08 -13.10 4.42
N ILE A 86 4.07 -12.98 5.27
CA ILE A 86 3.98 -11.85 6.20
C ILE A 86 4.80 -12.11 7.45
N ASP A 87 5.22 -11.03 8.11
CA ASP A 87 6.02 -11.14 9.33
C ASP A 87 5.13 -11.03 10.57
N VAL A 88 4.35 -12.08 10.81
CA VAL A 88 3.45 -12.10 11.96
C VAL A 88 3.46 -13.47 12.65
N GLU A 89 2.80 -13.55 13.79
CA GLU A 89 2.73 -14.81 14.54
C GLU A 89 2.61 -16.00 13.59
N GLN A 90 1.65 -15.91 12.67
CA GLN A 90 1.42 -16.99 11.71
C GLN A 90 1.95 -16.60 10.33
N PRO A 91 2.73 -17.50 9.73
CA PRO A 91 3.32 -17.27 8.39
C PRO A 91 2.26 -17.30 7.29
N PHE A 92 1.63 -16.15 7.05
CA PHE A 92 0.60 -16.04 6.03
C PHE A 92 1.22 -15.66 4.68
N SER A 93 1.10 -16.54 3.70
CA SER A 93 1.65 -16.31 2.37
C SER A 93 0.55 -15.91 1.40
N CYS A 94 0.95 -15.41 0.24
CA CYS A 94 0.00 -14.99 -0.79
C CYS A 94 0.66 -14.94 -2.16
N THR A 95 -0.16 -14.95 -3.20
CA THR A 95 0.35 -14.91 -4.57
C THR A 95 0.63 -13.47 -5.01
N SER A 96 -0.34 -12.59 -4.78
CA SER A 96 -0.19 -11.18 -5.15
C SER A 96 -0.21 -10.29 -3.91
N LEU A 97 0.21 -9.04 -4.09
CA LEU A 97 0.25 -8.08 -2.99
C LEU A 97 -1.16 -7.79 -2.47
N ASP A 98 -2.06 -7.49 -3.41
CA ASP A 98 -3.45 -7.19 -3.04
C ASP A 98 -3.92 -8.08 -1.89
N ALA A 99 -3.93 -9.39 -2.13
CA ALA A 99 -4.36 -10.34 -1.12
C ALA A 99 -3.79 -9.98 0.26
N VAL A 100 -2.51 -9.62 0.28
CA VAL A 100 -1.85 -9.25 1.53
C VAL A 100 -2.59 -8.11 2.22
N VAL A 101 -2.95 -7.08 1.46
CA VAL A 101 -3.66 -5.94 2.00
C VAL A 101 -4.94 -6.37 2.70
N ASN A 102 -5.66 -7.31 2.09
CA ASN A 102 -6.90 -7.82 2.65
C ASN A 102 -6.65 -8.56 3.96
N TYR A 103 -5.78 -9.55 3.91
CA TYR A 103 -5.44 -10.34 5.10
C TYR A 103 -5.36 -9.45 6.33
N PHE A 104 -4.37 -8.55 6.34
CA PHE A 104 -4.17 -7.65 7.46
C PHE A 104 -5.51 -7.23 8.07
N VAL A 105 -6.38 -6.66 7.23
CA VAL A 105 -7.69 -6.21 7.67
C VAL A 105 -8.29 -7.20 8.66
N SER A 106 -8.39 -8.46 8.26
CA SER A 106 -8.95 -9.50 9.10
C SER A 106 -8.02 -9.82 10.27
N HIS A 107 -6.73 -9.97 9.97
CA HIS A 107 -5.74 -10.28 10.99
C HIS A 107 -5.93 -9.39 12.21
N THR A 108 -5.90 -8.08 12.00
CA THR A 108 -6.06 -7.12 13.09
C THR A 108 -7.34 -7.38 13.86
N LYS A 109 -7.65 -6.51 14.81
CA LYS A 109 -8.85 -6.64 15.62
C LYS A 109 -9.73 -5.40 15.52
N LYS A 110 -9.34 -4.48 14.63
CA LYS A 110 -10.09 -3.25 14.43
C LYS A 110 -10.42 -3.03 12.96
N ALA A 111 -11.28 -2.06 12.68
CA ALA A 111 -11.68 -1.76 11.31
C ALA A 111 -10.68 -0.80 10.66
N LEU A 112 -9.75 -1.35 9.89
CA LEU A 112 -8.75 -0.55 9.20
C LEU A 112 -9.21 -0.19 7.79
N VAL A 113 -8.66 0.89 7.25
CA VAL A 113 -9.00 1.34 5.90
C VAL A 113 -7.76 1.58 5.07
N PRO A 114 -7.80 1.16 3.79
CA PRO A 114 -6.68 1.32 2.85
C PRO A 114 -6.45 2.77 2.47
N PHE A 115 -5.19 3.12 2.22
CA PHE A 115 -4.83 4.48 1.84
C PHE A 115 -4.62 4.59 0.34
N LEU A 116 -5.11 5.66 -0.26
CA LEU A 116 -4.96 5.88 -1.69
C LEU A 116 -4.86 7.37 -2.00
N LEU A 117 -4.29 7.70 -3.16
CA LEU A 117 -4.13 9.08 -3.58
C LEU A 117 -4.48 9.25 -5.06
N ASP A 118 -5.50 10.05 -5.34
CA ASP A 118 -5.92 10.30 -6.71
C ASP A 118 -5.06 11.36 -7.37
N GLY A 1 9.68 -5.14 -39.84
CA GLY A 1 9.86 -3.77 -39.41
C GLY A 1 9.56 -3.57 -37.94
N SER A 2 10.26 -2.63 -37.32
CA SER A 2 10.07 -2.35 -35.89
C SER A 2 10.41 -0.90 -35.59
N SER A 3 9.54 -0.25 -34.80
CA SER A 3 9.75 1.14 -34.43
C SER A 3 11.07 1.31 -33.67
N GLY A 4 11.74 2.43 -33.90
CA GLY A 4 13.00 2.69 -33.23
C GLY A 4 12.85 3.62 -32.05
N SER A 5 11.80 3.40 -31.25
CA SER A 5 11.55 4.23 -30.08
C SER A 5 10.77 3.45 -29.02
N SER A 6 11.07 3.73 -27.76
CA SER A 6 10.41 3.05 -26.64
C SER A 6 9.07 3.72 -26.32
N GLY A 7 8.01 3.24 -26.95
CA GLY A 7 6.70 3.80 -26.70
C GLY A 7 6.72 5.32 -26.61
N GLU A 8 6.81 5.97 -27.77
CA GLU A 8 6.85 7.43 -27.81
C GLU A 8 5.62 8.03 -27.12
N VAL A 9 4.64 7.18 -26.86
CA VAL A 9 3.41 7.63 -26.21
C VAL A 9 2.88 6.57 -25.25
N LEU A 10 2.80 6.91 -23.97
CA LEU A 10 2.31 5.98 -22.95
C LEU A 10 1.29 6.66 -22.05
N ALA A 11 0.28 7.27 -22.67
CA ALA A 11 -0.77 7.95 -21.92
C ALA A 11 -2.15 7.52 -22.40
N LYS A 12 -2.18 6.66 -23.42
CA LYS A 12 -3.44 6.18 -23.98
C LYS A 12 -3.50 4.65 -23.93
N GLU A 13 -2.90 4.07 -22.90
CA GLU A 13 -2.89 2.61 -22.75
C GLU A 13 -4.02 2.16 -21.84
N GLU A 14 -4.34 0.87 -21.90
CA GLU A 14 -5.40 0.30 -21.09
C GLU A 14 -4.89 -0.06 -19.70
N ALA A 15 -3.58 -0.30 -19.59
CA ALA A 15 -2.97 -0.66 -18.33
C ALA A 15 -3.88 -1.57 -17.51
N ARG A 16 -4.74 -2.32 -18.20
CA ARG A 16 -5.66 -3.22 -17.54
C ARG A 16 -4.91 -4.26 -16.71
N ARG A 17 -3.60 -4.37 -16.95
CA ARG A 17 -2.77 -5.32 -16.23
C ARG A 17 -1.98 -4.63 -15.13
N ALA A 18 -2.60 -4.51 -13.96
CA ALA A 18 -1.95 -3.86 -12.81
C ALA A 18 -2.06 -4.73 -11.56
N LEU A 19 -1.69 -5.99 -11.70
CA LEU A 19 -1.74 -6.93 -10.58
C LEU A 19 -0.45 -6.90 -9.77
N GLU A 20 0.26 -5.77 -9.85
CA GLU A 20 1.53 -5.62 -9.14
C GLU A 20 1.29 -5.06 -7.74
N THR A 21 0.70 -3.87 -7.68
CA THR A 21 0.41 -3.22 -6.40
C THR A 21 -0.88 -2.42 -6.47
N PRO A 22 -1.59 -2.33 -5.33
CA PRO A 22 -2.85 -1.59 -5.24
C PRO A 22 -2.65 -0.09 -5.34
N SER A 23 -3.61 0.60 -5.94
CA SER A 23 -3.55 2.04 -6.11
C SER A 23 -3.14 2.73 -4.81
N CYS A 24 -3.80 2.36 -3.73
CA CYS A 24 -3.50 2.93 -2.42
C CYS A 24 -2.00 3.05 -2.20
N PHE A 25 -1.27 2.00 -2.57
CA PHE A 25 0.18 1.99 -2.42
C PHE A 25 0.80 3.26 -2.99
N LEU A 26 1.95 3.65 -2.45
CA LEU A 26 2.64 4.86 -2.90
C LEU A 26 4.14 4.74 -2.66
N LYS A 27 4.92 5.42 -3.49
CA LYS A 27 6.37 5.41 -3.37
C LYS A 27 6.87 6.55 -2.50
N VAL A 28 7.25 6.24 -1.27
CA VAL A 28 7.74 7.25 -0.34
C VAL A 28 8.76 6.67 0.62
N SER A 29 9.35 7.52 1.45
CA SER A 29 10.36 7.09 2.42
C SER A 29 9.69 6.63 3.72
N ARG A 30 10.42 5.85 4.51
CA ARG A 30 9.90 5.35 5.77
C ARG A 30 9.48 6.49 6.69
N LEU A 31 10.01 7.68 6.43
CA LEU A 31 9.70 8.86 7.22
C LEU A 31 8.45 9.56 6.68
N GLU A 32 8.49 9.93 5.40
CA GLU A 32 7.37 10.61 4.76
C GLU A 32 6.06 9.88 5.06
N ALA A 33 6.00 8.61 4.69
CA ALA A 33 4.80 7.80 4.92
C ALA A 33 4.10 8.21 6.21
N GLN A 34 4.91 8.51 7.23
CA GLN A 34 4.37 8.91 8.52
C GLN A 34 3.68 10.27 8.44
N LEU A 35 4.39 11.25 7.89
CA LEU A 35 3.86 12.59 7.74
C LEU A 35 2.55 12.58 6.96
N LEU A 36 2.50 11.77 5.91
CA LEU A 36 1.31 11.67 5.07
C LEU A 36 0.08 11.40 5.93
N LEU A 37 0.28 10.79 7.09
CA LEU A 37 -0.81 10.48 8.01
C LEU A 37 -1.30 11.74 8.71
N GLU A 38 -0.44 12.31 9.56
CA GLU A 38 -0.79 13.52 10.30
C GLU A 38 -1.23 14.63 9.35
N ARG A 39 -0.59 14.69 8.18
CA ARG A 39 -0.92 15.71 7.18
C ARG A 39 -2.25 15.39 6.51
N TYR A 40 -2.40 14.17 6.02
CA TYR A 40 -3.62 13.75 5.34
C TYR A 40 -4.27 12.58 6.08
N PRO A 41 -4.94 12.90 7.21
CA PRO A 41 -5.62 11.89 8.02
C PRO A 41 -6.86 11.32 7.34
N GLU A 42 -7.67 12.21 6.78
CA GLU A 42 -8.88 11.79 6.09
C GLU A 42 -8.57 10.77 5.00
N CYS A 43 -7.47 10.98 4.29
CA CYS A 43 -7.06 10.08 3.22
C CYS A 43 -7.02 8.64 3.71
N GLY A 44 -6.47 8.44 4.90
CA GLY A 44 -6.38 7.10 5.47
C GLY A 44 -5.16 6.92 6.34
N ASN A 45 -5.02 5.72 6.92
CA ASN A 45 -3.89 5.43 7.80
C ASN A 45 -3.08 4.26 7.24
N LEU A 46 -3.78 3.27 6.70
CA LEU A 46 -3.12 2.10 6.14
C LEU A 46 -2.47 2.42 4.80
N LEU A 47 -1.20 2.79 4.85
CA LEU A 47 -0.46 3.12 3.63
C LEU A 47 0.69 2.15 3.40
N LEU A 48 0.83 1.68 2.17
CA LEU A 48 1.89 0.75 1.82
C LEU A 48 3.03 1.45 1.11
N ARG A 49 4.23 1.40 1.71
CA ARG A 49 5.40 2.04 1.12
C ARG A 49 6.45 1.00 0.74
N PRO A 50 7.27 1.33 -0.26
CA PRO A 50 8.33 0.44 -0.74
C PRO A 50 9.47 0.30 0.26
N SER A 51 10.09 -0.88 0.28
CA SER A 51 11.19 -1.15 1.20
C SER A 51 12.14 0.05 1.28
N GLY A 52 12.62 0.49 0.13
CA GLY A 52 13.53 1.63 0.08
C GLY A 52 14.97 1.21 0.26
N ASP A 53 15.24 0.44 1.31
CA ASP A 53 16.60 -0.02 1.59
C ASP A 53 16.57 -1.29 2.43
N GLY A 54 17.75 -1.83 2.72
CA GLY A 54 17.84 -3.05 3.51
C GLY A 54 17.67 -4.30 2.68
N ALA A 55 16.53 -4.43 2.02
CA ALA A 55 16.24 -5.59 1.18
C ALA A 55 15.17 -5.27 0.15
N ASP A 56 14.90 -6.23 -0.72
CA ASP A 56 13.88 -6.05 -1.77
C ASP A 56 12.51 -6.51 -1.28
N GLY A 57 11.72 -5.57 -0.77
CA GLY A 57 10.40 -5.90 -0.28
C GLY A 57 9.51 -4.68 -0.17
N VAL A 58 8.47 -4.79 0.67
CA VAL A 58 7.54 -3.69 0.86
C VAL A 58 7.14 -3.55 2.33
N SER A 59 7.07 -2.31 2.80
CA SER A 59 6.71 -2.05 4.19
C SER A 59 5.31 -1.47 4.29
N VAL A 60 4.60 -1.82 5.37
CA VAL A 60 3.24 -1.33 5.58
C VAL A 60 3.14 -0.51 6.86
N THR A 61 2.82 0.77 6.71
CA THR A 61 2.70 1.67 7.85
C THR A 61 1.24 1.82 8.28
N THR A 62 0.99 1.61 9.57
CA THR A 62 -0.37 1.72 10.10
C THR A 62 -0.38 2.50 11.41
N ARG A 63 -1.19 3.55 11.47
CA ARG A 63 -1.29 4.39 12.65
C ARG A 63 -2.60 4.13 13.38
N GLN A 64 -2.53 3.34 14.45
CA GLN A 64 -3.72 3.01 15.24
C GLN A 64 -3.71 3.77 16.57
N MET A 65 -4.77 3.58 17.35
CA MET A 65 -4.89 4.24 18.64
C MET A 65 -4.88 3.23 19.79
N HIS A 66 -3.79 3.22 20.55
CA HIS A 66 -3.64 2.30 21.67
C HIS A 66 -3.17 3.04 22.93
N ASN A 67 -3.61 2.55 24.08
CA ASN A 67 -3.23 3.16 25.35
C ASN A 67 -3.23 4.68 25.24
N GLY A 68 -4.23 5.22 24.55
CA GLY A 68 -4.32 6.66 24.39
C GLY A 68 -2.99 7.29 24.07
N THR A 69 -2.22 6.65 23.19
CA THR A 69 -0.91 7.17 22.80
C THR A 69 -0.67 6.98 21.30
N HIS A 70 0.08 7.89 20.71
CA HIS A 70 0.39 7.83 19.29
C HIS A 70 1.45 6.76 19.00
N VAL A 71 1.04 5.69 18.32
CA VAL A 71 1.96 4.61 17.99
C VAL A 71 1.93 4.32 16.50
N VAL A 72 3.12 4.06 15.93
CA VAL A 72 3.23 3.77 14.51
C VAL A 72 4.00 2.47 14.28
N ARG A 73 3.34 1.50 13.64
CA ARG A 73 3.96 0.22 13.36
C ARG A 73 4.25 0.06 11.86
N HIS A 74 5.35 -0.61 11.55
CA HIS A 74 5.75 -0.82 10.15
C HIS A 74 6.02 -2.29 9.89
N TYR A 75 5.09 -2.95 9.19
CA TYR A 75 5.23 -4.36 8.88
C TYR A 75 6.14 -4.56 7.67
N LYS A 76 6.96 -5.60 7.72
CA LYS A 76 7.89 -5.91 6.63
C LYS A 76 7.37 -7.08 5.80
N VAL A 77 7.89 -7.20 4.59
CA VAL A 77 7.49 -8.28 3.69
C VAL A 77 8.70 -9.00 3.10
N LYS A 78 8.67 -10.32 3.14
CA LYS A 78 9.77 -11.13 2.62
C LYS A 78 9.43 -11.67 1.24
N ARG A 79 10.46 -11.89 0.43
CA ARG A 79 10.28 -12.41 -0.92
C ARG A 79 10.46 -13.92 -0.95
N GLU A 80 9.37 -14.66 -0.90
CA GLU A 80 9.42 -16.13 -0.93
C GLU A 80 8.82 -16.67 -2.22
N GLY A 81 9.62 -16.74 -3.27
CA GLY A 81 9.16 -17.24 -4.54
C GLY A 81 8.22 -16.27 -5.23
N PRO A 82 7.32 -16.81 -6.07
CA PRO A 82 6.35 -15.99 -6.82
C PRO A 82 5.29 -15.39 -5.92
N LYS A 83 5.34 -15.73 -4.64
CA LYS A 83 4.39 -15.21 -3.66
C LYS A 83 5.10 -14.46 -2.54
N TYR A 84 4.32 -13.70 -1.76
CA TYR A 84 4.89 -12.93 -0.66
C TYR A 84 4.33 -13.41 0.68
N VAL A 85 5.20 -13.49 1.69
CA VAL A 85 4.80 -13.93 3.02
C VAL A 85 4.82 -12.78 4.00
N ILE A 86 3.76 -12.68 4.81
CA ILE A 86 3.65 -11.62 5.79
C ILE A 86 4.47 -11.94 7.05
N ASP A 87 4.89 -10.91 7.75
CA ASP A 87 5.68 -11.08 8.97
C ASP A 87 4.78 -11.23 10.19
N VAL A 88 4.00 -12.31 10.21
CA VAL A 88 3.10 -12.57 11.32
C VAL A 88 3.22 -14.00 11.81
N GLU A 89 2.45 -14.35 12.84
CA GLU A 89 2.47 -15.69 13.41
C GLU A 89 2.74 -16.73 12.32
N GLN A 90 1.87 -16.76 11.32
CA GLN A 90 2.01 -17.71 10.22
C GLN A 90 2.30 -16.99 8.91
N PRO A 91 3.15 -17.60 8.07
CA PRO A 91 3.53 -17.03 6.77
C PRO A 91 2.38 -17.05 5.77
N PHE A 92 1.54 -16.03 5.83
CA PHE A 92 0.39 -15.92 4.93
C PHE A 92 0.85 -15.72 3.49
N SER A 93 0.72 -16.77 2.69
CA SER A 93 1.13 -16.72 1.29
C SER A 93 0.11 -15.95 0.46
N CYS A 94 0.60 -15.20 -0.52
CA CYS A 94 -0.28 -14.41 -1.39
C CYS A 94 0.30 -14.34 -2.81
N THR A 95 -0.60 -14.40 -3.79
CA THR A 95 -0.19 -14.35 -5.20
C THR A 95 0.41 -12.99 -5.54
N SER A 96 -0.21 -11.93 -5.05
CA SER A 96 0.26 -10.58 -5.31
C SER A 96 0.07 -9.69 -4.08
N LEU A 97 0.54 -8.44 -4.18
CA LEU A 97 0.42 -7.50 -3.08
C LEU A 97 -1.04 -7.23 -2.75
N ASP A 98 -1.85 -7.02 -3.78
CA ASP A 98 -3.28 -6.75 -3.58
C ASP A 98 -3.85 -7.60 -2.45
N ALA A 99 -3.67 -8.92 -2.56
CA ALA A 99 -4.16 -9.85 -1.54
C ALA A 99 -3.71 -9.41 -0.15
N VAL A 100 -2.41 -9.20 0.01
CA VAL A 100 -1.84 -8.79 1.30
C VAL A 100 -2.73 -7.74 1.97
N VAL A 101 -3.08 -6.71 1.21
CA VAL A 101 -3.92 -5.64 1.73
C VAL A 101 -5.20 -6.19 2.35
N ASN A 102 -5.89 -7.06 1.61
CA ASN A 102 -7.12 -7.66 2.09
C ASN A 102 -6.88 -8.46 3.36
N TYR A 103 -5.79 -9.22 3.37
CA TYR A 103 -5.44 -10.04 4.53
C TYR A 103 -5.43 -9.21 5.80
N PHE A 104 -4.72 -8.10 5.77
CA PHE A 104 -4.63 -7.21 6.92
C PHE A 104 -5.99 -6.65 7.29
N VAL A 105 -6.66 -6.03 6.33
CA VAL A 105 -7.98 -5.45 6.54
C VAL A 105 -8.83 -6.36 7.43
N SER A 106 -8.87 -7.64 7.09
CA SER A 106 -9.64 -8.62 7.85
C SER A 106 -8.93 -8.98 9.15
N HIS A 107 -7.68 -9.41 9.03
CA HIS A 107 -6.89 -9.79 10.20
C HIS A 107 -7.06 -8.77 11.33
N THR A 108 -6.65 -7.53 11.07
CA THR A 108 -6.75 -6.48 12.06
C THR A 108 -8.13 -6.47 12.72
N LYS A 109 -8.17 -6.06 13.98
CA LYS A 109 -9.42 -6.01 14.72
C LYS A 109 -10.35 -4.92 14.16
N LYS A 110 -9.88 -3.68 14.19
CA LYS A 110 -10.66 -2.56 13.68
C LYS A 110 -10.55 -2.48 12.16
N ALA A 111 -11.53 -1.83 11.54
CA ALA A 111 -11.55 -1.67 10.08
C ALA A 111 -10.67 -0.50 9.65
N LEU A 112 -9.40 -0.78 9.41
CA LEU A 112 -8.45 0.25 8.99
C LEU A 112 -8.78 0.74 7.58
N VAL A 113 -8.65 2.04 7.37
CA VAL A 113 -8.93 2.63 6.06
C VAL A 113 -7.65 2.76 5.24
N PRO A 114 -7.70 2.30 3.99
CA PRO A 114 -6.56 2.35 3.07
C PRO A 114 -6.24 3.78 2.64
N PHE A 115 -4.96 4.15 2.74
CA PHE A 115 -4.52 5.48 2.37
C PHE A 115 -4.33 5.59 0.85
N LEU A 116 -4.95 6.59 0.25
CA LEU A 116 -4.86 6.80 -1.19
C LEU A 116 -4.81 8.29 -1.52
N LEU A 117 -4.05 8.65 -2.54
CA LEU A 117 -3.93 10.04 -2.96
C LEU A 117 -4.15 10.17 -4.47
N ASP A 118 -5.27 10.78 -4.84
CA ASP A 118 -5.60 10.98 -6.25
C ASP A 118 -4.89 12.20 -6.81
N GLY A 1 -11.42 19.84 -41.01
CA GLY A 1 -10.18 19.71 -41.77
C GLY A 1 -8.96 20.11 -40.97
N SER A 2 -8.66 19.34 -39.93
CA SER A 2 -7.51 19.62 -39.08
C SER A 2 -6.21 19.35 -39.82
N SER A 3 -5.51 20.42 -40.21
CA SER A 3 -4.25 20.30 -40.93
C SER A 3 -3.40 19.18 -40.33
N GLY A 4 -3.11 19.30 -39.04
CA GLY A 4 -2.30 18.29 -38.38
C GLY A 4 -2.46 18.32 -36.87
N SER A 5 -3.29 17.41 -36.36
CA SER A 5 -3.55 17.33 -34.93
C SER A 5 -2.95 16.06 -34.34
N SER A 6 -3.03 15.93 -33.01
CA SER A 6 -2.50 14.76 -32.32
C SER A 6 -3.62 13.95 -31.69
N GLY A 7 -4.71 13.78 -32.41
CA GLY A 7 -5.83 13.03 -31.91
C GLY A 7 -6.71 13.84 -30.96
N GLU A 8 -7.81 14.38 -31.50
CA GLU A 8 -8.72 15.18 -30.69
C GLU A 8 -9.05 14.49 -29.38
N VAL A 9 -8.82 13.18 -29.34
CA VAL A 9 -9.10 12.39 -28.13
C VAL A 9 -8.61 10.96 -28.29
N LEU A 10 -8.10 10.40 -27.20
CA LEU A 10 -7.59 9.03 -27.22
C LEU A 10 -8.07 8.25 -26.00
N ALA A 11 -9.15 7.48 -26.18
CA ALA A 11 -9.71 6.69 -25.10
C ALA A 11 -9.36 5.21 -25.26
N LYS A 12 -8.56 4.91 -26.27
CA LYS A 12 -8.13 3.54 -26.53
C LYS A 12 -6.87 3.20 -25.74
N GLU A 13 -6.64 3.93 -24.66
CA GLU A 13 -5.47 3.70 -23.81
C GLU A 13 -5.90 3.26 -22.41
N GLU A 14 -5.29 2.17 -21.93
CA GLU A 14 -5.60 1.64 -20.61
C GLU A 14 -4.40 0.89 -20.04
N ALA A 15 -4.35 0.81 -18.71
CA ALA A 15 -3.26 0.12 -18.03
C ALA A 15 -3.80 -0.88 -17.00
N ARG A 16 -3.97 -2.13 -17.43
CA ARG A 16 -4.47 -3.17 -16.55
C ARG A 16 -3.34 -3.79 -15.74
N ARG A 17 -2.25 -3.05 -15.60
CA ARG A 17 -1.10 -3.53 -14.84
C ARG A 17 -1.19 -3.10 -13.38
N ALA A 18 -2.25 -3.52 -12.71
CA ALA A 18 -2.47 -3.18 -11.31
C ALA A 18 -2.44 -4.43 -10.44
N LEU A 19 -1.48 -5.31 -10.70
CA LEU A 19 -1.34 -6.54 -9.93
C LEU A 19 -0.13 -6.49 -9.01
N GLU A 20 1.02 -6.16 -9.59
CA GLU A 20 2.25 -6.07 -8.82
C GLU A 20 1.99 -5.51 -7.43
N THR A 21 1.43 -4.30 -7.38
CA THR A 21 1.13 -3.65 -6.11
C THR A 21 -0.20 -2.91 -6.18
N PRO A 22 -0.87 -2.79 -5.02
CA PRO A 22 -2.16 -2.10 -4.92
C PRO A 22 -2.03 -0.60 -5.13
N SER A 23 -2.92 -0.04 -5.93
CA SER A 23 -2.91 1.39 -6.21
C SER A 23 -2.57 2.19 -4.96
N CYS A 24 -3.28 1.91 -3.87
CA CYS A 24 -3.05 2.60 -2.61
C CYS A 24 -1.56 2.81 -2.36
N PHE A 25 -0.77 1.76 -2.61
CA PHE A 25 0.68 1.83 -2.42
C PHE A 25 1.24 3.12 -3.02
N LEU A 26 2.37 3.57 -2.47
CA LEU A 26 3.01 4.79 -2.94
C LEU A 26 4.52 4.74 -2.68
N LYS A 27 5.28 5.42 -3.53
CA LYS A 27 6.73 5.46 -3.39
C LYS A 27 7.16 6.65 -2.54
N VAL A 28 7.55 6.38 -1.30
CA VAL A 28 7.99 7.43 -0.38
C VAL A 28 8.98 6.88 0.65
N SER A 29 9.59 7.78 1.41
CA SER A 29 10.55 7.41 2.42
C SER A 29 9.85 6.94 3.71
N ARG A 30 10.59 6.29 4.58
CA ARG A 30 10.04 5.80 5.84
C ARG A 30 9.29 6.90 6.57
N LEU A 31 9.78 8.13 6.44
CA LEU A 31 9.16 9.28 7.11
C LEU A 31 8.05 9.85 6.24
N GLU A 32 8.38 10.17 4.99
CA GLU A 32 7.40 10.73 4.06
C GLU A 32 6.03 10.09 4.26
N ALA A 33 6.03 8.78 4.48
CA ALA A 33 4.78 8.05 4.69
C ALA A 33 4.16 8.39 6.04
N GLN A 34 4.98 8.34 7.08
CA GLN A 34 4.51 8.64 8.43
C GLN A 34 3.90 10.03 8.50
N LEU A 35 4.64 11.03 8.03
CA LEU A 35 4.18 12.40 8.03
C LEU A 35 2.94 12.56 7.15
N LEU A 36 2.87 11.76 6.10
CA LEU A 36 1.73 11.81 5.18
C LEU A 36 0.44 11.42 5.88
N LEU A 37 0.55 10.52 6.84
CA LEU A 37 -0.61 10.06 7.61
C LEU A 37 -1.10 11.14 8.56
N GLU A 38 -0.27 11.47 9.55
CA GLU A 38 -0.63 12.49 10.53
C GLU A 38 -1.33 13.67 9.86
N ARG A 39 -0.92 13.97 8.64
CA ARG A 39 -1.51 15.07 7.88
C ARG A 39 -2.90 14.72 7.39
N TYR A 40 -3.02 13.56 6.74
CA TYR A 40 -4.29 13.10 6.21
C TYR A 40 -4.75 11.84 6.92
N PRO A 41 -5.26 12.01 8.15
CA PRO A 41 -5.76 10.89 8.97
C PRO A 41 -7.03 10.28 8.41
N GLU A 42 -7.98 11.14 8.04
CA GLU A 42 -9.25 10.70 7.49
C GLU A 42 -9.04 9.91 6.20
N CYS A 43 -8.21 10.45 5.31
CA CYS A 43 -7.92 9.80 4.03
C CYS A 43 -7.64 8.32 4.23
N GLY A 44 -6.67 8.01 5.08
CA GLY A 44 -6.32 6.61 5.34
C GLY A 44 -5.14 6.48 6.28
N ASN A 45 -5.03 5.33 6.92
CA ASN A 45 -3.94 5.08 7.86
C ASN A 45 -3.05 3.95 7.35
N LEU A 46 -3.67 2.93 6.78
CA LEU A 46 -2.93 1.78 6.26
C LEU A 46 -2.26 2.13 4.93
N LEU A 47 -0.97 2.48 4.99
CA LEU A 47 -0.22 2.83 3.79
C LEU A 47 0.94 1.86 3.57
N LEU A 48 1.27 1.63 2.31
CA LEU A 48 2.37 0.72 1.96
C LEU A 48 3.52 1.48 1.31
N ARG A 49 4.67 1.49 1.97
CA ARG A 49 5.84 2.18 1.44
C ARG A 49 6.94 1.19 1.09
N PRO A 50 7.69 1.50 0.02
CA PRO A 50 8.79 0.64 -0.45
C PRO A 50 9.97 0.63 0.51
N SER A 51 10.45 -0.56 0.85
CA SER A 51 11.57 -0.70 1.77
C SER A 51 12.69 -1.52 1.13
N GLY A 52 13.86 -0.89 0.99
CA GLY A 52 15.00 -1.57 0.39
C GLY A 52 16.27 -1.41 1.20
N ASP A 53 17.41 -1.36 0.52
CA ASP A 53 18.70 -1.22 1.19
C ASP A 53 18.95 -2.37 2.13
N GLY A 54 18.63 -3.59 1.69
CA GLY A 54 18.83 -4.77 2.51
C GLY A 54 17.61 -5.65 2.57
N ALA A 55 16.44 -5.05 2.76
CA ALA A 55 15.20 -5.80 2.83
C ALA A 55 14.80 -6.33 1.46
N ASP A 56 14.95 -5.49 0.44
CA ASP A 56 14.62 -5.89 -0.92
C ASP A 56 13.14 -6.28 -1.03
N GLY A 57 12.27 -5.46 -0.43
CA GLY A 57 10.85 -5.74 -0.46
C GLY A 57 10.01 -4.50 -0.18
N VAL A 58 8.80 -4.71 0.29
CA VAL A 58 7.89 -3.61 0.59
C VAL A 58 7.49 -3.62 2.07
N SER A 59 7.33 -2.43 2.64
CA SER A 59 6.96 -2.29 4.04
C SER A 59 5.57 -1.68 4.18
N VAL A 60 4.87 -2.04 5.24
CA VAL A 60 3.53 -1.52 5.49
C VAL A 60 3.49 -0.69 6.77
N THR A 61 3.06 0.56 6.64
CA THR A 61 2.97 1.47 7.77
C THR A 61 1.52 1.79 8.11
N THR A 62 1.10 1.41 9.32
CA THR A 62 -0.26 1.67 9.76
C THR A 62 -0.29 2.64 10.94
N ARG A 63 -1.28 3.51 10.95
CA ARG A 63 -1.42 4.49 12.03
C ARG A 63 -2.81 4.43 12.64
N GLN A 64 -2.98 3.52 13.61
CA GLN A 64 -4.26 3.37 14.29
C GLN A 64 -4.27 4.09 15.62
N MET A 65 -5.40 4.73 15.93
CA MET A 65 -5.53 5.46 17.19
C MET A 65 -5.95 4.52 18.32
N HIS A 66 -5.01 4.24 19.22
CA HIS A 66 -5.28 3.36 20.36
C HIS A 66 -6.21 4.03 21.35
N ASN A 67 -6.52 3.33 22.44
CA ASN A 67 -7.40 3.85 23.47
C ASN A 67 -7.25 5.36 23.60
N GLY A 68 -6.00 5.84 23.50
CA GLY A 68 -5.74 7.26 23.62
C GLY A 68 -4.27 7.60 23.41
N THR A 69 -3.62 6.86 22.53
CA THR A 69 -2.21 7.08 22.24
C THR A 69 -1.91 6.92 20.76
N HIS A 70 -0.84 7.56 20.29
CA HIS A 70 -0.46 7.47 18.89
C HIS A 70 0.70 6.48 18.71
N VAL A 71 0.36 5.30 18.19
CA VAL A 71 1.37 4.26 17.96
C VAL A 71 1.46 3.90 16.48
N VAL A 72 2.68 3.82 15.98
CA VAL A 72 2.91 3.48 14.58
C VAL A 72 3.73 2.21 14.44
N ARG A 73 3.16 1.20 13.79
CA ARG A 73 3.83 -0.08 13.59
C ARG A 73 4.46 -0.15 12.21
N HIS A 74 5.25 -1.19 11.98
CA HIS A 74 5.91 -1.39 10.70
C HIS A 74 6.00 -2.87 10.34
N TYR A 75 5.71 -3.20 9.09
CA TYR A 75 5.76 -4.57 8.63
C TYR A 75 6.63 -4.70 7.39
N LYS A 76 7.06 -5.93 7.10
CA LYS A 76 7.91 -6.19 5.94
C LYS A 76 7.36 -7.35 5.12
N VAL A 77 7.84 -7.47 3.88
CA VAL A 77 7.39 -8.54 2.99
C VAL A 77 8.58 -9.21 2.32
N LYS A 78 8.46 -10.53 2.11
CA LYS A 78 9.53 -11.29 1.46
C LYS A 78 9.12 -11.70 0.05
N ARG A 79 10.04 -12.32 -0.67
CA ARG A 79 9.78 -12.77 -2.03
C ARG A 79 9.97 -14.27 -2.16
N GLU A 80 8.87 -15.02 -2.01
CA GLU A 80 8.91 -16.47 -2.11
C GLU A 80 8.06 -16.96 -3.27
N GLY A 81 8.66 -16.99 -4.46
CA GLY A 81 7.94 -17.43 -5.64
C GLY A 81 6.89 -16.43 -6.10
N PRO A 82 5.87 -16.94 -6.82
CA PRO A 82 4.79 -16.09 -7.33
C PRO A 82 3.88 -15.57 -6.22
N LYS A 83 4.24 -15.89 -4.98
CA LYS A 83 3.46 -15.44 -3.83
C LYS A 83 4.35 -14.72 -2.81
N TYR A 84 3.75 -13.84 -2.01
CA TYR A 84 4.48 -13.09 -1.01
C TYR A 84 4.08 -13.54 0.40
N VAL A 85 5.06 -13.55 1.31
CA VAL A 85 4.82 -13.94 2.68
C VAL A 85 5.14 -12.81 3.66
N ILE A 86 4.12 -12.33 4.34
CA ILE A 86 4.29 -11.24 5.30
C ILE A 86 5.34 -11.59 6.34
N ASP A 87 6.01 -10.57 6.88
CA ASP A 87 7.04 -10.78 7.89
C ASP A 87 6.42 -10.87 9.28
N VAL A 88 5.53 -11.84 9.47
CA VAL A 88 4.87 -12.04 10.76
C VAL A 88 5.03 -13.47 11.25
N GLU A 89 4.68 -13.71 12.50
CA GLU A 89 4.79 -15.03 13.10
C GLU A 89 4.45 -16.11 12.07
N GLN A 90 3.37 -15.91 11.34
CA GLN A 90 2.93 -16.87 10.33
C GLN A 90 3.06 -16.28 8.93
N PRO A 91 3.79 -16.97 8.06
CA PRO A 91 4.00 -16.53 6.67
C PRO A 91 2.73 -16.63 5.83
N PHE A 92 1.91 -15.58 5.88
CA PHE A 92 0.66 -15.55 5.13
C PHE A 92 0.94 -15.51 3.63
N SER A 93 0.76 -16.65 2.98
CA SER A 93 0.99 -16.76 1.53
C SER A 93 -0.27 -16.40 0.76
N CYS A 94 -0.12 -15.53 -0.23
CA CYS A 94 -1.26 -15.11 -1.05
C CYS A 94 -0.87 -15.05 -2.52
N THR A 95 -1.83 -14.68 -3.37
CA THR A 95 -1.58 -14.59 -4.81
C THR A 95 -0.74 -13.36 -5.14
N SER A 96 -0.99 -12.26 -4.45
CA SER A 96 -0.26 -11.02 -4.67
C SER A 96 -0.54 -10.00 -3.56
N LEU A 97 0.28 -8.97 -3.50
CA LEU A 97 0.12 -7.93 -2.49
C LEU A 97 -1.35 -7.61 -2.25
N ASP A 98 -2.11 -7.52 -3.35
CA ASP A 98 -3.53 -7.22 -3.27
C ASP A 98 -4.16 -7.88 -2.05
N ALA A 99 -3.89 -9.18 -1.89
CA ALA A 99 -4.43 -9.93 -0.76
C ALA A 99 -3.93 -9.37 0.56
N VAL A 100 -2.61 -9.20 0.67
CA VAL A 100 -2.00 -8.66 1.88
C VAL A 100 -2.80 -7.50 2.43
N VAL A 101 -3.05 -6.50 1.58
CA VAL A 101 -3.80 -5.32 1.99
C VAL A 101 -5.04 -5.71 2.79
N ASN A 102 -5.78 -6.70 2.29
CA ASN A 102 -6.99 -7.17 2.97
C ASN A 102 -6.63 -7.99 4.21
N TYR A 103 -5.64 -8.86 4.08
CA TYR A 103 -5.21 -9.70 5.18
C TYR A 103 -5.01 -8.87 6.45
N PHE A 104 -4.32 -7.74 6.30
CA PHE A 104 -4.06 -6.86 7.44
C PHE A 104 -5.36 -6.35 8.04
N VAL A 105 -6.21 -5.78 7.20
CA VAL A 105 -7.49 -5.24 7.65
C VAL A 105 -8.23 -6.25 8.52
N SER A 106 -8.56 -7.40 7.93
CA SER A 106 -9.27 -8.46 8.64
C SER A 106 -8.48 -8.90 9.87
N HIS A 107 -7.21 -9.23 9.67
CA HIS A 107 -6.35 -9.67 10.76
C HIS A 107 -6.55 -8.80 12.00
N THR A 108 -6.31 -7.50 11.83
CA THR A 108 -6.46 -6.56 12.94
C THR A 108 -7.91 -6.46 13.39
N LYS A 109 -8.12 -6.47 14.70
CA LYS A 109 -9.46 -6.38 15.26
C LYS A 109 -10.21 -5.18 14.68
N LYS A 110 -9.48 -4.11 14.39
CA LYS A 110 -10.08 -2.91 13.83
C LYS A 110 -9.97 -2.91 12.31
N ALA A 111 -10.82 -2.13 11.66
CA ALA A 111 -10.82 -2.04 10.20
C ALA A 111 -9.76 -1.05 9.71
N LEU A 112 -8.61 -1.57 9.32
CA LEU A 112 -7.51 -0.74 8.83
C LEU A 112 -7.85 -0.13 7.47
N VAL A 113 -8.14 1.17 7.47
CA VAL A 113 -8.48 1.87 6.23
C VAL A 113 -7.23 2.14 5.40
N PRO A 114 -7.31 1.83 4.09
CA PRO A 114 -6.20 2.03 3.16
C PRO A 114 -5.94 3.51 2.89
N PHE A 115 -4.69 3.83 2.56
CA PHE A 115 -4.31 5.21 2.28
C PHE A 115 -4.07 5.41 0.78
N LEU A 116 -4.62 6.49 0.25
CA LEU A 116 -4.47 6.79 -1.17
C LEU A 116 -4.26 8.29 -1.39
N LEU A 117 -3.50 8.63 -2.41
CA LEU A 117 -3.22 10.04 -2.73
C LEU A 117 -3.11 10.24 -4.23
N ASP A 118 -4.09 10.94 -4.80
CA ASP A 118 -4.09 11.22 -6.23
C ASP A 118 -3.03 12.24 -6.60
N GLY A 1 6.01 19.50 -53.52
CA GLY A 1 5.13 18.75 -52.63
C GLY A 1 5.73 18.55 -51.25
N SER A 2 4.87 18.48 -50.24
CA SER A 2 5.34 18.29 -48.86
C SER A 2 4.42 17.33 -48.11
N SER A 3 5.01 16.53 -47.23
CA SER A 3 4.26 15.56 -46.45
C SER A 3 4.73 15.54 -45.00
N GLY A 4 3.96 14.87 -44.15
CA GLY A 4 4.32 14.79 -42.75
C GLY A 4 3.11 14.78 -41.83
N SER A 5 3.16 13.96 -40.79
CA SER A 5 2.05 13.85 -39.84
C SER A 5 2.50 13.15 -38.56
N SER A 6 2.06 13.68 -37.42
CA SER A 6 2.40 13.11 -36.13
C SER A 6 1.24 12.32 -35.55
N GLY A 7 1.49 11.65 -34.43
CA GLY A 7 0.45 10.86 -33.79
C GLY A 7 -0.53 11.72 -33.01
N GLU A 8 -1.14 12.69 -33.68
CA GLU A 8 -2.09 13.58 -33.04
C GLU A 8 -3.43 12.88 -32.84
N VAL A 9 -3.54 11.66 -33.34
CA VAL A 9 -4.78 10.89 -33.22
C VAL A 9 -4.59 9.71 -32.27
N LEU A 10 -3.37 9.18 -32.22
CA LEU A 10 -3.06 8.06 -31.34
C LEU A 10 -2.64 8.54 -29.96
N ALA A 11 -3.38 9.50 -29.42
CA ALA A 11 -3.09 10.05 -28.11
C ALA A 11 -3.95 9.40 -27.03
N LYS A 12 -4.78 8.44 -27.45
CA LYS A 12 -5.66 7.73 -26.53
C LYS A 12 -5.11 6.35 -26.21
N GLU A 13 -3.78 6.24 -26.15
CA GLU A 13 -3.13 4.97 -25.86
C GLU A 13 -2.92 4.79 -24.36
N GLU A 14 -3.31 3.62 -23.85
CA GLU A 14 -3.17 3.33 -22.42
C GLU A 14 -2.99 1.83 -22.19
N ALA A 15 -2.91 1.44 -20.93
CA ALA A 15 -2.74 0.03 -20.56
C ALA A 15 -3.40 -0.28 -19.23
N ARG A 16 -3.60 -1.56 -18.96
CA ARG A 16 -4.22 -1.99 -17.71
C ARG A 16 -3.39 -3.09 -17.04
N ARG A 17 -2.12 -3.17 -17.40
CA ARG A 17 -1.22 -4.16 -16.84
C ARG A 17 -0.79 -3.78 -15.43
N ALA A 18 -1.77 -3.55 -14.55
CA ALA A 18 -1.50 -3.18 -13.18
C ALA A 18 -2.00 -4.24 -12.21
N LEU A 19 -1.65 -5.49 -12.49
CA LEU A 19 -2.07 -6.62 -11.65
C LEU A 19 -0.92 -7.09 -10.77
N GLU A 20 -0.07 -6.15 -10.34
CA GLU A 20 1.07 -6.47 -9.51
C GLU A 20 0.92 -5.86 -8.12
N THR A 21 0.51 -4.60 -8.08
CA THR A 21 0.33 -3.89 -6.82
C THR A 21 -1.02 -3.17 -6.77
N PRO A 22 -1.58 -3.03 -5.57
CA PRO A 22 -2.87 -2.36 -5.36
C PRO A 22 -2.79 -0.86 -5.62
N SER A 23 -3.95 -0.21 -5.64
CA SER A 23 -4.02 1.23 -5.88
C SER A 23 -3.56 2.01 -4.65
N CYS A 24 -3.92 1.50 -3.47
CA CYS A 24 -3.55 2.15 -2.22
C CYS A 24 -2.04 2.30 -2.11
N PHE A 25 -1.31 1.29 -2.59
CA PHE A 25 0.14 1.31 -2.55
C PHE A 25 0.69 2.58 -3.21
N LEU A 26 1.81 3.07 -2.69
CA LEU A 26 2.44 4.27 -3.24
C LEU A 26 3.95 4.26 -2.98
N LYS A 27 4.69 4.94 -3.83
CA LYS A 27 6.14 5.01 -3.70
C LYS A 27 6.55 6.26 -2.92
N VAL A 28 6.94 6.06 -1.66
CA VAL A 28 7.36 7.16 -0.81
C VAL A 28 8.39 6.71 0.21
N SER A 29 8.97 7.67 0.93
CA SER A 29 9.96 7.37 1.95
C SER A 29 9.33 7.28 3.34
N ARG A 30 9.84 6.37 4.16
CA ARG A 30 9.31 6.19 5.52
C ARG A 30 9.05 7.54 6.18
N LEU A 31 9.97 8.48 5.99
CA LEU A 31 9.83 9.81 6.57
C LEU A 31 8.47 10.42 6.24
N GLU A 32 8.18 10.52 4.95
CA GLU A 32 6.91 11.08 4.50
C GLU A 32 5.74 10.17 4.89
N ALA A 33 5.75 8.95 4.38
CA ALA A 33 4.70 7.99 4.68
C ALA A 33 4.19 8.17 6.10
N GLN A 34 5.10 8.46 7.02
CA GLN A 34 4.73 8.65 8.42
C GLN A 34 3.83 9.87 8.59
N LEU A 35 4.24 10.99 7.99
CA LEU A 35 3.47 12.23 8.07
C LEU A 35 2.27 12.18 7.13
N LEU A 36 2.33 11.28 6.15
CA LEU A 36 1.25 11.14 5.18
C LEU A 36 -0.05 10.70 5.87
N LEU A 37 0.09 10.14 7.07
CA LEU A 37 -1.06 9.68 7.83
C LEU A 37 -1.81 10.85 8.44
N GLU A 38 -1.12 11.63 9.26
CA GLU A 38 -1.72 12.79 9.91
C GLU A 38 -2.30 13.75 8.88
N ARG A 39 -1.61 13.90 7.76
CA ARG A 39 -2.05 14.79 6.69
C ARG A 39 -3.42 14.36 6.16
N TYR A 40 -3.50 13.11 5.72
CA TYR A 40 -4.75 12.58 5.17
C TYR A 40 -5.27 11.43 6.05
N PRO A 41 -5.89 11.78 7.18
CA PRO A 41 -6.44 10.80 8.12
C PRO A 41 -7.67 10.09 7.56
N GLU A 42 -8.62 10.88 7.06
CA GLU A 42 -9.85 10.32 6.50
C GLU A 42 -9.52 9.24 5.46
N CYS A 43 -8.37 9.37 4.82
CA CYS A 43 -7.95 8.41 3.81
C CYS A 43 -7.27 7.20 4.45
N GLY A 44 -7.76 6.81 5.62
CA GLY A 44 -7.19 5.68 6.33
C GLY A 44 -5.76 5.92 6.77
N ASN A 45 -5.13 4.91 7.34
CA ASN A 45 -3.75 5.03 7.81
C ASN A 45 -2.90 3.88 7.27
N LEU A 46 -3.53 2.73 7.04
CA LEU A 46 -2.84 1.56 6.53
C LEU A 46 -2.29 1.82 5.13
N LEU A 47 -1.01 2.16 5.05
CA LEU A 47 -0.37 2.43 3.77
C LEU A 47 0.84 1.53 3.56
N LEU A 48 1.18 1.28 2.30
CA LEU A 48 2.33 0.44 1.97
C LEU A 48 3.41 1.24 1.25
N ARG A 49 4.61 1.23 1.80
CA ARG A 49 5.73 1.96 1.20
C ARG A 49 6.89 1.02 0.91
N PRO A 50 7.64 1.31 -0.16
CA PRO A 50 8.79 0.51 -0.58
C PRO A 50 9.96 0.62 0.38
N SER A 51 10.46 -0.51 0.85
CA SER A 51 11.58 -0.53 1.78
C SER A 51 12.90 -0.72 1.04
N GLY A 52 14.01 -0.54 1.76
CA GLY A 52 15.31 -0.70 1.16
C GLY A 52 16.29 -1.43 2.06
N ASP A 53 16.58 -0.84 3.22
CA ASP A 53 17.50 -1.45 4.17
C ASP A 53 16.79 -2.50 5.02
N GLY A 54 17.01 -3.76 4.68
CA GLY A 54 16.38 -4.84 5.43
C GLY A 54 16.13 -6.08 4.57
N ALA A 55 15.35 -5.89 3.50
CA ALA A 55 15.04 -6.99 2.60
C ALA A 55 14.42 -6.47 1.30
N ASP A 56 14.23 -7.37 0.34
CA ASP A 56 13.64 -7.01 -0.94
C ASP A 56 12.13 -7.22 -0.93
N GLY A 57 11.40 -6.23 -0.43
CA GLY A 57 9.95 -6.33 -0.37
C GLY A 57 9.28 -4.98 -0.21
N VAL A 58 8.32 -4.92 0.70
CA VAL A 58 7.59 -3.67 0.96
C VAL A 58 7.21 -3.56 2.43
N SER A 59 7.27 -2.34 2.96
CA SER A 59 6.93 -2.09 4.36
C SER A 59 5.48 -1.63 4.50
N VAL A 60 4.91 -1.87 5.67
CA VAL A 60 3.53 -1.48 5.93
C VAL A 60 3.44 -0.56 7.15
N THR A 61 3.15 0.71 6.90
CA THR A 61 3.03 1.69 7.97
C THR A 61 1.60 1.76 8.51
N THR A 62 1.41 1.33 9.75
CA THR A 62 0.10 1.35 10.37
C THR A 62 0.11 2.16 11.66
N ARG A 63 -0.69 3.22 11.70
CA ARG A 63 -0.77 4.08 12.87
C ARG A 63 -2.11 3.90 13.59
N GLN A 64 -2.13 2.99 14.56
CA GLN A 64 -3.34 2.72 15.32
C GLN A 64 -3.53 3.73 16.44
N MET A 65 -4.57 3.56 17.23
CA MET A 65 -4.86 4.46 18.35
C MET A 65 -5.05 3.68 19.64
N HIS A 66 -4.04 3.73 20.51
CA HIS A 66 -4.10 3.03 21.80
C HIS A 66 -4.33 4.02 22.94
N ASN A 67 -4.28 3.51 24.17
CA ASN A 67 -4.48 4.34 25.35
C ASN A 67 -3.94 5.74 25.12
N GLY A 68 -4.82 6.64 24.67
CA GLY A 68 -4.41 8.02 24.42
C GLY A 68 -3.00 8.11 23.89
N THR A 69 -2.59 7.12 23.09
CA THR A 69 -1.26 7.09 22.52
C THR A 69 -1.28 6.60 21.08
N HIS A 70 -0.60 7.34 20.19
CA HIS A 70 -0.55 6.97 18.78
C HIS A 70 0.73 6.19 18.47
N VAL A 71 0.58 4.89 18.24
CA VAL A 71 1.73 4.04 17.93
C VAL A 71 1.87 3.85 16.42
N VAL A 72 3.12 3.77 15.96
CA VAL A 72 3.40 3.58 14.54
C VAL A 72 4.26 2.35 14.31
N ARG A 73 3.62 1.23 13.98
CA ARG A 73 4.32 -0.01 13.72
C ARG A 73 4.56 -0.22 12.23
N HIS A 74 5.60 -0.96 11.89
CA HIS A 74 5.94 -1.24 10.50
C HIS A 74 6.10 -2.74 10.27
N TYR A 75 5.30 -3.28 9.35
CA TYR A 75 5.35 -4.70 9.03
C TYR A 75 5.98 -4.92 7.65
N LYS A 76 7.07 -5.69 7.62
CA LYS A 76 7.75 -5.99 6.37
C LYS A 76 7.25 -7.29 5.76
N VAL A 77 7.11 -7.31 4.45
CA VAL A 77 6.63 -8.51 3.75
C VAL A 77 7.73 -9.09 2.86
N LYS A 78 8.17 -10.30 3.20
CA LYS A 78 9.21 -10.97 2.43
C LYS A 78 8.69 -11.37 1.05
N ARG A 79 9.62 -11.55 0.11
CA ARG A 79 9.25 -11.94 -1.25
C ARG A 79 9.65 -13.39 -1.53
N GLU A 80 8.70 -14.18 -2.01
CA GLU A 80 8.96 -15.58 -2.31
C GLU A 80 8.06 -16.07 -3.46
N GLY A 81 8.66 -16.23 -4.63
CA GLY A 81 7.92 -16.68 -5.79
C GLY A 81 6.83 -15.72 -6.19
N PRO A 82 5.82 -16.23 -6.91
CA PRO A 82 4.69 -15.42 -7.37
C PRO A 82 3.78 -14.98 -6.21
N LYS A 83 4.05 -15.49 -5.02
CA LYS A 83 3.27 -15.16 -3.85
C LYS A 83 4.09 -14.30 -2.88
N TYR A 84 3.40 -13.49 -2.09
CA TYR A 84 4.05 -12.63 -1.12
C TYR A 84 3.94 -13.20 0.30
N VAL A 85 5.02 -13.08 1.06
CA VAL A 85 5.03 -13.58 2.43
C VAL A 85 5.21 -12.45 3.44
N ILE A 86 4.35 -12.43 4.45
CA ILE A 86 4.40 -11.40 5.48
C ILE A 86 5.37 -11.79 6.60
N ASP A 87 6.10 -10.80 7.10
CA ASP A 87 7.06 -11.04 8.18
C ASP A 87 6.39 -10.90 9.55
N VAL A 88 5.46 -11.82 9.84
CA VAL A 88 4.76 -11.80 11.11
C VAL A 88 4.72 -13.18 11.75
N GLU A 89 4.03 -13.30 12.87
CA GLU A 89 3.91 -14.57 13.57
C GLU A 89 3.91 -15.74 12.58
N GLN A 90 2.88 -15.77 11.72
CA GLN A 90 2.76 -16.83 10.72
C GLN A 90 2.98 -16.28 9.32
N PRO A 91 3.70 -17.05 8.50
CA PRO A 91 4.00 -16.66 7.11
C PRO A 91 2.76 -16.72 6.22
N PHE A 92 2.01 -15.62 6.20
CA PHE A 92 0.79 -15.54 5.39
C PHE A 92 1.14 -15.37 3.91
N SER A 93 0.83 -16.39 3.13
CA SER A 93 1.11 -16.36 1.69
C SER A 93 -0.14 -15.99 0.90
N CYS A 94 0.04 -15.13 -0.09
CA CYS A 94 -1.08 -14.69 -0.92
C CYS A 94 -0.77 -14.91 -2.41
N THR A 95 -1.68 -14.45 -3.26
CA THR A 95 -1.51 -14.59 -4.70
C THR A 95 -1.01 -13.30 -5.33
N SER A 96 -1.10 -12.21 -4.58
CA SER A 96 -0.67 -10.90 -5.07
C SER A 96 -0.63 -9.88 -3.93
N LEU A 97 0.36 -8.99 -3.98
CA LEU A 97 0.50 -7.97 -2.96
C LEU A 97 -0.86 -7.53 -2.42
N ASP A 98 -1.76 -7.21 -3.33
CA ASP A 98 -3.11 -6.78 -2.96
C ASP A 98 -3.59 -7.53 -1.73
N ALA A 99 -3.76 -8.84 -1.87
CA ALA A 99 -4.22 -9.67 -0.76
C ALA A 99 -3.60 -9.23 0.56
N VAL A 100 -2.27 -9.12 0.58
CA VAL A 100 -1.56 -8.71 1.78
C VAL A 100 -2.30 -7.59 2.51
N VAL A 101 -2.78 -6.62 1.74
CA VAL A 101 -3.52 -5.49 2.31
C VAL A 101 -4.80 -5.95 2.98
N ASN A 102 -5.44 -6.96 2.38
CA ASN A 102 -6.68 -7.49 2.92
C ASN A 102 -6.44 -8.31 4.18
N TYR A 103 -5.35 -9.07 4.18
CA TYR A 103 -4.99 -9.90 5.32
C TYR A 103 -5.15 -9.12 6.63
N PHE A 104 -4.58 -7.92 6.66
CA PHE A 104 -4.67 -7.08 7.86
C PHE A 104 -6.12 -6.77 8.20
N VAL A 105 -6.83 -6.17 7.25
CA VAL A 105 -8.23 -5.81 7.46
C VAL A 105 -8.95 -6.87 8.31
N SER A 106 -8.54 -8.12 8.15
CA SER A 106 -9.13 -9.22 8.90
C SER A 106 -8.40 -9.45 10.22
N HIS A 107 -7.08 -9.61 10.13
CA HIS A 107 -6.25 -9.84 11.31
C HIS A 107 -6.55 -8.80 12.38
N THR A 108 -6.49 -7.52 12.00
CA THR A 108 -6.74 -6.43 12.93
C THR A 108 -7.82 -6.82 13.95
N LYS A 109 -7.53 -6.58 15.22
CA LYS A 109 -8.47 -6.90 16.30
C LYS A 109 -9.88 -6.48 15.92
N LYS A 110 -10.02 -5.27 15.38
CA LYS A 110 -11.32 -4.75 14.98
C LYS A 110 -11.36 -4.50 13.48
N ALA A 111 -10.62 -3.49 13.03
CA ALA A 111 -10.57 -3.16 11.61
C ALA A 111 -9.38 -2.26 11.30
N LEU A 112 -9.17 -1.97 10.02
CA LEU A 112 -8.06 -1.13 9.59
C LEU A 112 -8.29 -0.61 8.18
N VAL A 113 -8.54 0.69 8.07
CA VAL A 113 -8.78 1.32 6.77
C VAL A 113 -7.47 1.53 6.02
N PRO A 114 -7.46 1.17 4.73
CA PRO A 114 -6.28 1.31 3.87
C PRO A 114 -5.95 2.77 3.57
N PHE A 115 -4.78 3.00 2.99
CA PHE A 115 -4.34 4.35 2.65
C PHE A 115 -4.13 4.48 1.15
N LEU A 116 -4.95 5.31 0.52
CA LEU A 116 -4.85 5.54 -0.92
C LEU A 116 -4.74 7.02 -1.24
N LEU A 117 -3.95 7.36 -2.25
CA LEU A 117 -3.76 8.75 -2.64
C LEU A 117 -3.85 8.89 -4.16
N ASP A 118 -4.95 9.46 -4.63
CA ASP A 118 -5.15 9.66 -6.07
C ASP A 118 -4.14 10.67 -6.62
N GLY A 1 -13.14 35.59 -35.20
CA GLY A 1 -12.93 34.55 -34.21
C GLY A 1 -11.61 33.83 -34.40
N SER A 2 -11.16 33.14 -33.35
CA SER A 2 -9.90 32.40 -33.41
C SER A 2 -9.84 31.35 -32.31
N SER A 3 -9.11 30.27 -32.58
CA SER A 3 -8.97 29.18 -31.61
C SER A 3 -7.80 28.28 -31.98
N GLY A 4 -7.48 27.36 -31.08
CA GLY A 4 -6.38 26.44 -31.33
C GLY A 4 -6.03 25.60 -30.10
N SER A 5 -6.30 24.30 -30.19
CA SER A 5 -6.02 23.39 -29.09
C SER A 5 -6.02 21.94 -29.56
N SER A 6 -5.62 21.04 -28.68
CA SER A 6 -5.57 19.62 -29.00
C SER A 6 -6.26 18.79 -27.94
N GLY A 7 -7.48 18.34 -28.25
CA GLY A 7 -8.24 17.53 -27.30
C GLY A 7 -8.03 17.98 -25.86
N GLU A 8 -8.73 19.05 -25.48
CA GLU A 8 -8.62 19.58 -24.13
C GLU A 8 -9.22 18.61 -23.11
N VAL A 9 -9.87 17.57 -23.62
CA VAL A 9 -10.49 16.56 -22.76
C VAL A 9 -10.25 15.16 -23.28
N LEU A 10 -9.45 14.38 -22.55
CA LEU A 10 -9.13 13.01 -22.94
C LEU A 10 -9.17 12.08 -21.74
N ALA A 11 -10.20 11.24 -21.68
CA ALA A 11 -10.35 10.29 -20.58
C ALA A 11 -10.32 8.86 -21.09
N LYS A 12 -10.12 8.70 -22.39
CA LYS A 12 -10.07 7.38 -23.01
C LYS A 12 -8.83 6.62 -22.56
N GLU A 13 -7.90 7.33 -21.94
CA GLU A 13 -6.66 6.72 -21.46
C GLU A 13 -6.65 6.62 -19.94
N GLU A 14 -6.40 5.42 -19.43
CA GLU A 14 -6.37 5.19 -17.99
C GLU A 14 -5.39 4.07 -17.64
N ALA A 15 -5.16 3.90 -16.34
CA ALA A 15 -4.25 2.85 -15.87
C ALA A 15 -4.63 2.38 -14.47
N ARG A 16 -4.30 1.13 -14.17
CA ARG A 16 -4.61 0.56 -12.85
C ARG A 16 -3.35 0.04 -12.18
N ARG A 17 -2.28 -0.11 -12.97
CA ARG A 17 -1.01 -0.61 -12.44
C ARG A 17 -1.25 -1.64 -11.34
N ALA A 18 -2.05 -2.65 -11.64
CA ALA A 18 -2.35 -3.71 -10.68
C ALA A 18 -1.91 -5.06 -11.20
N LEU A 19 -0.72 -5.11 -11.78
CA LEU A 19 -0.18 -6.36 -12.32
C LEU A 19 0.60 -7.12 -11.25
N GLU A 20 1.32 -6.39 -10.41
CA GLU A 20 2.12 -6.99 -9.35
C GLU A 20 1.79 -6.35 -8.00
N THR A 21 1.60 -5.04 -8.01
CA THR A 21 1.29 -4.31 -6.79
C THR A 21 0.00 -3.52 -6.93
N PRO A 22 -0.72 -3.35 -5.81
CA PRO A 22 -2.00 -2.61 -5.79
C PRO A 22 -1.80 -1.12 -6.01
N SER A 23 -2.86 -0.44 -6.47
CA SER A 23 -2.80 0.99 -6.72
C SER A 23 -2.38 1.74 -5.47
N CYS A 24 -3.02 1.43 -4.35
CA CYS A 24 -2.71 2.09 -3.08
C CYS A 24 -1.21 2.29 -2.92
N PHE A 25 -0.45 1.25 -3.23
CA PHE A 25 1.00 1.30 -3.13
C PHE A 25 1.54 2.58 -3.75
N LEU A 26 2.64 3.08 -3.20
CA LEU A 26 3.26 4.30 -3.71
C LEU A 26 4.77 4.31 -3.42
N LYS A 27 5.52 5.00 -4.26
CA LYS A 27 6.96 5.10 -4.09
C LYS A 27 7.34 6.31 -3.24
N VAL A 28 7.71 6.05 -1.99
CA VAL A 28 8.10 7.12 -1.07
C VAL A 28 9.08 6.61 -0.02
N SER A 29 9.71 7.54 0.69
CA SER A 29 10.68 7.20 1.71
C SER A 29 10.00 7.02 3.07
N ARG A 30 10.59 6.18 3.91
CA ARG A 30 10.05 5.92 5.24
C ARG A 30 9.59 7.22 5.90
N LEU A 31 10.36 8.28 5.70
CA LEU A 31 10.03 9.58 6.27
C LEU A 31 8.67 10.08 5.77
N GLU A 32 8.46 9.98 4.47
CA GLU A 32 7.20 10.42 3.87
C GLU A 32 6.06 9.49 4.28
N ALA A 33 6.13 8.24 3.86
CA ALA A 33 5.11 7.26 4.19
C ALA A 33 4.52 7.53 5.57
N GLN A 34 5.35 8.02 6.48
CA GLN A 34 4.92 8.32 7.83
C GLN A 34 4.03 9.56 7.87
N LEU A 35 4.64 10.72 7.59
CA LEU A 35 3.90 11.98 7.58
C LEU A 35 2.67 11.89 6.70
N LEU A 36 2.72 11.01 5.70
CA LEU A 36 1.60 10.83 4.79
C LEU A 36 0.33 10.43 5.54
N LEU A 37 0.52 9.80 6.70
CA LEU A 37 -0.61 9.37 7.52
C LEU A 37 -1.29 10.56 8.18
N GLU A 38 -0.53 11.30 8.99
CA GLU A 38 -1.07 12.47 9.68
C GLU A 38 -1.52 13.53 8.68
N ARG A 39 -0.76 13.68 7.60
CA ARG A 39 -1.08 14.66 6.57
C ARG A 39 -2.45 14.39 5.97
N TYR A 40 -2.65 13.16 5.49
CA TYR A 40 -3.91 12.77 4.89
C TYR A 40 -4.58 11.66 5.69
N PRO A 41 -5.26 12.04 6.78
CA PRO A 41 -5.95 11.09 7.65
C PRO A 41 -7.18 10.47 6.99
N GLU A 42 -7.87 11.28 6.19
CA GLU A 42 -9.07 10.81 5.49
C GLU A 42 -8.72 9.78 4.43
N CYS A 43 -7.80 10.15 3.54
CA CYS A 43 -7.36 9.26 2.47
C CYS A 43 -7.25 7.82 2.97
N GLY A 44 -6.61 7.66 4.13
CA GLY A 44 -6.44 6.33 4.71
C GLY A 44 -5.24 6.26 5.63
N ASN A 45 -4.96 5.05 6.13
CA ASN A 45 -3.84 4.85 7.04
C ASN A 45 -3.00 3.64 6.60
N LEU A 46 -3.68 2.65 6.03
CA LEU A 46 -3.01 1.43 5.58
C LEU A 46 -2.31 1.67 4.24
N LEU A 47 -1.05 2.07 4.30
CA LEU A 47 -0.27 2.33 3.09
C LEU A 47 0.85 1.31 2.94
N LEU A 48 1.32 1.14 1.71
CA LEU A 48 2.40 0.19 1.42
C LEU A 48 3.57 0.89 0.73
N ARG A 49 4.71 0.91 1.41
CA ARG A 49 5.91 1.54 0.85
C ARG A 49 7.09 0.57 0.86
N PRO A 50 7.89 0.61 -0.22
CA PRO A 50 9.06 -0.26 -0.35
C PRO A 50 10.18 0.11 0.62
N SER A 51 10.73 -0.90 1.29
CA SER A 51 11.81 -0.67 2.24
C SER A 51 13.08 -0.21 1.54
N GLY A 52 13.49 1.01 1.82
CA GLY A 52 14.68 1.56 1.20
C GLY A 52 14.50 1.86 -0.27
N ASP A 53 15.60 1.93 -1.00
CA ASP A 53 15.55 2.20 -2.44
C ASP A 53 15.96 0.98 -3.24
N GLY A 54 15.01 0.07 -3.43
CA GLY A 54 15.29 -1.14 -4.19
C GLY A 54 15.62 -2.31 -3.30
N ALA A 55 14.58 -3.04 -2.88
CA ALA A 55 14.79 -4.20 -2.01
C ALA A 55 13.80 -5.31 -2.35
N ASP A 56 14.14 -6.53 -1.96
CA ASP A 56 13.28 -7.69 -2.23
C ASP A 56 12.11 -7.74 -1.26
N GLY A 57 11.02 -7.04 -1.59
CA GLY A 57 9.86 -7.02 -0.74
C GLY A 57 9.40 -5.61 -0.43
N VAL A 58 8.27 -5.50 0.27
CA VAL A 58 7.72 -4.20 0.64
C VAL A 58 7.25 -4.19 2.08
N SER A 59 7.15 -2.99 2.66
CA SER A 59 6.72 -2.84 4.04
C SER A 59 5.35 -2.18 4.11
N VAL A 60 4.64 -2.40 5.21
CA VAL A 60 3.32 -1.83 5.40
C VAL A 60 3.30 -0.86 6.59
N THR A 61 2.93 0.39 6.32
CA THR A 61 2.86 1.41 7.36
C THR A 61 1.43 1.65 7.80
N THR A 62 1.08 1.17 8.99
CA THR A 62 -0.25 1.34 9.53
C THR A 62 -0.22 2.06 10.87
N ARG A 63 -1.17 2.96 11.08
CA ARG A 63 -1.24 3.72 12.32
C ARG A 63 -2.67 3.72 12.88
N GLN A 64 -2.96 2.75 13.74
CA GLN A 64 -4.28 2.64 14.35
C GLN A 64 -4.35 3.42 15.65
N MET A 65 -5.57 3.84 16.02
CA MET A 65 -5.77 4.59 17.25
C MET A 65 -5.81 3.67 18.46
N HIS A 66 -4.89 3.91 19.40
CA HIS A 66 -4.82 3.10 20.61
C HIS A 66 -4.34 3.92 21.80
N ASN A 67 -4.89 3.65 22.98
CA ASN A 67 -4.52 4.37 24.19
C ASN A 67 -4.46 5.87 23.92
N GLY A 68 -5.42 6.37 23.16
CA GLY A 68 -5.45 7.79 22.85
C GLY A 68 -4.09 8.33 22.48
N THR A 69 -3.30 7.54 21.76
CA THR A 69 -1.97 7.96 21.34
C THR A 69 -1.68 7.53 19.92
N HIS A 70 -0.75 8.23 19.27
CA HIS A 70 -0.37 7.93 17.90
C HIS A 70 0.80 6.95 17.86
N VAL A 71 0.52 5.71 17.50
CA VAL A 71 1.56 4.68 17.43
C VAL A 71 1.80 4.25 15.99
N VAL A 72 3.07 4.17 15.61
CA VAL A 72 3.45 3.77 14.26
C VAL A 72 4.11 2.39 14.25
N ARG A 73 3.50 1.45 13.55
CA ARG A 73 4.04 0.10 13.46
C ARG A 73 4.55 -0.20 12.06
N HIS A 74 5.42 -1.19 11.96
CA HIS A 74 5.99 -1.58 10.67
C HIS A 74 5.87 -3.09 10.45
N TYR A 75 5.56 -3.48 9.22
CA TYR A 75 5.41 -4.88 8.87
C TYR A 75 6.22 -5.23 7.63
N LYS A 76 7.17 -6.13 7.79
CA LYS A 76 8.03 -6.55 6.68
C LYS A 76 7.45 -7.79 6.00
N VAL A 77 7.67 -7.90 4.69
CA VAL A 77 7.19 -9.04 3.92
C VAL A 77 8.32 -9.76 3.20
N LYS A 78 8.46 -11.05 3.48
CA LYS A 78 9.52 -11.84 2.86
C LYS A 78 9.13 -12.23 1.42
N ARG A 79 10.14 -12.39 0.58
CA ARG A 79 9.91 -12.75 -0.82
C ARG A 79 10.42 -14.16 -1.10
N GLU A 80 9.49 -15.12 -1.21
CA GLU A 80 9.85 -16.51 -1.47
C GLU A 80 8.81 -17.17 -2.38
N GLY A 81 9.24 -17.54 -3.58
CA GLY A 81 8.34 -18.18 -4.52
C GLY A 81 7.32 -17.21 -5.10
N PRO A 82 6.27 -17.76 -5.73
CA PRO A 82 5.20 -16.95 -6.34
C PRO A 82 4.34 -16.25 -5.29
N LYS A 83 4.68 -16.43 -4.03
CA LYS A 83 3.94 -15.82 -2.94
C LYS A 83 4.88 -15.07 -1.99
N TYR A 84 4.30 -14.26 -1.11
CA TYR A 84 5.09 -13.48 -0.16
C TYR A 84 4.60 -13.72 1.27
N VAL A 85 5.38 -14.45 2.05
CA VAL A 85 5.02 -14.75 3.43
C VAL A 85 5.33 -13.56 4.34
N ILE A 86 4.28 -12.98 4.92
CA ILE A 86 4.45 -11.84 5.81
C ILE A 86 5.37 -12.18 6.97
N ASP A 87 6.03 -11.15 7.52
CA ASP A 87 6.93 -11.34 8.64
C ASP A 87 6.20 -11.27 9.96
N VAL A 88 5.29 -12.22 10.19
CA VAL A 88 4.52 -12.27 11.42
C VAL A 88 4.61 -13.65 12.08
N GLU A 89 3.97 -13.79 13.23
CA GLU A 89 3.98 -15.05 13.96
C GLU A 89 4.01 -16.24 13.00
N GLN A 90 3.13 -16.20 12.00
CA GLN A 90 3.06 -17.26 11.01
C GLN A 90 3.23 -16.71 9.59
N PRO A 91 3.97 -17.46 8.76
CA PRO A 91 4.23 -17.07 7.37
C PRO A 91 2.98 -17.15 6.50
N PHE A 92 2.26 -16.04 6.40
CA PHE A 92 1.03 -16.00 5.60
C PHE A 92 1.36 -15.94 4.11
N SER A 93 1.22 -17.08 3.45
CA SER A 93 1.50 -17.18 2.01
C SER A 93 0.44 -16.44 1.21
N CYS A 94 0.86 -15.39 0.51
CA CYS A 94 -0.05 -14.60 -0.31
C CYS A 94 0.30 -14.73 -1.79
N THR A 95 -0.71 -15.01 -2.61
CA THR A 95 -0.52 -15.16 -4.04
C THR A 95 0.07 -13.90 -4.66
N SER A 96 -0.35 -12.74 -4.15
CA SER A 96 0.14 -11.46 -4.65
C SER A 96 0.08 -10.40 -3.55
N LEU A 97 0.51 -9.18 -3.89
CA LEU A 97 0.51 -8.08 -2.94
C LEU A 97 -0.92 -7.70 -2.55
N ASP A 98 -1.79 -7.62 -3.55
CA ASP A 98 -3.19 -7.26 -3.31
C ASP A 98 -3.74 -8.03 -2.11
N ALA A 99 -3.53 -9.34 -2.10
CA ALA A 99 -4.00 -10.18 -1.02
C ALA A 99 -3.51 -9.67 0.34
N VAL A 100 -2.27 -9.19 0.37
CA VAL A 100 -1.69 -8.66 1.60
C VAL A 100 -2.59 -7.61 2.22
N VAL A 101 -3.09 -6.70 1.40
CA VAL A 101 -3.97 -5.62 1.87
C VAL A 101 -5.20 -6.20 2.56
N ASN A 102 -5.67 -7.34 2.09
CA ASN A 102 -6.83 -7.99 2.67
C ASN A 102 -6.45 -8.80 3.90
N TYR A 103 -5.18 -9.19 3.98
CA TYR A 103 -4.69 -9.97 5.11
C TYR A 103 -5.00 -9.28 6.43
N PHE A 104 -4.64 -8.00 6.52
CA PHE A 104 -4.87 -7.23 7.73
C PHE A 104 -6.35 -6.87 7.87
N VAL A 105 -6.99 -6.57 6.74
CA VAL A 105 -8.40 -6.22 6.73
C VAL A 105 -9.20 -7.13 7.66
N SER A 106 -9.05 -8.44 7.46
CA SER A 106 -9.76 -9.42 8.28
C SER A 106 -9.43 -9.24 9.76
N HIS A 107 -8.18 -9.52 10.12
CA HIS A 107 -7.74 -9.38 11.51
C HIS A 107 -8.30 -8.12 12.14
N THR A 108 -7.83 -6.97 11.67
CA THR A 108 -8.29 -5.68 12.20
C THR A 108 -9.78 -5.73 12.53
N LYS A 109 -10.20 -4.86 13.44
CA LYS A 109 -11.60 -4.80 13.85
C LYS A 109 -12.52 -5.14 12.67
N LYS A 110 -12.67 -4.20 11.75
CA LYS A 110 -13.52 -4.39 10.58
C LYS A 110 -12.70 -4.35 9.30
N ALA A 111 -11.93 -3.28 9.13
CA ALA A 111 -11.10 -3.10 7.95
C ALA A 111 -10.24 -1.86 8.05
N LEU A 112 -9.16 -1.82 7.27
CA LEU A 112 -8.25 -0.68 7.28
C LEU A 112 -8.24 0.02 5.93
N VAL A 113 -8.70 1.28 5.90
CA VAL A 113 -8.75 2.05 4.67
C VAL A 113 -7.36 2.17 4.05
N PRO A 114 -7.22 1.65 2.83
CA PRO A 114 -5.94 1.69 2.09
C PRO A 114 -5.57 3.10 1.65
N PHE A 115 -4.33 3.50 1.95
CA PHE A 115 -3.86 4.82 1.59
C PHE A 115 -3.46 4.87 0.11
N LEU A 116 -3.77 5.99 -0.55
CA LEU A 116 -3.46 6.15 -1.97
C LEU A 116 -3.16 7.62 -2.28
N LEU A 117 -2.07 7.86 -2.98
CA LEU A 117 -1.67 9.21 -3.35
C LEU A 117 -1.52 9.34 -4.87
N ASP A 118 -2.42 10.11 -5.48
CA ASP A 118 -2.38 10.32 -6.92
C ASP A 118 -1.18 11.18 -7.32
N GLY A 1 15.43 14.80 -33.78
CA GLY A 1 14.85 16.13 -33.88
C GLY A 1 13.51 16.12 -34.60
N SER A 2 12.44 15.90 -33.85
CA SER A 2 11.09 15.86 -34.43
C SER A 2 10.04 15.82 -33.33
N SER A 3 8.98 16.62 -33.50
CA SER A 3 7.90 16.67 -32.52
C SER A 3 6.72 17.46 -33.07
N GLY A 4 5.58 17.35 -32.40
CA GLY A 4 4.38 18.05 -32.83
C GLY A 4 3.22 17.12 -33.08
N SER A 5 2.95 16.24 -32.12
CA SER A 5 1.86 15.28 -32.24
C SER A 5 1.66 14.51 -30.94
N SER A 6 0.52 14.72 -30.30
CA SER A 6 0.21 14.04 -29.05
C SER A 6 0.73 12.60 -29.06
N GLY A 7 0.50 11.91 -30.17
CA GLY A 7 0.94 10.54 -30.29
C GLY A 7 -0.11 9.64 -30.92
N GLU A 8 -0.16 9.64 -32.25
CA GLU A 8 -1.13 8.82 -32.97
C GLU A 8 -0.49 7.52 -33.46
N VAL A 9 0.81 7.39 -33.23
CA VAL A 9 1.54 6.19 -33.63
C VAL A 9 1.59 5.17 -32.51
N LEU A 10 1.60 5.65 -31.27
CA LEU A 10 1.63 4.78 -30.11
C LEU A 10 0.33 3.99 -29.96
N ALA A 11 0.40 2.70 -30.26
CA ALA A 11 -0.77 1.83 -30.17
C ALA A 11 -1.64 2.21 -28.97
N LYS A 12 -1.16 1.90 -27.78
CA LYS A 12 -1.89 2.20 -26.55
C LYS A 12 -0.97 2.12 -25.33
N GLU A 13 -0.59 3.28 -24.80
CA GLU A 13 0.29 3.33 -23.64
C GLU A 13 -0.41 2.77 -22.41
N GLU A 14 0.35 2.55 -21.34
CA GLU A 14 -0.20 2.02 -20.10
C GLU A 14 0.12 2.94 -18.92
N ALA A 15 -0.73 2.90 -17.89
CA ALA A 15 -0.54 3.73 -16.71
C ALA A 15 -1.26 3.13 -15.52
N ARG A 16 -0.93 3.63 -14.32
CA ARG A 16 -1.54 3.14 -13.09
C ARG A 16 -1.39 1.64 -12.96
N ARG A 17 -0.36 1.09 -13.62
CA ARG A 17 -0.10 -0.34 -13.58
C ARG A 17 0.02 -0.83 -12.14
N ALA A 18 -1.07 -1.35 -11.59
CA ALA A 18 -1.08 -1.86 -10.23
C ALA A 18 -1.29 -3.38 -10.21
N LEU A 19 -0.58 -4.08 -11.08
CA LEU A 19 -0.69 -5.53 -11.16
C LEU A 19 0.03 -6.19 -9.99
N GLU A 20 1.34 -5.97 -9.90
CA GLU A 20 2.13 -6.54 -8.83
C GLU A 20 1.63 -6.07 -7.46
N THR A 21 1.29 -4.80 -7.37
CA THR A 21 0.80 -4.21 -6.13
C THR A 21 -0.58 -3.60 -6.32
N PRO A 22 -1.38 -3.59 -5.24
CA PRO A 22 -2.74 -3.02 -5.27
C PRO A 22 -2.72 -1.50 -5.39
N SER A 23 -3.73 -0.95 -6.07
CA SER A 23 -3.83 0.49 -6.26
C SER A 23 -3.50 1.23 -4.97
N CYS A 24 -4.12 0.79 -3.88
CA CYS A 24 -3.89 1.42 -2.58
C CYS A 24 -2.43 1.83 -2.42
N PHE A 25 -1.52 0.94 -2.79
CA PHE A 25 -0.09 1.20 -2.70
C PHE A 25 0.25 2.55 -3.32
N LEU A 26 1.35 3.15 -2.87
CA LEU A 26 1.79 4.44 -3.39
C LEU A 26 3.30 4.59 -3.25
N LYS A 27 3.89 5.40 -4.13
CA LYS A 27 5.33 5.62 -4.10
C LYS A 27 5.66 6.89 -3.32
N VAL A 28 6.18 6.71 -2.10
CA VAL A 28 6.55 7.83 -1.25
C VAL A 28 7.74 7.48 -0.36
N SER A 29 8.21 8.46 0.39
CA SER A 29 9.35 8.25 1.28
C SER A 29 8.90 7.63 2.61
N ARG A 30 9.84 7.04 3.33
CA ARG A 30 9.53 6.40 4.61
C ARG A 30 8.88 7.40 5.57
N LEU A 31 9.41 8.62 5.58
CA LEU A 31 8.88 9.67 6.46
C LEU A 31 7.55 10.20 5.93
N GLU A 32 7.50 10.45 4.62
CA GLU A 32 6.28 10.95 3.99
C GLU A 32 5.10 10.06 4.31
N ALA A 33 5.18 8.80 3.91
CA ALA A 33 4.11 7.83 4.16
C ALA A 33 3.54 8.00 5.56
N GLN A 34 4.39 8.42 6.49
CA GLN A 34 3.97 8.63 7.87
C GLN A 34 3.09 9.87 8.01
N LEU A 35 3.53 10.96 7.39
CA LEU A 35 2.78 12.22 7.44
C LEU A 35 1.49 12.11 6.63
N LEU A 36 1.53 11.33 5.55
CA LEU A 36 0.36 11.15 4.69
C LEU A 36 -0.84 10.69 5.51
N LEU A 37 -0.58 10.21 6.72
CA LEU A 37 -1.65 9.74 7.60
C LEU A 37 -2.31 10.90 8.32
N GLU A 38 -1.51 11.68 9.04
CA GLU A 38 -2.02 12.83 9.78
C GLU A 38 -2.68 13.84 8.83
N ARG A 39 -2.16 13.92 7.61
CA ARG A 39 -2.70 14.83 6.61
C ARG A 39 -4.03 14.33 6.07
N TYR A 40 -4.07 13.08 5.63
CA TYR A 40 -5.28 12.49 5.09
C TYR A 40 -5.70 11.27 5.91
N PRO A 41 -6.19 11.52 7.14
CA PRO A 41 -6.64 10.47 8.04
C PRO A 41 -7.93 9.78 7.55
N GLU A 42 -8.89 10.60 7.12
CA GLU A 42 -10.16 10.08 6.63
C GLU A 42 -9.95 9.17 5.43
N CYS A 43 -8.86 9.40 4.70
CA CYS A 43 -8.55 8.59 3.52
C CYS A 43 -8.25 7.15 3.91
N GLY A 44 -7.47 6.98 4.99
CA GLY A 44 -7.13 5.66 5.45
C GLY A 44 -5.91 5.65 6.36
N ASN A 45 -5.68 4.53 7.03
CA ASN A 45 -4.55 4.41 7.94
C ASN A 45 -3.60 3.29 7.48
N LEU A 46 -4.16 2.31 6.79
CA LEU A 46 -3.36 1.19 6.29
C LEU A 46 -2.82 1.48 4.89
N LEU A 47 -1.57 1.93 4.83
CA LEU A 47 -0.93 2.24 3.55
C LEU A 47 0.26 1.34 3.31
N LEU A 48 0.63 1.18 2.04
CA LEU A 48 1.77 0.34 1.67
C LEU A 48 2.83 1.16 0.93
N ARG A 49 4.02 1.23 1.51
CA ARG A 49 5.13 1.97 0.92
C ARG A 49 6.27 1.03 0.54
N PRO A 50 7.00 1.39 -0.54
CA PRO A 50 8.13 0.59 -1.02
C PRO A 50 9.33 0.66 -0.08
N SER A 51 10.11 -0.42 -0.07
CA SER A 51 11.29 -0.49 0.80
C SER A 51 12.56 -0.25 0.00
N GLY A 52 13.17 0.92 0.21
CA GLY A 52 14.39 1.26 -0.51
C GLY A 52 14.19 1.31 -2.01
N ASP A 53 15.14 0.75 -2.75
CA ASP A 53 15.08 0.74 -4.20
C ASP A 53 15.19 -0.68 -4.73
N GLY A 54 16.26 -1.37 -4.35
CA GLY A 54 16.48 -2.73 -4.79
C GLY A 54 16.25 -3.75 -3.70
N ALA A 55 14.99 -4.02 -3.40
CA ALA A 55 14.64 -4.98 -2.35
C ALA A 55 13.49 -5.88 -2.79
N ASP A 56 13.30 -6.98 -2.09
CA ASP A 56 12.23 -7.92 -2.40
C ASP A 56 11.10 -7.83 -1.38
N GLY A 57 10.15 -6.93 -1.65
CA GLY A 57 9.02 -6.75 -0.74
C GLY A 57 8.89 -5.32 -0.27
N VAL A 58 7.65 -4.88 -0.04
CA VAL A 58 7.39 -3.53 0.43
C VAL A 58 7.07 -3.51 1.92
N SER A 59 7.01 -2.31 2.49
CA SER A 59 6.72 -2.16 3.91
C SER A 59 5.36 -1.50 4.12
N VAL A 60 4.61 -1.99 5.10
CA VAL A 60 3.29 -1.45 5.40
C VAL A 60 3.35 -0.49 6.58
N THR A 61 2.79 0.71 6.41
CA THR A 61 2.78 1.71 7.46
C THR A 61 1.37 1.93 8.00
N THR A 62 1.12 1.41 9.20
CA THR A 62 -0.20 1.54 9.82
C THR A 62 -0.09 2.29 11.15
N ARG A 63 -1.04 3.18 11.39
CA ARG A 63 -1.06 3.97 12.62
C ARG A 63 -2.38 3.78 13.36
N GLN A 64 -2.39 2.86 14.32
CA GLN A 64 -3.59 2.58 15.11
C GLN A 64 -3.55 3.32 16.44
N MET A 65 -4.70 3.84 16.86
CA MET A 65 -4.79 4.56 18.12
C MET A 65 -4.72 3.61 19.31
N HIS A 66 -3.54 3.49 19.89
CA HIS A 66 -3.33 2.62 21.05
C HIS A 66 -2.83 3.40 22.25
N ASN A 67 -3.29 3.02 23.43
CA ASN A 67 -2.88 3.70 24.66
C ASN A 67 -2.94 5.21 24.50
N GLY A 68 -3.82 5.67 23.63
CA GLY A 68 -3.95 7.10 23.39
C GLY A 68 -2.63 7.74 23.00
N THR A 69 -1.83 7.02 22.23
CA THR A 69 -0.53 7.52 21.79
C THR A 69 -0.26 7.16 20.33
N HIS A 70 0.23 8.12 19.56
CA HIS A 70 0.54 7.90 18.16
C HIS A 70 1.63 6.84 18.00
N VAL A 71 1.30 5.75 17.32
CA VAL A 71 2.25 4.66 17.10
C VAL A 71 2.20 4.17 15.66
N VAL A 72 3.37 4.05 15.04
CA VAL A 72 3.45 3.59 13.66
C VAL A 72 4.19 2.25 13.57
N ARG A 73 3.47 1.22 13.15
CA ARG A 73 4.05 -0.12 13.02
C ARG A 73 4.42 -0.41 11.57
N HIS A 74 5.62 -0.97 11.37
CA HIS A 74 6.08 -1.29 10.03
C HIS A 74 6.16 -2.81 9.84
N TYR A 75 5.57 -3.29 8.75
CA TYR A 75 5.57 -4.72 8.46
C TYR A 75 6.35 -5.01 7.18
N LYS A 76 7.31 -5.92 7.28
CA LYS A 76 8.13 -6.30 6.13
C LYS A 76 7.55 -7.51 5.41
N VAL A 77 7.44 -7.41 4.09
CA VAL A 77 6.89 -8.49 3.28
C VAL A 77 8.00 -9.36 2.71
N LYS A 78 8.03 -10.63 3.13
CA LYS A 78 9.04 -11.56 2.66
C LYS A 78 8.91 -11.80 1.17
N ARG A 79 9.79 -12.64 0.62
CA ARG A 79 9.77 -12.95 -0.80
C ARG A 79 10.09 -14.41 -1.05
N GLU A 80 9.08 -15.19 -1.42
CA GLU A 80 9.25 -16.61 -1.67
C GLU A 80 8.35 -17.07 -2.82
N GLY A 81 8.97 -17.47 -3.93
CA GLY A 81 8.21 -17.92 -5.07
C GLY A 81 7.23 -16.88 -5.57
N PRO A 82 6.21 -17.33 -6.33
CA PRO A 82 5.19 -16.45 -6.88
C PRO A 82 4.26 -15.90 -5.80
N LYS A 83 4.53 -16.25 -4.55
CA LYS A 83 3.73 -15.79 -3.43
C LYS A 83 4.59 -15.04 -2.41
N TYR A 84 3.93 -14.39 -1.46
CA TYR A 84 4.63 -13.64 -0.43
C TYR A 84 4.32 -14.19 0.96
N VAL A 85 5.01 -13.66 1.97
CA VAL A 85 4.79 -14.09 3.35
C VAL A 85 4.88 -12.92 4.31
N ILE A 86 3.89 -12.81 5.20
CA ILE A 86 3.86 -11.73 6.18
C ILE A 86 4.85 -11.98 7.31
N ASP A 87 5.29 -10.91 7.96
CA ASP A 87 6.24 -11.02 9.06
C ASP A 87 5.51 -11.18 10.39
N VAL A 88 4.48 -12.03 10.40
CA VAL A 88 3.70 -12.28 11.61
C VAL A 88 3.93 -13.68 12.13
N GLU A 89 3.26 -14.02 13.24
CA GLU A 89 3.40 -15.33 13.85
C GLU A 89 3.44 -16.42 12.77
N GLN A 90 2.34 -16.58 12.04
CA GLN A 90 2.25 -17.58 10.99
C GLN A 90 2.55 -16.96 9.62
N PRO A 91 3.40 -17.64 8.84
CA PRO A 91 3.77 -17.18 7.50
C PRO A 91 2.62 -17.28 6.51
N PHE A 92 1.74 -16.29 6.54
CA PHE A 92 0.58 -16.27 5.64
C PHE A 92 1.03 -16.12 4.19
N SER A 93 0.61 -17.05 3.35
CA SER A 93 0.97 -17.02 1.93
C SER A 93 -0.14 -16.40 1.10
N CYS A 94 0.24 -15.69 0.04
CA CYS A 94 -0.73 -15.04 -0.83
C CYS A 94 -0.24 -15.04 -2.29
N THR A 95 -1.16 -14.85 -3.22
CA THR A 95 -0.84 -14.84 -4.63
C THR A 95 -0.27 -13.48 -5.05
N SER A 96 -0.87 -12.42 -4.52
CA SER A 96 -0.44 -11.06 -4.85
C SER A 96 -0.63 -10.13 -3.65
N LEU A 97 0.16 -9.06 -3.61
CA LEU A 97 0.09 -8.10 -2.52
C LEU A 97 -1.37 -7.77 -2.18
N ASP A 98 -2.20 -7.69 -3.21
CA ASP A 98 -3.63 -7.39 -3.02
C ASP A 98 -4.18 -8.17 -1.83
N ALA A 99 -4.11 -9.49 -1.90
CA ALA A 99 -4.60 -10.34 -0.83
C ALA A 99 -4.10 -9.87 0.53
N VAL A 100 -2.80 -9.63 0.63
CA VAL A 100 -2.20 -9.18 1.88
C VAL A 100 -3.02 -8.04 2.49
N VAL A 101 -3.26 -7.00 1.70
CA VAL A 101 -4.03 -5.86 2.17
C VAL A 101 -5.26 -6.30 2.93
N ASN A 102 -5.98 -7.28 2.38
CA ASN A 102 -7.19 -7.79 3.01
C ASN A 102 -6.86 -8.55 4.29
N TYR A 103 -5.88 -9.46 4.20
CA TYR A 103 -5.48 -10.25 5.34
C TYR A 103 -5.47 -9.41 6.62
N PHE A 104 -4.84 -8.25 6.56
CA PHE A 104 -4.76 -7.35 7.70
C PHE A 104 -6.15 -6.85 8.10
N VAL A 105 -6.94 -6.47 7.10
CA VAL A 105 -8.30 -5.99 7.33
C VAL A 105 -9.06 -6.92 8.26
N SER A 106 -8.80 -8.22 8.13
CA SER A 106 -9.47 -9.22 8.96
C SER A 106 -8.72 -9.42 10.28
N HIS A 107 -7.44 -9.77 10.18
CA HIS A 107 -6.62 -10.00 11.36
C HIS A 107 -6.86 -8.92 12.41
N THR A 108 -6.73 -7.66 11.99
CA THR A 108 -6.93 -6.54 12.90
C THR A 108 -8.21 -6.70 13.71
N LYS A 109 -8.13 -6.41 15.00
CA LYS A 109 -9.28 -6.52 15.89
C LYS A 109 -10.51 -5.86 15.27
N LYS A 110 -10.31 -4.67 14.69
CA LYS A 110 -11.40 -3.93 14.06
C LYS A 110 -11.08 -3.63 12.61
N ALA A 111 -11.96 -4.06 11.71
CA ALA A 111 -11.77 -3.84 10.28
C ALA A 111 -11.11 -2.49 10.03
N LEU A 112 -9.88 -2.53 9.52
CA LEU A 112 -9.14 -1.31 9.23
C LEU A 112 -9.38 -0.85 7.79
N VAL A 113 -9.15 0.44 7.54
CA VAL A 113 -9.35 1.00 6.21
C VAL A 113 -8.01 1.28 5.53
N PRO A 114 -7.89 0.86 4.27
CA PRO A 114 -6.67 1.05 3.48
C PRO A 114 -6.44 2.51 3.12
N PHE A 115 -5.22 2.83 2.68
CA PHE A 115 -4.88 4.19 2.30
C PHE A 115 -4.67 4.30 0.80
N LEU A 116 -5.25 5.34 0.19
CA LEU A 116 -5.12 5.55 -1.25
C LEU A 116 -5.16 7.05 -1.57
N LEU A 117 -4.25 7.47 -2.44
CA LEU A 117 -4.18 8.88 -2.84
C LEU A 117 -4.26 9.02 -4.35
N ASP A 118 -5.39 9.53 -4.82
CA ASP A 118 -5.61 9.73 -6.25
C ASP A 118 -5.14 11.11 -6.69
N GLY A 1 -15.13 29.46 -31.70
CA GLY A 1 -15.26 28.16 -31.07
C GLY A 1 -14.02 27.32 -31.23
N SER A 2 -13.98 26.17 -30.55
CA SER A 2 -12.84 25.27 -30.62
C SER A 2 -13.22 23.95 -31.28
N SER A 3 -12.23 23.24 -31.78
CA SER A 3 -12.47 21.96 -32.45
C SER A 3 -12.28 20.80 -31.46
N GLY A 4 -11.09 20.71 -30.89
CA GLY A 4 -10.81 19.64 -29.94
C GLY A 4 -9.42 19.05 -30.13
N SER A 5 -8.80 18.66 -29.03
CA SER A 5 -7.46 18.08 -29.07
C SER A 5 -7.51 16.57 -28.84
N SER A 6 -6.49 15.87 -29.33
CA SER A 6 -6.42 14.42 -29.18
C SER A 6 -5.79 14.04 -27.85
N GLY A 7 -6.62 13.92 -26.81
CA GLY A 7 -6.12 13.56 -25.50
C GLY A 7 -5.29 14.67 -24.87
N GLU A 8 -5.96 15.72 -24.40
CA GLU A 8 -5.27 16.84 -23.77
C GLU A 8 -4.45 16.37 -22.57
N VAL A 9 -4.67 15.13 -22.15
CA VAL A 9 -3.95 14.58 -21.02
C VAL A 9 -3.56 13.12 -21.28
N LEU A 10 -2.25 12.86 -21.38
CA LEU A 10 -1.75 11.52 -21.62
C LEU A 10 -0.60 11.19 -20.68
N ALA A 11 -0.83 11.41 -19.38
CA ALA A 11 0.19 11.13 -18.37
C ALA A 11 -0.26 10.00 -17.45
N LYS A 12 -1.41 9.40 -17.75
CA LYS A 12 -1.94 8.31 -16.95
C LYS A 12 -2.28 7.10 -17.83
N GLU A 13 -1.69 7.06 -19.01
CA GLU A 13 -1.92 5.96 -19.94
C GLU A 13 -1.06 4.76 -19.59
N GLU A 14 -1.37 3.61 -20.18
CA GLU A 14 -0.63 2.38 -19.93
C GLU A 14 -0.52 2.11 -18.44
N ALA A 15 -1.48 2.63 -17.68
CA ALA A 15 -1.50 2.43 -16.24
C ALA A 15 -2.64 1.51 -15.82
N ARG A 16 -3.09 0.67 -16.75
CA ARG A 16 -4.17 -0.26 -16.49
C ARG A 16 -3.65 -1.51 -15.78
N ARG A 17 -2.33 -1.65 -15.74
CA ARG A 17 -1.71 -2.80 -15.10
C ARG A 17 -1.71 -2.64 -13.57
N ALA A 18 -2.62 -3.34 -12.91
CA ALA A 18 -2.73 -3.28 -11.46
C ALA A 18 -2.68 -4.67 -10.84
N LEU A 19 -1.77 -5.50 -11.33
CA LEU A 19 -1.62 -6.85 -10.82
C LEU A 19 -0.45 -6.96 -9.85
N GLU A 20 0.64 -6.26 -10.17
CA GLU A 20 1.83 -6.27 -9.33
C GLU A 20 1.51 -5.71 -7.95
N THR A 21 0.84 -4.56 -7.91
CA THR A 21 0.48 -3.91 -6.66
C THR A 21 -0.88 -3.24 -6.76
N PRO A 22 -1.57 -3.13 -5.61
CA PRO A 22 -2.89 -2.51 -5.55
C PRO A 22 -2.85 -1.01 -5.78
N SER A 23 -3.96 -0.46 -6.24
CA SER A 23 -4.05 0.98 -6.52
C SER A 23 -3.65 1.79 -5.28
N CYS A 24 -4.32 1.51 -4.16
CA CYS A 24 -4.02 2.21 -2.91
C CYS A 24 -2.53 2.45 -2.74
N PHE A 25 -1.74 1.43 -3.08
CA PHE A 25 -0.28 1.52 -2.97
C PHE A 25 0.22 2.84 -3.54
N LEU A 26 1.35 3.31 -3.02
CA LEU A 26 1.94 4.56 -3.47
C LEU A 26 3.46 4.54 -3.29
N LYS A 27 4.16 5.34 -4.08
CA LYS A 27 5.61 5.43 -4.01
C LYS A 27 6.04 6.65 -3.21
N VAL A 28 6.49 6.42 -1.98
CA VAL A 28 6.93 7.50 -1.10
C VAL A 28 8.05 7.04 -0.17
N SER A 29 8.62 7.98 0.57
CA SER A 29 9.69 7.66 1.50
C SER A 29 9.14 7.21 2.85
N ARG A 30 9.87 6.32 3.52
CA ARG A 30 9.46 5.81 4.81
C ARG A 30 8.94 6.93 5.71
N LEU A 31 9.68 8.03 5.76
CA LEU A 31 9.29 9.18 6.57
C LEU A 31 8.09 9.90 5.97
N GLU A 32 8.08 10.00 4.64
CA GLU A 32 6.98 10.67 3.94
C GLU A 32 5.66 9.96 4.21
N ALA A 33 5.57 8.69 3.84
CA ALA A 33 4.37 7.91 4.05
C ALA A 33 3.66 8.31 5.34
N GLN A 34 4.45 8.62 6.36
CA GLN A 34 3.90 9.02 7.66
C GLN A 34 3.21 10.37 7.56
N LEU A 35 3.87 11.33 6.90
CA LEU A 35 3.31 12.66 6.73
C LEU A 35 1.97 12.61 6.02
N LEU A 36 1.82 11.62 5.14
CA LEU A 36 0.56 11.46 4.39
C LEU A 36 -0.54 10.94 5.29
N LEU A 37 -0.18 10.13 6.27
CA LEU A 37 -1.15 9.57 7.21
C LEU A 37 -1.94 10.68 7.90
N GLU A 38 -1.24 11.74 8.29
CA GLU A 38 -1.89 12.86 8.96
C GLU A 38 -2.40 13.88 7.95
N ARG A 39 -1.55 14.22 6.98
CA ARG A 39 -1.91 15.19 5.96
C ARG A 39 -3.25 14.82 5.31
N TYR A 40 -3.36 13.56 4.91
CA TYR A 40 -4.59 13.07 4.27
C TYR A 40 -5.34 12.12 5.19
N PRO A 41 -6.10 12.69 6.14
CA PRO A 41 -6.89 11.91 7.09
C PRO A 41 -8.07 11.19 6.44
N GLU A 42 -8.45 11.67 5.25
CA GLU A 42 -9.57 11.08 4.53
C GLU A 42 -9.11 9.86 3.73
N CYS A 43 -7.99 10.01 3.03
CA CYS A 43 -7.44 8.93 2.22
C CYS A 43 -7.47 7.60 2.98
N GLY A 44 -6.85 7.60 4.16
CA GLY A 44 -6.82 6.40 4.97
C GLY A 44 -5.55 6.30 5.81
N ASN A 45 -5.36 5.16 6.45
CA ASN A 45 -4.18 4.94 7.29
C ASN A 45 -3.33 3.78 6.76
N LEU A 46 -4.01 2.71 6.35
CA LEU A 46 -3.33 1.54 5.82
C LEU A 46 -2.75 1.81 4.44
N LEU A 47 -1.51 2.27 4.39
CA LEU A 47 -0.85 2.58 3.12
C LEU A 47 0.38 1.69 2.93
N LEU A 48 0.55 1.20 1.71
CA LEU A 48 1.70 0.34 1.39
C LEU A 48 2.82 1.15 0.74
N ARG A 49 4.02 0.98 1.25
CA ARG A 49 5.19 1.70 0.72
C ARG A 49 6.27 0.72 0.27
N PRO A 50 7.08 1.14 -0.70
CA PRO A 50 8.16 0.31 -1.25
C PRO A 50 9.30 0.13 -0.25
N SER A 51 9.66 -1.13 0.00
CA SER A 51 10.73 -1.45 0.93
C SER A 51 12.10 -1.29 0.26
N GLY A 52 13.10 -0.94 1.06
CA GLY A 52 14.44 -0.77 0.53
C GLY A 52 15.51 -1.28 1.47
N ASP A 53 16.14 -0.37 2.22
CA ASP A 53 17.19 -0.74 3.15
C ASP A 53 16.89 -2.10 3.79
N GLY A 54 15.67 -2.26 4.28
CA GLY A 54 15.28 -3.51 4.91
C GLY A 54 15.54 -4.71 4.01
N ALA A 55 14.82 -4.79 2.90
CA ALA A 55 14.99 -5.90 1.96
C ALA A 55 14.23 -5.64 0.67
N ASP A 56 14.37 -6.55 -0.29
CA ASP A 56 13.70 -6.42 -1.58
C ASP A 56 12.27 -6.91 -1.50
N GLY A 57 11.34 -5.97 -1.32
CA GLY A 57 9.93 -6.34 -1.23
C GLY A 57 9.04 -5.12 -1.03
N VAL A 58 8.02 -5.28 -0.19
CA VAL A 58 7.09 -4.19 0.09
C VAL A 58 6.76 -4.13 1.57
N SER A 59 6.66 -2.91 2.11
CA SER A 59 6.34 -2.71 3.52
C SER A 59 4.96 -2.09 3.68
N VAL A 60 4.40 -2.22 4.87
CA VAL A 60 3.08 -1.66 5.16
C VAL A 60 3.14 -0.69 6.34
N THR A 61 2.45 0.44 6.19
CA THR A 61 2.43 1.46 7.23
C THR A 61 1.00 1.71 7.72
N THR A 62 0.79 1.52 9.02
CA THR A 62 -0.52 1.73 9.61
C THR A 62 -0.44 2.66 10.83
N ARG A 63 -1.45 3.50 10.99
CA ARG A 63 -1.49 4.44 12.11
C ARG A 63 -2.47 3.95 13.18
N GLN A 64 -1.98 3.13 14.10
CA GLN A 64 -2.82 2.60 15.17
C GLN A 64 -2.39 3.18 16.53
N MET A 65 -3.36 3.70 17.28
CA MET A 65 -3.08 4.27 18.58
C MET A 65 -3.22 3.22 19.68
N HIS A 66 -2.28 3.21 20.62
CA HIS A 66 -2.29 2.25 21.71
C HIS A 66 -2.12 2.97 23.05
N ASN A 67 -2.54 2.30 24.13
CA ASN A 67 -2.43 2.87 25.47
C ASN A 67 -2.81 4.34 25.46
N GLY A 68 -3.75 4.71 24.59
CA GLY A 68 -4.19 6.10 24.50
C GLY A 68 -3.07 7.03 24.11
N THR A 69 -2.24 6.60 23.16
CA THR A 69 -1.13 7.40 22.69
C THR A 69 -0.94 7.27 21.19
N HIS A 70 -0.42 8.32 20.56
CA HIS A 70 -0.20 8.32 19.12
C HIS A 70 1.10 7.60 18.78
N VAL A 71 0.99 6.43 18.17
CA VAL A 71 2.16 5.64 17.79
C VAL A 71 1.96 4.99 16.43
N VAL A 72 3.00 5.07 15.59
CA VAL A 72 2.93 4.49 14.25
C VAL A 72 3.77 3.21 14.17
N ARG A 73 3.22 2.21 13.49
CA ARG A 73 3.91 0.92 13.34
C ARG A 73 4.21 0.63 11.87
N HIS A 74 5.29 -0.10 11.62
CA HIS A 74 5.68 -0.44 10.26
C HIS A 74 5.90 -1.94 10.12
N TYR A 75 5.32 -2.53 9.08
CA TYR A 75 5.45 -3.96 8.84
C TYR A 75 6.34 -4.23 7.63
N LYS A 76 6.82 -5.47 7.52
CA LYS A 76 7.69 -5.86 6.43
C LYS A 76 7.18 -7.14 5.77
N VAL A 77 7.51 -7.31 4.49
CA VAL A 77 7.09 -8.49 3.74
C VAL A 77 8.27 -9.13 3.02
N LYS A 78 8.54 -10.39 3.34
CA LYS A 78 9.64 -11.12 2.72
C LYS A 78 9.19 -11.78 1.42
N ARG A 79 10.13 -11.96 0.49
CA ARG A 79 9.82 -12.57 -0.79
C ARG A 79 10.32 -14.02 -0.83
N GLU A 80 9.38 -14.96 -0.91
CA GLU A 80 9.73 -16.37 -0.96
C GLU A 80 9.04 -17.07 -2.13
N GLY A 81 9.73 -17.14 -3.26
CA GLY A 81 9.17 -17.77 -4.43
C GLY A 81 8.20 -16.86 -5.19
N PRO A 82 7.30 -17.47 -5.97
CA PRO A 82 6.31 -16.73 -6.76
C PRO A 82 5.26 -16.07 -5.88
N LYS A 83 5.30 -16.36 -4.58
CA LYS A 83 4.35 -15.79 -3.64
C LYS A 83 5.06 -14.98 -2.56
N TYR A 84 4.31 -14.13 -1.87
CA TYR A 84 4.87 -13.30 -0.81
C TYR A 84 4.59 -13.90 0.55
N VAL A 85 5.33 -13.44 1.56
CA VAL A 85 5.16 -13.93 2.93
C VAL A 85 5.29 -12.79 3.94
N ILE A 86 4.18 -12.46 4.59
CA ILE A 86 4.17 -11.40 5.58
C ILE A 86 5.09 -11.72 6.74
N ASP A 87 5.65 -10.67 7.35
CA ASP A 87 6.55 -10.84 8.49
C ASP A 87 5.79 -10.77 9.80
N VAL A 88 4.73 -11.57 9.93
CA VAL A 88 3.92 -11.59 11.13
C VAL A 88 3.96 -12.95 11.80
N GLU A 89 3.24 -13.09 12.91
CA GLU A 89 3.21 -14.35 13.65
C GLU A 89 3.29 -15.54 12.70
N GLN A 90 2.33 -15.62 11.78
CA GLN A 90 2.29 -16.71 10.81
C GLN A 90 2.60 -16.19 9.40
N PRO A 91 3.39 -16.97 8.64
CA PRO A 91 3.78 -16.61 7.27
C PRO A 91 2.60 -16.70 6.31
N PHE A 92 1.83 -15.62 6.22
CA PHE A 92 0.69 -15.57 5.32
C PHE A 92 1.12 -15.52 3.86
N SER A 93 0.81 -16.57 3.12
CA SER A 93 1.19 -16.65 1.71
C SER A 93 0.05 -16.13 0.83
N CYS A 94 0.43 -15.43 -0.24
CA CYS A 94 -0.56 -14.88 -1.17
C CYS A 94 -0.04 -14.94 -2.60
N THR A 95 -0.95 -14.84 -3.56
CA THR A 95 -0.60 -14.89 -4.97
C THR A 95 -0.20 -13.51 -5.48
N SER A 96 -0.68 -12.47 -4.80
CA SER A 96 -0.37 -11.10 -5.19
C SER A 96 -0.51 -10.15 -3.99
N LEU A 97 0.05 -8.95 -4.13
CA LEU A 97 -0.02 -7.96 -3.06
C LEU A 97 -1.46 -7.68 -2.66
N ASP A 98 -2.32 -7.49 -3.66
CA ASP A 98 -3.73 -7.22 -3.41
C ASP A 98 -4.23 -8.02 -2.21
N ALA A 99 -3.98 -9.33 -2.23
CA ALA A 99 -4.40 -10.20 -1.14
C ALA A 99 -3.90 -9.68 0.20
N VAL A 100 -2.65 -9.24 0.24
CA VAL A 100 -2.06 -8.73 1.47
C VAL A 100 -3.01 -7.76 2.17
N VAL A 101 -3.47 -6.76 1.44
CA VAL A 101 -4.38 -5.76 1.99
C VAL A 101 -5.54 -6.43 2.72
N ASN A 102 -6.09 -7.48 2.12
CA ASN A 102 -7.20 -8.21 2.71
C ASN A 102 -6.77 -8.93 3.97
N TYR A 103 -5.63 -9.62 3.90
CA TYR A 103 -5.11 -10.36 5.04
C TYR A 103 -5.23 -9.54 6.32
N PHE A 104 -4.70 -8.32 6.29
CA PHE A 104 -4.74 -7.44 7.45
C PHE A 104 -6.18 -7.08 7.79
N VAL A 105 -6.91 -6.58 6.81
CA VAL A 105 -8.30 -6.18 7.02
C VAL A 105 -9.03 -7.19 7.90
N SER A 106 -8.92 -8.47 7.55
CA SER A 106 -9.58 -9.53 8.31
C SER A 106 -8.81 -9.81 9.60
N HIS A 107 -7.49 -9.88 9.50
CA HIS A 107 -6.65 -10.15 10.66
C HIS A 107 -7.10 -9.32 11.86
N THR A 108 -6.99 -7.99 11.74
CA THR A 108 -7.39 -7.09 12.81
C THR A 108 -8.88 -7.23 13.13
N LYS A 109 -9.25 -6.83 14.34
CA LYS A 109 -10.64 -6.92 14.76
C LYS A 109 -11.41 -5.64 14.39
N LYS A 110 -10.66 -4.56 14.19
CA LYS A 110 -11.27 -3.28 13.82
C LYS A 110 -11.35 -3.13 12.31
N ALA A 111 -12.19 -2.21 11.85
CA ALA A 111 -12.36 -1.96 10.44
C ALA A 111 -11.40 -0.88 9.95
N LEU A 112 -10.16 -1.27 9.69
CA LEU A 112 -9.14 -0.33 9.22
C LEU A 112 -9.54 0.26 7.87
N VAL A 113 -8.89 1.36 7.50
CA VAL A 113 -9.17 2.03 6.24
C VAL A 113 -7.90 2.17 5.39
N PRO A 114 -7.98 1.72 4.13
CA PRO A 114 -6.85 1.79 3.20
C PRO A 114 -6.52 3.22 2.78
N PHE A 115 -5.24 3.48 2.52
CA PHE A 115 -4.81 4.82 2.10
C PHE A 115 -4.79 4.93 0.58
N LEU A 116 -5.70 5.74 0.05
CA LEU A 116 -5.78 5.95 -1.40
C LEU A 116 -5.82 7.43 -1.74
N LEU A 117 -5.09 7.82 -2.79
CA LEU A 117 -5.06 9.20 -3.22
C LEU A 117 -5.26 9.31 -4.72
N ASP A 118 -6.45 9.76 -5.13
CA ASP A 118 -6.77 9.91 -6.54
C ASP A 118 -5.95 11.04 -7.16
N GLY A 1 -11.13 22.93 -45.30
CA GLY A 1 -9.77 22.73 -44.83
C GLY A 1 -9.71 22.15 -43.43
N SER A 2 -9.09 20.98 -43.31
CA SER A 2 -8.98 20.31 -42.03
C SER A 2 -7.81 19.33 -42.02
N SER A 3 -7.40 18.89 -40.84
CA SER A 3 -6.30 17.95 -40.70
C SER A 3 -6.29 17.32 -39.31
N GLY A 4 -5.85 16.06 -39.24
CA GLY A 4 -5.79 15.37 -37.97
C GLY A 4 -4.70 14.33 -37.92
N SER A 5 -5.09 13.06 -37.78
CA SER A 5 -4.13 11.96 -37.71
C SER A 5 -3.05 12.25 -36.67
N SER A 6 -3.47 12.72 -35.50
CA SER A 6 -2.55 13.03 -34.43
C SER A 6 -2.53 11.92 -33.38
N GLY A 7 -2.57 10.68 -33.85
CA GLY A 7 -2.56 9.54 -32.95
C GLY A 7 -3.73 8.60 -33.18
N GLU A 8 -3.66 7.84 -34.27
CA GLU A 8 -4.72 6.90 -34.60
C GLU A 8 -4.93 5.90 -33.48
N VAL A 9 -3.97 5.82 -32.56
CA VAL A 9 -4.05 4.91 -31.44
C VAL A 9 -3.46 5.53 -30.17
N LEU A 10 -4.28 5.66 -29.14
CA LEU A 10 -3.84 6.23 -27.87
C LEU A 10 -4.15 5.30 -26.71
N ALA A 11 -3.35 4.24 -26.57
CA ALA A 11 -3.54 3.27 -25.50
C ALA A 11 -2.47 3.44 -24.42
N LYS A 12 -1.62 4.46 -24.58
CA LYS A 12 -0.57 4.73 -23.63
C LYS A 12 -1.12 5.38 -22.36
N GLU A 13 -2.19 6.16 -22.53
CA GLU A 13 -2.82 6.84 -21.41
C GLU A 13 -3.44 5.84 -20.43
N GLU A 14 -4.29 4.97 -20.96
CA GLU A 14 -4.95 3.96 -20.14
C GLU A 14 -4.34 2.59 -20.37
N ALA A 15 -4.30 1.78 -19.33
CA ALA A 15 -3.74 0.43 -19.41
C ALA A 15 -4.03 -0.36 -18.14
N ARG A 16 -4.33 -1.65 -18.30
CA ARG A 16 -4.62 -2.52 -17.17
C ARG A 16 -3.34 -3.14 -16.62
N ARG A 17 -2.23 -2.44 -16.79
CA ARG A 17 -0.93 -2.93 -16.31
C ARG A 17 -0.71 -2.54 -14.85
N ALA A 18 -1.76 -2.67 -14.05
CA ALA A 18 -1.68 -2.33 -12.63
C ALA A 18 -2.11 -3.50 -11.76
N LEU A 19 -1.49 -4.65 -11.96
CA LEU A 19 -1.82 -5.85 -11.20
C LEU A 19 -0.63 -6.31 -10.36
N GLU A 20 0.44 -5.51 -10.38
CA GLU A 20 1.65 -5.83 -9.62
C GLU A 20 1.49 -5.39 -8.16
N THR A 21 0.79 -4.27 -7.96
CA THR A 21 0.58 -3.74 -6.62
C THR A 21 -0.80 -3.12 -6.48
N PRO A 22 -1.33 -3.12 -5.25
CA PRO A 22 -2.66 -2.57 -4.96
C PRO A 22 -2.69 -1.04 -5.09
N SER A 23 -3.80 -0.52 -5.58
CA SER A 23 -3.95 0.92 -5.75
C SER A 23 -3.44 1.68 -4.53
N CYS A 24 -3.94 1.30 -3.36
CA CYS A 24 -3.53 1.93 -2.10
C CYS A 24 -2.03 2.15 -2.08
N PHE A 25 -1.28 1.19 -2.59
CA PHE A 25 0.17 1.29 -2.62
C PHE A 25 0.62 2.66 -3.13
N LEU A 26 1.77 3.11 -2.66
CA LEU A 26 2.31 4.40 -3.08
C LEU A 26 3.83 4.41 -2.99
N LYS A 27 4.47 5.28 -3.77
CA LYS A 27 5.92 5.40 -3.78
C LYS A 27 6.38 6.59 -2.96
N VAL A 28 6.90 6.33 -1.77
CA VAL A 28 7.38 7.39 -0.89
C VAL A 28 8.57 6.93 -0.07
N SER A 29 9.16 7.85 0.69
CA SER A 29 10.32 7.54 1.52
C SER A 29 9.89 6.89 2.83
N ARG A 30 10.86 6.63 3.70
CA ARG A 30 10.58 6.01 4.99
C ARG A 30 9.81 6.96 5.90
N LEU A 31 10.32 8.18 6.02
CA LEU A 31 9.69 9.19 6.86
C LEU A 31 8.43 9.73 6.21
N GLU A 32 8.48 9.92 4.89
CA GLU A 32 7.34 10.44 4.14
C GLU A 32 6.09 9.65 4.46
N ALA A 33 6.08 8.36 4.12
CA ALA A 33 4.94 7.49 4.37
C ALA A 33 4.32 7.79 5.73
N GLN A 34 5.16 8.03 6.73
CA GLN A 34 4.69 8.32 8.07
C GLN A 34 3.81 9.57 8.08
N LEU A 35 4.44 10.73 7.87
CA LEU A 35 3.72 12.00 7.84
C LEU A 35 2.52 11.93 6.90
N LEU A 36 2.67 11.20 5.81
CA LEU A 36 1.60 11.04 4.83
C LEU A 36 0.29 10.65 5.51
N LEU A 37 0.41 10.02 6.68
CA LEU A 37 -0.76 9.59 7.43
C LEU A 37 -1.49 10.79 8.03
N GLU A 38 -0.83 11.50 8.94
CA GLU A 38 -1.41 12.66 9.59
C GLU A 38 -1.81 13.71 8.56
N ARG A 39 -1.07 13.76 7.45
CA ARG A 39 -1.33 14.71 6.39
C ARG A 39 -2.69 14.45 5.75
N TYR A 40 -2.91 13.19 5.34
CA TYR A 40 -4.17 12.81 4.71
C TYR A 40 -4.80 11.63 5.44
N PRO A 41 -5.36 11.90 6.62
CA PRO A 41 -6.01 10.88 7.45
C PRO A 41 -7.32 10.39 6.83
N GLU A 42 -8.05 11.31 6.21
CA GLU A 42 -9.32 10.98 5.57
C GLU A 42 -9.12 9.99 4.43
N CYS A 43 -7.93 10.03 3.83
CA CYS A 43 -7.61 9.14 2.72
C CYS A 43 -7.06 7.82 3.21
N GLY A 44 -7.58 7.35 4.35
CA GLY A 44 -7.13 6.10 4.92
C GLY A 44 -5.83 6.24 5.67
N ASN A 45 -5.36 5.14 6.26
CA ASN A 45 -4.11 5.15 7.02
C ASN A 45 -3.20 4.02 6.58
N LEU A 46 -3.78 2.83 6.41
CA LEU A 46 -3.02 1.66 5.99
C LEU A 46 -2.32 1.91 4.66
N LEU A 47 -1.11 2.43 4.72
CA LEU A 47 -0.34 2.71 3.51
C LEU A 47 0.88 1.79 3.41
N LEU A 48 1.11 1.25 2.21
CA LEU A 48 2.23 0.36 1.98
C LEU A 48 3.41 1.11 1.38
N ARG A 49 4.55 1.07 2.07
CA ARG A 49 5.76 1.74 1.61
C ARG A 49 6.85 0.74 1.26
N PRO A 50 7.57 1.00 0.16
CA PRO A 50 8.65 0.13 -0.30
C PRO A 50 9.86 0.17 0.63
N SER A 51 10.63 -0.91 0.64
CA SER A 51 11.82 -1.00 1.48
C SER A 51 12.66 0.26 1.36
N GLY A 52 12.86 0.72 0.13
CA GLY A 52 13.65 1.92 -0.10
C GLY A 52 15.08 1.60 -0.50
N ASP A 53 15.61 0.50 0.02
CA ASP A 53 16.97 0.10 -0.29
C ASP A 53 17.01 -0.82 -1.51
N GLY A 54 16.31 -0.40 -2.57
CA GLY A 54 16.27 -1.21 -3.78
C GLY A 54 16.11 -2.69 -3.49
N ALA A 55 14.87 -3.12 -3.29
CA ALA A 55 14.58 -4.52 -3.01
C ALA A 55 13.17 -4.89 -3.45
N ASP A 56 12.86 -6.18 -3.38
CA ASP A 56 11.54 -6.66 -3.78
C ASP A 56 10.56 -6.58 -2.63
N GLY A 57 10.96 -7.09 -1.46
CA GLY A 57 10.10 -7.07 -0.30
C GLY A 57 9.55 -5.68 -0.02
N VAL A 58 8.42 -5.63 0.70
CA VAL A 58 7.79 -4.36 1.03
C VAL A 58 7.29 -4.36 2.46
N SER A 59 7.08 -3.17 3.01
CA SER A 59 6.59 -3.03 4.38
C SER A 59 5.27 -2.28 4.42
N VAL A 60 4.55 -2.41 5.53
CA VAL A 60 3.26 -1.74 5.70
C VAL A 60 3.28 -0.80 6.90
N THR A 61 2.79 0.42 6.68
CA THR A 61 2.75 1.41 7.75
C THR A 61 1.32 1.69 8.19
N THR A 62 1.02 1.33 9.44
CA THR A 62 -0.32 1.53 10.00
C THR A 62 -0.26 2.27 11.33
N ARG A 63 -1.03 3.34 11.45
CA ARG A 63 -1.06 4.13 12.67
C ARG A 63 -2.48 4.16 13.26
N GLN A 64 -2.66 3.44 14.37
CA GLN A 64 -3.95 3.39 15.03
C GLN A 64 -3.88 4.01 16.42
N MET A 65 -5.02 4.51 16.91
CA MET A 65 -5.08 5.12 18.22
C MET A 65 -5.24 4.07 19.31
N HIS A 66 -4.17 3.83 20.07
CA HIS A 66 -4.19 2.85 21.14
C HIS A 66 -3.82 3.50 22.48
N ASN A 67 -4.44 3.02 23.56
CA ASN A 67 -4.17 3.54 24.89
C ASN A 67 -4.04 5.07 24.86
N GLY A 68 -4.95 5.71 24.12
CA GLY A 68 -4.93 7.16 24.02
C GLY A 68 -3.53 7.70 23.81
N THR A 69 -2.75 7.03 22.96
CA THR A 69 -1.39 7.45 22.68
C THR A 69 -1.06 7.29 21.19
N HIS A 70 0.03 7.92 20.76
CA HIS A 70 0.45 7.85 19.37
C HIS A 70 1.50 6.76 19.18
N VAL A 71 1.18 5.76 18.37
CA VAL A 71 2.10 4.65 18.11
C VAL A 71 2.10 4.28 16.63
N VAL A 72 3.30 4.10 16.07
CA VAL A 72 3.43 3.74 14.67
C VAL A 72 4.13 2.40 14.50
N ARG A 73 3.41 1.42 13.96
CA ARG A 73 3.97 0.08 13.76
C ARG A 73 4.30 -0.15 12.29
N HIS A 74 5.34 -0.92 12.04
CA HIS A 74 5.77 -1.22 10.69
C HIS A 74 5.87 -2.73 10.46
N TYR A 75 5.01 -3.26 9.60
CA TYR A 75 5.01 -4.69 9.30
C TYR A 75 5.95 -5.02 8.15
N LYS A 76 6.75 -6.06 8.33
CA LYS A 76 7.70 -6.48 7.32
C LYS A 76 7.16 -7.66 6.51
N VAL A 77 7.59 -7.76 5.26
CA VAL A 77 7.15 -8.85 4.39
C VAL A 77 8.34 -9.55 3.74
N LYS A 78 8.29 -10.87 3.70
CA LYS A 78 9.36 -11.66 3.09
C LYS A 78 9.06 -11.97 1.63
N ARG A 79 10.11 -12.15 0.83
CA ARG A 79 9.95 -12.45 -0.58
C ARG A 79 10.38 -13.89 -0.89
N GLU A 80 9.39 -14.76 -1.06
CA GLU A 80 9.66 -16.16 -1.35
C GLU A 80 8.96 -16.59 -2.64
N GLY A 81 9.69 -16.56 -3.75
CA GLY A 81 9.13 -16.95 -5.02
C GLY A 81 8.09 -15.95 -5.52
N PRO A 82 7.14 -16.44 -6.34
CA PRO A 82 6.08 -15.60 -6.90
C PRO A 82 5.08 -15.14 -5.84
N LYS A 83 5.24 -15.65 -4.62
CA LYS A 83 4.35 -15.29 -3.52
C LYS A 83 5.08 -14.44 -2.50
N TYR A 84 4.32 -13.73 -1.67
CA TYR A 84 4.91 -12.88 -0.64
C TYR A 84 4.47 -13.32 0.75
N VAL A 85 5.37 -13.98 1.46
CA VAL A 85 5.08 -14.46 2.81
C VAL A 85 5.25 -13.36 3.85
N ILE A 86 4.13 -12.90 4.40
CA ILE A 86 4.15 -11.83 5.39
C ILE A 86 5.12 -12.17 6.53
N ASP A 87 5.72 -11.14 7.10
CA ASP A 87 6.66 -11.32 8.20
C ASP A 87 5.96 -11.17 9.55
N VAL A 88 4.81 -11.80 9.69
CA VAL A 88 4.04 -11.74 10.92
C VAL A 88 4.08 -13.05 11.67
N GLU A 89 3.47 -13.08 12.85
CA GLU A 89 3.43 -14.30 13.67
C GLU A 89 3.35 -15.54 12.79
N GLN A 90 2.42 -15.52 11.83
CA GLN A 90 2.23 -16.66 10.92
C GLN A 90 2.54 -16.25 9.50
N PRO A 91 3.33 -17.09 8.80
CA PRO A 91 3.71 -16.84 7.41
C PRO A 91 2.54 -17.00 6.45
N PHE A 92 1.79 -15.91 6.26
CA PHE A 92 0.63 -15.92 5.36
C PHE A 92 1.08 -15.88 3.90
N SER A 93 1.04 -17.03 3.24
CA SER A 93 1.44 -17.11 1.84
C SER A 93 0.27 -16.80 0.91
N CYS A 94 0.45 -15.78 0.07
CA CYS A 94 -0.60 -15.38 -0.87
C CYS A 94 -0.08 -15.40 -2.30
N THR A 95 -0.93 -15.00 -3.24
CA THR A 95 -0.57 -14.98 -4.65
C THR A 95 0.10 -13.66 -5.02
N SER A 96 -0.46 -12.55 -4.53
CA SER A 96 0.09 -11.24 -4.81
C SER A 96 -0.18 -10.28 -3.65
N LEU A 97 0.29 -9.05 -3.78
CA LEU A 97 0.11 -8.03 -2.75
C LEU A 97 -1.38 -7.82 -2.46
N ASP A 98 -2.18 -7.80 -3.51
CA ASP A 98 -3.62 -7.60 -3.37
C ASP A 98 -4.14 -8.35 -2.14
N ALA A 99 -3.94 -9.67 -2.12
CA ALA A 99 -4.38 -10.49 -1.02
C ALA A 99 -3.96 -9.89 0.33
N VAL A 100 -2.66 -9.69 0.49
CA VAL A 100 -2.13 -9.12 1.72
C VAL A 100 -3.04 -8.03 2.27
N VAL A 101 -3.33 -7.04 1.44
CA VAL A 101 -4.20 -5.94 1.84
C VAL A 101 -5.42 -6.45 2.58
N ASN A 102 -6.08 -7.45 2.02
CA ASN A 102 -7.27 -8.03 2.63
C ASN A 102 -6.92 -8.73 3.95
N TYR A 103 -5.78 -9.41 3.96
CA TYR A 103 -5.34 -10.12 5.15
C TYR A 103 -5.32 -9.20 6.36
N PHE A 104 -4.70 -8.04 6.21
CA PHE A 104 -4.61 -7.07 7.30
C PHE A 104 -6.00 -6.63 7.75
N VAL A 105 -6.84 -6.29 6.77
CA VAL A 105 -8.21 -5.86 7.07
C VAL A 105 -8.89 -6.80 8.07
N SER A 106 -8.99 -8.07 7.69
CA SER A 106 -9.61 -9.06 8.55
C SER A 106 -8.86 -9.20 9.87
N HIS A 107 -7.56 -9.47 9.78
CA HIS A 107 -6.72 -9.62 10.96
C HIS A 107 -7.05 -8.55 12.00
N THR A 108 -6.99 -7.29 11.58
CA THR A 108 -7.28 -6.17 12.47
C THR A 108 -8.70 -6.25 13.01
N LYS A 109 -8.84 -6.12 14.32
CA LYS A 109 -10.15 -6.16 14.96
C LYS A 109 -11.21 -5.50 14.09
N LYS A 110 -11.00 -4.23 13.79
CA LYS A 110 -11.94 -3.47 12.96
C LYS A 110 -11.37 -3.27 11.56
N ALA A 111 -12.23 -3.45 10.55
CA ALA A 111 -11.82 -3.29 9.16
C ALA A 111 -11.20 -1.91 8.94
N LEU A 112 -9.88 -1.86 8.83
CA LEU A 112 -9.17 -0.60 8.61
C LEU A 112 -9.31 -0.15 7.16
N VAL A 113 -9.04 1.13 6.93
CA VAL A 113 -9.13 1.70 5.59
C VAL A 113 -7.74 1.89 4.97
N PRO A 114 -7.60 1.46 3.71
CA PRO A 114 -6.33 1.57 2.97
C PRO A 114 -5.99 3.01 2.63
N PHE A 115 -4.69 3.28 2.46
CA PHE A 115 -4.22 4.61 2.14
C PHE A 115 -3.97 4.75 0.63
N LEU A 116 -4.75 5.60 -0.01
CA LEU A 116 -4.62 5.83 -1.44
C LEU A 116 -4.54 7.33 -1.76
N LEU A 117 -3.58 7.70 -2.60
CA LEU A 117 -3.40 9.09 -2.98
C LEU A 117 -3.13 9.21 -4.48
N ASP A 118 -4.10 9.75 -5.21
CA ASP A 118 -3.95 9.92 -6.65
C ASP A 118 -2.76 10.81 -6.98
#